data_8ZW8
#
_entry.id   8ZW8
#
_cell.length_a   1.00
_cell.length_b   1.00
_cell.length_c   1.00
_cell.angle_alpha   90.00
_cell.angle_beta   90.00
_cell.angle_gamma   90.00
#
_symmetry.space_group_name_H-M   'P 1'
#
_entity_poly.entity_id   1
_entity_poly.type   'polypeptide(L)'
_entity_poly.pdbx_seq_one_letter_code
;MFKKLLDNKNLVINPPVFITSILLIVALILTCVLFPEKVGVWFPAAQLAVTSNFGWFFVVTVNVILIFAIYLAFSKFGRI
RLGGDDAEPEFTKASWFAMLFSTGMGIGIMFFSIAEPVSHFFNTPRPVDTDIEAAVQAMQFTSLHWGLHAWGIYAMVGLA
LAFFGFNRKLPMTFRSLFYPFWGERIHGWWGHIIDILSALATVFGLSTSLGLGVIQITAGLEYLYGWEISPMMQAGIILF
VIGIATISVFSGLDKGVKILSNANMYIAASFMLLIFILGPTLFIMKGYVENTGAYLANFIDISTWNDTYLGSGWQNVWTI
FYWAWWIAWSPFVGSFIARISKGRTVKEFVLGVLIVPGLITLLWMNVFGGSALHTILSGDVTMIAAVKADVSTALFVFLE
NFPFTKFLSIVAIILIFSFFITSSDSGSLVVDNITSGSNGESPVWQRVFWSFAQGIIAIVLLWGGGLDALQTAVIITGLP
FAVILLVMCYSLQKGLKEELAKSSKKAKSKEEKSYKEIIAELLDEPQSKHHHHHHHHHH
;
_entity_poly.pdbx_strand_id   A,B,C
#
# COMPACT_ATOMS: atom_id res chain seq x y z
N ASN A 10 9.45 -55.53 4.06
CA ASN A 10 10.83 -55.72 3.63
C ASN A 10 11.19 -54.76 2.50
N LEU A 11 10.38 -54.75 1.45
CA LEU A 11 10.60 -53.91 0.29
C LEU A 11 9.31 -53.24 -0.16
N VAL A 12 8.56 -52.69 0.79
CA VAL A 12 7.34 -51.98 0.46
C VAL A 12 7.72 -50.65 -0.19
N ILE A 13 7.61 -50.59 -1.51
CA ILE A 13 8.07 -49.46 -2.31
C ILE A 13 7.01 -49.12 -3.34
N ASN A 14 7.22 -48.01 -4.04
CA ASN A 14 6.47 -47.67 -5.25
C ASN A 14 7.44 -47.74 -6.42
N PRO A 15 7.44 -48.82 -7.19
CA PRO A 15 8.52 -49.05 -8.17
C PRO A 15 8.70 -47.90 -9.15
N PRO A 16 7.64 -47.42 -9.84
CA PRO A 16 7.88 -46.39 -10.86
C PRO A 16 8.44 -45.09 -10.30
N VAL A 17 8.32 -44.84 -9.01
CA VAL A 17 8.92 -43.68 -8.37
C VAL A 17 10.27 -44.01 -7.75
N PHE A 18 10.35 -45.10 -7.00
CA PHE A 18 11.58 -45.46 -6.32
C PHE A 18 12.70 -45.73 -7.32
N ILE A 19 12.45 -46.60 -8.31
CA ILE A 19 13.51 -46.96 -9.24
C ILE A 19 13.87 -45.78 -10.14
N THR A 20 12.88 -44.95 -10.49
CA THR A 20 13.18 -43.79 -11.33
C THR A 20 14.03 -42.78 -10.58
N SER A 21 13.70 -42.49 -9.33
CA SER A 21 14.51 -41.56 -8.54
C SER A 21 15.91 -42.10 -8.31
N ILE A 22 16.02 -43.39 -8.01
CA ILE A 22 17.33 -43.99 -7.81
C ILE A 22 18.16 -43.91 -9.09
N LEU A 23 17.56 -44.25 -10.23
CA LEU A 23 18.29 -44.21 -11.49
C LEU A 23 18.73 -42.79 -11.84
N LEU A 24 17.84 -41.80 -11.64
CA LEU A 24 18.21 -40.43 -11.97
C LEU A 24 19.31 -39.91 -11.06
N ILE A 25 19.22 -40.21 -9.76
CA ILE A 25 20.26 -39.78 -8.82
C ILE A 25 21.59 -40.44 -9.15
N VAL A 26 21.55 -41.74 -9.47
CA VAL A 26 22.78 -42.46 -9.81
C VAL A 26 23.39 -41.89 -11.09
N ALA A 27 22.54 -41.59 -12.08
CA ALA A 27 23.05 -41.01 -13.32
C ALA A 27 23.69 -39.65 -13.08
N LEU A 28 23.06 -38.82 -12.25
CA LEU A 28 23.65 -37.52 -11.93
C LEU A 28 24.98 -37.69 -11.20
N ILE A 29 25.04 -38.64 -10.25
CA ILE A 29 26.28 -38.87 -9.51
C ILE A 29 27.39 -39.33 -10.44
N LEU A 30 27.07 -40.26 -11.34
CA LEU A 30 28.07 -40.74 -12.30
C LEU A 30 28.53 -39.61 -13.22
N THR A 31 27.60 -38.79 -13.70
CA THR A 31 27.96 -37.68 -14.58
C THR A 31 28.88 -36.70 -13.86
N CYS A 32 28.59 -36.39 -12.60
CA CYS A 32 29.40 -35.44 -11.85
C CYS A 32 30.69 -36.04 -11.31
N VAL A 33 30.82 -37.38 -11.29
CA VAL A 33 32.01 -38.00 -10.74
C VAL A 33 32.99 -38.53 -11.79
N LEU A 34 32.52 -38.80 -13.02
CA LEU A 34 33.42 -39.30 -14.05
C LEU A 34 33.37 -38.49 -15.35
N PHE A 35 32.69 -37.33 -15.36
CA PHE A 35 32.95 -36.25 -16.32
C PHE A 35 33.23 -34.98 -15.55
N PRO A 36 34.41 -34.87 -14.90
CA PRO A 36 34.69 -33.69 -14.07
C PRO A 36 34.60 -32.37 -14.83
N GLU A 37 35.39 -32.24 -15.89
CA GLU A 37 35.43 -30.99 -16.64
C GLU A 37 34.10 -30.71 -17.32
N LYS A 38 33.49 -31.74 -17.92
CA LYS A 38 32.22 -31.55 -18.63
C LYS A 38 31.13 -31.09 -17.66
N VAL A 39 31.06 -31.71 -16.48
CA VAL A 39 30.03 -31.33 -15.53
C VAL A 39 30.30 -29.93 -14.98
N GLY A 40 31.57 -29.62 -14.71
CA GLY A 40 31.91 -28.31 -14.18
C GLY A 40 31.73 -27.18 -15.18
N VAL A 41 31.73 -27.50 -16.47
CA VAL A 41 31.45 -26.49 -17.49
C VAL A 41 29.95 -26.39 -17.77
N TRP A 42 29.23 -27.52 -17.76
CA TRP A 42 27.82 -27.50 -18.14
C TRP A 42 26.93 -26.99 -17.01
N PHE A 43 27.24 -27.32 -15.76
CA PHE A 43 26.36 -26.90 -14.65
C PHE A 43 26.20 -25.39 -14.53
N PRO A 44 27.26 -24.57 -14.46
CA PRO A 44 27.02 -23.14 -14.28
C PRO A 44 26.42 -22.47 -15.51
N ALA A 45 26.77 -22.94 -16.71
CA ALA A 45 26.12 -22.41 -17.91
C ALA A 45 24.63 -22.72 -17.92
N ALA A 46 24.26 -23.96 -17.56
CA ALA A 46 22.85 -24.32 -17.51
C ALA A 46 22.10 -23.52 -16.45
N GLN A 47 22.71 -23.36 -15.27
CA GLN A 47 22.05 -22.59 -14.22
C GLN A 47 21.87 -21.14 -14.64
N LEU A 48 22.91 -20.54 -15.26
CA LEU A 48 22.80 -19.16 -15.71
C LEU A 48 21.72 -19.02 -16.77
N ALA A 49 21.67 -19.95 -17.73
CA ALA A 49 20.65 -19.88 -18.76
C ALA A 49 19.25 -19.97 -18.17
N VAL A 50 19.04 -20.93 -17.27
CA VAL A 50 17.72 -21.12 -16.68
C VAL A 50 17.31 -19.89 -15.87
N THR A 51 18.21 -19.38 -15.03
CA THR A 51 17.85 -18.24 -14.19
C THR A 51 17.63 -16.99 -15.02
N SER A 52 18.46 -16.74 -16.04
CA SER A 52 18.29 -15.57 -16.87
C SER A 52 16.98 -15.64 -17.65
N ASN A 53 16.62 -16.83 -18.14
CA ASN A 53 15.40 -16.94 -18.94
C ASN A 53 14.14 -16.94 -18.10
N PHE A 54 14.20 -17.42 -16.85
CA PHE A 54 12.97 -17.62 -16.09
C PHE A 54 12.99 -16.94 -14.71
N GLY A 55 13.81 -15.91 -14.52
CA GLY A 55 13.71 -15.11 -13.32
C GLY A 55 12.36 -14.44 -13.19
N TRP A 56 11.82 -13.94 -14.30
CA TRP A 56 10.48 -13.37 -14.30
C TRP A 56 9.45 -14.41 -13.87
N PHE A 57 9.60 -15.65 -14.34
CA PHE A 57 8.65 -16.70 -13.97
C PHE A 57 8.76 -17.04 -12.48
N PHE A 58 9.98 -17.12 -11.96
CA PHE A 58 10.15 -17.39 -10.53
C PHE A 58 9.53 -16.27 -9.69
N VAL A 59 9.76 -15.01 -10.08
CA VAL A 59 9.21 -13.88 -9.36
C VAL A 59 7.69 -13.91 -9.40
N VAL A 60 7.12 -14.15 -10.58
CA VAL A 60 5.67 -14.22 -10.72
C VAL A 60 5.11 -15.36 -9.89
N THR A 61 5.79 -16.50 -9.89
CA THR A 61 5.31 -17.66 -9.13
C THR A 61 5.27 -17.37 -7.64
N VAL A 62 6.34 -16.80 -7.10
CA VAL A 62 6.37 -16.55 -5.65
C VAL A 62 5.34 -15.47 -5.28
N ASN A 63 5.22 -14.42 -6.10
CA ASN A 63 4.21 -13.41 -5.82
C ASN A 63 2.80 -13.98 -5.87
N VAL A 64 2.52 -14.82 -6.86
CA VAL A 64 1.18 -15.40 -7.00
C VAL A 64 0.89 -16.32 -5.84
N ILE A 65 1.87 -17.13 -5.41
CA ILE A 65 1.66 -18.02 -4.27
C ILE A 65 1.39 -17.21 -3.01
N LEU A 66 2.15 -16.15 -2.77
CA LEU A 66 1.92 -15.33 -1.58
C LEU A 66 0.55 -14.65 -1.63
N ILE A 67 0.16 -14.11 -2.79
CA ILE A 67 -1.14 -13.46 -2.91
C ILE A 67 -2.25 -14.46 -2.71
N PHE A 68 -2.09 -15.68 -3.23
CA PHE A 68 -3.07 -16.73 -3.05
C PHE A 68 -3.19 -17.13 -1.59
N ALA A 69 -2.06 -17.21 -0.88
CA ALA A 69 -2.10 -17.50 0.55
C ALA A 69 -2.85 -16.42 1.31
N ILE A 70 -2.57 -15.15 1.00
CA ILE A 70 -3.27 -14.05 1.64
C ILE A 70 -4.76 -14.12 1.36
N TYR A 71 -5.13 -14.41 0.10
CA TYR A 71 -6.53 -14.51 -0.28
C TYR A 71 -7.22 -15.65 0.46
N LEU A 72 -6.58 -16.81 0.55
CA LEU A 72 -7.18 -17.94 1.25
C LEU A 72 -7.33 -17.64 2.73
N ALA A 73 -6.39 -16.90 3.32
CA ALA A 73 -6.50 -16.56 4.73
C ALA A 73 -7.70 -15.64 4.99
N PHE A 74 -7.94 -14.70 4.09
CA PHE A 74 -8.94 -13.65 4.31
C PHE A 74 -10.14 -13.79 3.38
N SER A 75 -10.60 -15.03 3.16
CA SER A 75 -11.80 -15.29 2.38
C SER A 75 -12.67 -16.29 3.12
N LYS A 76 -13.76 -16.70 2.47
CA LYS A 76 -14.65 -17.68 3.07
C LYS A 76 -13.99 -19.05 3.20
N PHE A 77 -12.90 -19.27 2.44
CA PHE A 77 -12.17 -20.52 2.56
C PHE A 77 -11.41 -20.63 3.87
N GLY A 78 -11.19 -19.51 4.56
CA GLY A 78 -10.47 -19.53 5.82
C GLY A 78 -11.26 -20.09 6.98
N ARG A 79 -12.56 -20.29 6.82
CA ARG A 79 -13.39 -20.86 7.86
C ARG A 79 -13.32 -22.38 7.91
N ILE A 80 -12.77 -23.02 6.88
CA ILE A 80 -12.66 -24.47 6.86
C ILE A 80 -11.60 -24.90 7.87
N ARG A 81 -11.95 -25.88 8.70
CA ARG A 81 -11.05 -26.38 9.74
C ARG A 81 -10.38 -27.65 9.25
N LEU A 82 -9.05 -27.67 9.31
CA LEU A 82 -8.30 -28.83 8.85
C LEU A 82 -8.60 -30.04 9.73
N GLY A 83 -8.73 -31.20 9.10
CA GLY A 83 -9.05 -32.42 9.80
C GLY A 83 -10.52 -32.62 10.09
N GLY A 84 -11.39 -31.75 9.59
CA GLY A 84 -12.81 -31.86 9.82
C GLY A 84 -13.29 -30.90 10.91
N ASP A 85 -14.59 -30.65 10.91
CA ASP A 85 -15.18 -29.77 11.91
C ASP A 85 -15.04 -30.34 13.32
N ASP A 86 -15.23 -31.64 13.48
CA ASP A 86 -15.12 -32.28 14.79
C ASP A 86 -13.68 -32.69 15.09
N ALA A 87 -12.76 -31.73 14.98
CA ALA A 87 -11.35 -31.94 15.28
C ALA A 87 -10.84 -30.77 16.11
N GLU A 88 -9.86 -31.06 16.97
CA GLU A 88 -9.27 -30.05 17.83
C GLU A 88 -7.77 -30.08 17.71
N PRO A 89 -7.10 -28.94 17.91
CA PRO A 89 -5.64 -28.91 17.85
C PRO A 89 -5.02 -29.79 18.93
N GLU A 90 -3.90 -30.43 18.57
CA GLU A 90 -3.15 -31.23 19.52
C GLU A 90 -2.15 -30.42 20.32
N PHE A 91 -1.91 -29.17 19.94
CA PHE A 91 -0.98 -28.28 20.63
C PHE A 91 -1.61 -26.91 20.81
N THR A 92 -1.14 -26.19 21.83
CA THR A 92 -1.56 -24.81 22.02
C THR A 92 -0.92 -23.91 20.97
N LYS A 93 -1.39 -22.67 20.90
CA LYS A 93 -0.91 -21.73 19.90
C LYS A 93 0.58 -21.45 20.07
N ALA A 94 1.04 -21.30 21.31
CA ALA A 94 2.45 -21.02 21.58
C ALA A 94 3.33 -22.19 21.11
N SER A 95 2.95 -23.41 21.47
CA SER A 95 3.70 -24.58 21.03
C SER A 95 3.65 -24.74 19.51
N TRP A 96 2.49 -24.49 18.90
CA TRP A 96 2.37 -24.57 17.45
C TRP A 96 3.29 -23.57 16.76
N PHE A 97 3.33 -22.33 17.27
CA PHE A 97 4.20 -21.31 16.70
C PHE A 97 5.67 -21.67 16.88
N ALA A 98 6.01 -22.22 18.05
CA ALA A 98 7.37 -22.65 18.32
C ALA A 98 7.80 -23.72 17.32
N MET A 99 6.92 -24.70 17.09
CA MET A 99 7.26 -25.76 16.14
C MET A 99 7.32 -25.22 14.72
N LEU A 100 6.45 -24.25 14.38
CA LEU A 100 6.51 -23.64 13.05
C LEU A 100 7.84 -22.95 12.82
N PHE A 101 8.32 -22.19 13.81
CA PHE A 101 9.63 -21.56 13.67
C PHE A 101 10.74 -22.61 13.67
N SER A 102 10.55 -23.71 14.39
CA SER A 102 11.52 -24.81 14.34
C SER A 102 11.63 -25.39 12.94
N THR A 103 10.51 -25.44 12.20
CA THR A 103 10.55 -25.96 10.84
C THR A 103 11.37 -25.08 9.91
N GLY A 104 11.52 -23.80 10.25
CA GLY A 104 12.30 -22.91 9.42
C GLY A 104 12.81 -21.67 10.13
N MET A 105 14.11 -21.41 10.02
CA MET A 105 15.00 -22.23 9.21
C MET A 105 16.26 -22.51 10.01
N GLY A 106 16.84 -23.70 9.82
CA GLY A 106 17.94 -24.12 10.67
C GLY A 106 19.33 -23.77 10.16
N ILE A 107 19.65 -24.19 8.94
CA ILE A 107 20.99 -24.04 8.42
C ILE A 107 21.11 -22.83 7.51
N GLY A 108 20.10 -22.59 6.67
CA GLY A 108 20.13 -21.41 5.81
C GLY A 108 20.19 -20.12 6.60
N ILE A 109 19.38 -20.02 7.67
CA ILE A 109 19.44 -18.84 8.53
C ILE A 109 20.82 -18.66 9.10
N MET A 110 21.37 -19.71 9.72
CA MET A 110 22.64 -19.61 10.40
C MET A 110 23.79 -19.37 9.43
N PHE A 111 23.61 -19.69 8.15
CA PHE A 111 24.64 -19.49 7.14
C PHE A 111 24.56 -18.10 6.51
N PHE A 112 23.35 -17.58 6.30
CA PHE A 112 23.18 -16.38 5.49
C PHE A 112 22.86 -15.13 6.31
N SER A 113 22.47 -15.26 7.58
CA SER A 113 22.01 -14.11 8.35
C SER A 113 23.04 -12.99 8.43
N ILE A 114 24.32 -13.31 8.27
CA ILE A 114 25.37 -12.30 8.25
C ILE A 114 26.01 -12.16 6.87
N ALA A 115 26.16 -13.26 6.12
CA ALA A 115 26.81 -13.19 4.82
C ALA A 115 25.98 -12.41 3.81
N GLU A 116 24.66 -12.54 3.87
CA GLU A 116 23.78 -11.93 2.87
C GLU A 116 23.63 -10.42 3.06
N PRO A 117 23.29 -9.94 4.27
CA PRO A 117 23.20 -8.47 4.45
C PRO A 117 24.51 -7.74 4.19
N VAL A 118 25.65 -8.36 4.49
CA VAL A 118 26.92 -7.73 4.17
C VAL A 118 27.27 -7.87 2.68
N SER A 119 26.85 -8.96 2.04
CA SER A 119 27.07 -9.09 0.61
C SER A 119 26.22 -8.13 -0.20
N HIS A 120 25.10 -7.67 0.37
CA HIS A 120 24.31 -6.63 -0.27
C HIS A 120 24.77 -5.23 0.10
N PHE A 121 25.84 -5.11 0.89
CA PHE A 121 26.40 -3.81 1.23
C PHE A 121 27.47 -3.38 0.23
N PHE A 122 28.54 -4.17 0.11
CA PHE A 122 29.59 -3.85 -0.85
C PHE A 122 29.21 -4.23 -2.27
N ASN A 123 28.23 -5.11 -2.45
CA ASN A 123 27.70 -5.49 -3.76
C ASN A 123 26.20 -5.23 -3.70
N THR A 124 25.80 -4.00 -3.98
CA THR A 124 24.41 -3.59 -3.84
C THR A 124 23.55 -4.16 -4.96
N PRO A 125 22.31 -4.57 -4.65
CA PRO A 125 21.39 -5.02 -5.70
C PRO A 125 21.13 -3.94 -6.74
N ARG A 126 21.00 -2.70 -6.27
CA ARG A 126 20.78 -1.52 -7.10
C ARG A 126 21.74 -0.41 -6.68
N PRO A 127 22.11 0.48 -7.60
CA PRO A 127 23.10 1.51 -7.26
C PRO A 127 22.57 2.48 -6.21
N VAL A 128 23.43 2.80 -5.23
CA VAL A 128 23.15 3.79 -4.21
C VAL A 128 24.40 4.64 -4.03
N ASP A 129 24.21 5.82 -3.44
CA ASP A 129 25.31 6.76 -3.26
C ASP A 129 25.90 6.66 -1.84
N THR A 130 25.07 6.80 -0.82
CA THR A 130 25.54 6.79 0.55
C THR A 130 25.59 5.36 1.09
N ASP A 131 26.41 5.18 2.14
CA ASP A 131 26.48 3.89 2.80
C ASP A 131 25.24 3.59 3.63
N ILE A 132 24.58 4.64 4.14
CA ILE A 132 23.34 4.46 4.89
C ILE A 132 22.28 3.82 4.01
N GLU A 133 22.11 4.34 2.79
CA GLU A 133 21.14 3.75 1.87
C GLU A 133 21.55 2.35 1.46
N ALA A 134 22.85 2.09 1.35
CA ALA A 134 23.31 0.73 1.04
C ALA A 134 22.92 -0.24 2.14
N ALA A 135 23.11 0.14 3.40
CA ALA A 135 22.73 -0.72 4.51
C ALA A 135 21.21 -0.92 4.56
N VAL A 136 20.45 0.15 4.33
CA VAL A 136 19.00 0.04 4.33
C VAL A 136 18.54 -0.92 3.23
N GLN A 137 19.12 -0.79 2.03
CA GLN A 137 18.77 -1.67 0.92
C GLN A 137 19.17 -3.11 1.21
N ALA A 138 20.32 -3.32 1.84
CA ALA A 138 20.76 -4.67 2.19
C ALA A 138 19.78 -5.32 3.14
N MET A 139 19.37 -4.60 4.18
CA MET A 139 18.40 -5.15 5.13
C MET A 139 17.06 -5.40 4.45
N GLN A 140 16.65 -4.49 3.55
CA GLN A 140 15.39 -4.66 2.84
C GLN A 140 15.40 -5.92 1.98
N PHE A 141 16.53 -6.17 1.30
CA PHE A 141 16.58 -7.31 0.39
C PHE A 141 16.73 -8.63 1.15
N THR A 142 17.47 -8.64 2.26
CA THR A 142 17.49 -9.87 3.05
C THR A 142 16.14 -10.14 3.69
N SER A 143 15.41 -9.08 4.07
CA SER A 143 14.04 -9.26 4.55
C SER A 143 13.14 -9.81 3.44
N LEU A 144 13.31 -9.32 2.22
CA LEU A 144 12.55 -9.87 1.09
C LEU A 144 12.85 -11.34 0.89
N HIS A 145 14.13 -11.71 0.96
CA HIS A 145 14.50 -13.10 0.69
C HIS A 145 14.02 -14.04 1.79
N TRP A 146 13.97 -13.58 3.03
CA TRP A 146 13.62 -14.45 4.14
C TRP A 146 12.28 -14.14 4.79
N GLY A 147 11.66 -13.01 4.48
CA GLY A 147 10.50 -12.57 5.24
C GLY A 147 9.19 -13.28 4.98
N LEU A 148 8.63 -13.12 3.78
CA LEU A 148 7.23 -13.51 3.59
C LEU A 148 7.01 -14.45 2.42
N HIS A 149 7.78 -14.31 1.33
CA HIS A 149 7.58 -15.17 0.17
C HIS A 149 7.96 -16.61 0.48
N ALA A 150 9.06 -16.81 1.21
CA ALA A 150 9.43 -18.16 1.63
C ALA A 150 8.33 -18.78 2.46
N TRP A 151 7.82 -18.04 3.44
CA TRP A 151 6.76 -18.56 4.27
C TRP A 151 5.43 -18.61 3.52
N GLY A 152 5.27 -17.79 2.48
CA GLY A 152 4.11 -17.95 1.62
C GLY A 152 4.10 -19.28 0.90
N ILE A 153 5.23 -19.66 0.31
CA ILE A 153 5.34 -20.96 -0.35
C ILE A 153 5.17 -22.08 0.65
N TYR A 154 5.81 -21.97 1.82
CA TYR A 154 5.70 -23.00 2.83
C TYR A 154 4.27 -23.15 3.32
N ALA A 155 3.59 -22.03 3.55
CA ALA A 155 2.20 -22.07 4.01
C ALA A 155 1.30 -22.69 2.97
N MET A 156 1.49 -22.34 1.69
CA MET A 156 0.65 -22.91 0.64
C MET A 156 0.84 -24.42 0.53
N VAL A 157 2.09 -24.88 0.52
CA VAL A 157 2.35 -26.32 0.39
C VAL A 157 1.83 -27.06 1.63
N GLY A 158 2.06 -26.50 2.82
CA GLY A 158 1.57 -27.13 4.02
C GLY A 158 0.06 -27.18 4.10
N LEU A 159 -0.60 -26.11 3.65
CA LEU A 159 -2.07 -26.10 3.63
C LEU A 159 -2.60 -27.14 2.66
N ALA A 160 -2.00 -27.24 1.48
CA ALA A 160 -2.45 -28.24 0.51
C ALA A 160 -2.27 -29.64 1.08
N LEU A 161 -1.09 -29.92 1.66
CA LEU A 161 -0.83 -31.25 2.20
C LEU A 161 -1.78 -31.58 3.35
N ALA A 162 -1.97 -30.63 4.27
CA ALA A 162 -2.84 -30.87 5.41
C ALA A 162 -4.29 -31.07 4.97
N PHE A 163 -4.77 -30.26 4.03
CA PHE A 163 -6.14 -30.40 3.58
C PHE A 163 -6.36 -31.71 2.85
N PHE A 164 -5.40 -32.14 2.03
CA PHE A 164 -5.59 -33.35 1.26
C PHE A 164 -5.12 -34.61 1.98
N GLY A 165 -4.59 -34.48 3.20
CA GLY A 165 -4.27 -35.65 3.98
C GLY A 165 -5.08 -35.79 5.26
N PHE A 166 -5.79 -34.73 5.63
CA PHE A 166 -6.63 -34.74 6.82
C PHE A 166 -8.10 -34.66 6.48
N ASN A 167 -8.49 -33.75 5.58
CA ASN A 167 -9.88 -33.62 5.17
C ASN A 167 -10.27 -34.61 4.08
N ARG A 168 -9.31 -35.26 3.45
CA ARG A 168 -9.58 -36.18 2.35
C ARG A 168 -9.16 -37.62 2.63
N LYS A 169 -8.49 -37.88 3.75
CA LYS A 169 -8.04 -39.23 4.12
C LYS A 169 -7.18 -39.86 3.03
N LEU A 170 -6.17 -39.09 2.60
CA LEU A 170 -5.27 -39.49 1.53
C LEU A 170 -3.81 -39.36 1.99
N PRO A 171 -2.88 -40.08 1.38
CA PRO A 171 -1.47 -39.91 1.73
C PRO A 171 -1.02 -38.48 1.44
N MET A 172 -0.17 -37.96 2.32
CA MET A 172 0.26 -36.56 2.23
C MET A 172 1.53 -36.43 1.37
N THR A 173 1.42 -36.96 0.15
CA THR A 173 2.44 -36.76 -0.87
C THR A 173 1.90 -35.78 -1.90
N PHE A 174 2.69 -35.53 -2.94
CA PHE A 174 2.23 -34.62 -3.99
C PHE A 174 1.31 -35.30 -5.00
N ARG A 175 1.12 -36.61 -4.86
CA ARG A 175 0.12 -37.30 -5.67
C ARG A 175 -1.29 -36.77 -5.40
N SER A 176 -1.66 -36.71 -4.12
CA SER A 176 -3.03 -36.40 -3.74
C SER A 176 -3.38 -34.94 -3.93
N LEU A 177 -2.38 -34.07 -4.15
CA LEU A 177 -2.63 -32.65 -4.28
C LEU A 177 -3.28 -32.28 -5.61
N PHE A 178 -3.28 -33.19 -6.59
CA PHE A 178 -3.82 -32.91 -7.92
C PHE A 178 -5.06 -33.75 -8.20
N TYR A 179 -5.71 -34.24 -7.15
CA TYR A 179 -6.95 -35.00 -7.26
C TYR A 179 -8.09 -34.20 -7.88
N PRO A 180 -8.38 -32.97 -7.44
CA PRO A 180 -9.63 -32.33 -7.88
C PRO A 180 -9.76 -32.18 -9.39
N PHE A 181 -8.67 -31.97 -10.13
CA PHE A 181 -8.76 -31.75 -11.56
C PHE A 181 -8.20 -32.90 -12.39
N TRP A 182 -7.75 -33.98 -11.76
CA TRP A 182 -7.28 -35.15 -12.49
C TRP A 182 -7.99 -36.44 -12.13
N GLY A 183 -8.87 -36.42 -11.13
CA GLY A 183 -9.60 -37.63 -10.78
C GLY A 183 -8.68 -38.75 -10.35
N GLU A 184 -8.87 -39.91 -10.96
CA GLU A 184 -8.07 -41.09 -10.65
C GLU A 184 -6.85 -41.26 -11.55
N ARG A 185 -6.61 -40.31 -12.46
CA ARG A 185 -5.47 -40.41 -13.35
C ARG A 185 -4.15 -40.18 -12.62
N ILE A 186 -4.19 -39.63 -11.41
CA ILE A 186 -2.97 -39.39 -10.65
C ILE A 186 -2.29 -40.68 -10.21
N HIS A 187 -3.01 -41.80 -10.23
CA HIS A 187 -2.44 -43.04 -9.73
C HIS A 187 -1.45 -43.65 -10.70
N GLY A 188 -1.63 -43.45 -12.01
CA GLY A 188 -0.78 -44.12 -12.96
C GLY A 188 -0.06 -43.24 -13.96
N TRP A 189 1.26 -43.15 -13.84
CA TRP A 189 2.16 -42.55 -14.82
C TRP A 189 1.88 -41.08 -15.09
N TRP A 190 0.97 -40.47 -14.33
CA TRP A 190 0.75 -39.04 -14.44
C TRP A 190 1.03 -38.32 -13.12
N GLY A 191 0.63 -38.92 -12.00
CA GLY A 191 1.13 -38.49 -10.71
C GLY A 191 2.46 -39.09 -10.34
N HIS A 192 2.89 -40.13 -11.04
CA HIS A 192 4.22 -40.68 -10.82
C HIS A 192 5.29 -39.66 -11.17
N ILE A 193 5.11 -38.93 -12.27
CA ILE A 193 6.07 -37.90 -12.65
C ILE A 193 6.13 -36.81 -11.59
N ILE A 194 4.98 -36.40 -11.07
CA ILE A 194 4.94 -35.36 -10.05
C ILE A 194 5.62 -35.85 -8.77
N ASP A 195 5.37 -37.11 -8.38
CA ASP A 195 6.04 -37.66 -7.21
C ASP A 195 7.55 -37.72 -7.41
N ILE A 196 7.99 -38.11 -8.60
CA ILE A 196 9.42 -38.18 -8.89
C ILE A 196 10.05 -36.80 -8.80
N LEU A 197 9.39 -35.79 -9.39
CA LEU A 197 9.92 -34.44 -9.35
C LEU A 197 9.94 -33.90 -7.93
N SER A 198 8.89 -34.19 -7.14
CA SER A 198 8.87 -33.74 -5.76
C SER A 198 9.98 -34.39 -4.94
N ALA A 199 10.19 -35.69 -5.12
CA ALA A 199 11.25 -36.38 -4.41
C ALA A 199 12.61 -35.81 -4.78
N LEU A 200 12.85 -35.58 -6.08
CA LEU A 200 14.12 -35.03 -6.51
C LEU A 200 14.34 -33.63 -5.95
N ALA A 201 13.30 -32.78 -6.01
CA ALA A 201 13.44 -31.42 -5.53
C ALA A 201 13.68 -31.37 -4.03
N THR A 202 12.96 -32.19 -3.25
CA THR A 202 13.17 -32.18 -1.80
C THR A 202 14.52 -32.79 -1.45
N VAL A 203 14.97 -33.80 -2.20
CA VAL A 203 16.30 -34.37 -1.96
C VAL A 203 17.37 -33.33 -2.20
N PHE A 204 17.24 -32.57 -3.29
CA PHE A 204 18.26 -31.57 -3.61
C PHE A 204 18.21 -30.40 -2.64
N GLY A 205 17.03 -30.00 -2.17
CA GLY A 205 16.96 -28.97 -1.15
C GLY A 205 17.59 -29.41 0.16
N LEU A 206 17.29 -30.64 0.59
CA LEU A 206 17.92 -31.17 1.79
C LEU A 206 19.42 -31.26 1.63
N SER A 207 19.89 -31.69 0.46
CA SER A 207 21.32 -31.78 0.21
C SER A 207 21.97 -30.40 0.19
N THR A 208 21.26 -29.38 -0.29
CA THR A 208 21.79 -28.03 -0.23
C THR A 208 21.94 -27.56 1.21
N SER A 209 20.96 -27.85 2.06
CA SER A 209 21.10 -27.52 3.48
C SER A 209 22.26 -28.29 4.11
N LEU A 210 22.37 -29.58 3.79
CA LEU A 210 23.50 -30.40 4.20
C LEU A 210 24.83 -29.74 3.83
N GLY A 211 24.96 -29.34 2.56
CA GLY A 211 26.20 -28.75 2.11
C GLY A 211 26.49 -27.42 2.77
N LEU A 212 25.47 -26.58 2.95
CA LEU A 212 25.67 -25.30 3.63
C LEU A 212 26.18 -25.52 5.04
N GLY A 213 25.56 -26.46 5.77
CA GLY A 213 26.05 -26.79 7.09
C GLY A 213 27.49 -27.28 7.07
N VAL A 214 27.83 -28.10 6.08
CA VAL A 214 29.19 -28.64 6.01
C VAL A 214 30.20 -27.52 5.79
N ILE A 215 29.96 -26.66 4.81
CA ILE A 215 30.91 -25.58 4.53
C ILE A 215 31.04 -24.66 5.73
N GLN A 216 29.92 -24.31 6.38
CA GLN A 216 30.03 -23.40 7.51
C GLN A 216 30.75 -24.05 8.68
N ILE A 217 30.52 -25.35 8.92
CA ILE A 217 31.18 -26.00 10.04
C ILE A 217 32.68 -26.14 9.78
N THR A 218 33.07 -26.42 8.54
CA THR A 218 34.50 -26.49 8.23
C THR A 218 35.15 -25.11 8.28
N ALA A 219 34.45 -24.08 7.84
CA ALA A 219 34.98 -22.72 7.96
C ALA A 219 35.15 -22.33 9.41
N GLY A 220 34.20 -22.69 10.27
CA GLY A 220 34.33 -22.42 11.68
C GLY A 220 35.49 -23.15 12.31
N LEU A 221 35.66 -24.44 11.97
CA LEU A 221 36.80 -25.18 12.49
C LEU A 221 38.12 -24.57 12.04
N GLU A 222 38.21 -24.18 10.76
CA GLU A 222 39.42 -23.55 10.25
C GLU A 222 39.69 -22.23 10.96
N TYR A 223 38.66 -21.41 11.16
CA TYR A 223 38.84 -20.11 11.78
C TYR A 223 39.25 -20.25 13.24
N LEU A 224 38.63 -21.17 13.96
CA LEU A 224 38.93 -21.31 15.39
C LEU A 224 40.28 -21.97 15.63
N TYR A 225 40.60 -23.01 14.87
CA TYR A 225 41.74 -23.85 15.18
C TYR A 225 42.84 -23.85 14.13
N GLY A 226 42.64 -23.16 13.01
CA GLY A 226 43.66 -23.13 11.98
C GLY A 226 43.91 -24.47 11.30
N TRP A 227 42.96 -25.38 11.37
CA TRP A 227 43.14 -26.71 10.78
C TRP A 227 43.12 -26.62 9.25
N GLU A 228 43.98 -27.43 8.63
CA GLU A 228 44.10 -27.48 7.17
C GLU A 228 43.20 -28.59 6.67
N ILE A 229 41.94 -28.24 6.41
CA ILE A 229 40.98 -29.25 5.98
C ILE A 229 41.06 -29.47 4.47
N SER A 230 40.74 -30.69 4.07
CA SER A 230 40.65 -31.13 2.68
C SER A 230 39.33 -31.88 2.51
N PRO A 231 38.79 -31.92 1.29
CA PRO A 231 37.49 -32.59 1.09
C PRO A 231 37.42 -34.01 1.64
N MET A 232 38.56 -34.65 1.90
CA MET A 232 38.52 -35.99 2.49
C MET A 232 37.86 -35.97 3.87
N MET A 233 38.32 -35.09 4.76
CA MET A 233 37.69 -35.02 6.07
C MET A 233 36.32 -34.34 6.02
N GLN A 234 36.03 -33.56 4.97
CA GLN A 234 34.65 -33.11 4.79
C GLN A 234 33.73 -34.30 4.55
N ALA A 235 34.14 -35.20 3.66
CA ALA A 235 33.38 -36.43 3.44
C ALA A 235 33.32 -37.26 4.72
N GLY A 236 34.42 -37.30 5.47
CA GLY A 236 34.41 -38.03 6.73
C GLY A 236 33.42 -37.45 7.72
N ILE A 237 33.34 -36.13 7.82
CA ILE A 237 32.38 -35.48 8.71
C ILE A 237 30.95 -35.81 8.27
N ILE A 238 30.69 -35.72 6.97
CA ILE A 238 29.35 -36.05 6.47
C ILE A 238 28.99 -37.49 6.81
N LEU A 239 29.93 -38.41 6.57
CA LEU A 239 29.66 -39.83 6.83
C LEU A 239 29.45 -40.07 8.32
N PHE A 240 30.24 -39.43 9.17
CA PHE A 240 30.08 -39.59 10.61
C PHE A 240 28.73 -39.06 11.09
N VAL A 241 28.30 -37.92 10.56
CA VAL A 241 27.02 -37.35 10.99
C VAL A 241 25.87 -38.25 10.54
N ILE A 242 25.92 -38.72 9.29
CA ILE A 242 24.86 -39.61 8.83
C ILE A 242 24.90 -40.93 9.57
N GLY A 243 26.09 -41.37 10.00
CA GLY A 243 26.18 -42.55 10.84
C GLY A 243 25.53 -42.35 12.19
N ILE A 244 25.72 -41.17 12.78
CA ILE A 244 25.02 -40.84 14.02
C ILE A 244 23.51 -40.87 13.80
N ALA A 245 23.06 -40.33 12.67
CA ALA A 245 21.63 -40.31 12.36
C ALA A 245 21.07 -41.72 12.23
N THR A 246 21.76 -42.60 11.50
CA THR A 246 21.25 -43.96 11.34
C THR A 246 21.39 -44.76 12.63
N ILE A 247 22.35 -44.44 13.49
CA ILE A 247 22.40 -45.05 14.81
C ILE A 247 21.18 -44.64 15.62
N SER A 248 20.82 -43.36 15.58
CA SER A 248 19.63 -42.89 16.28
C SER A 248 18.35 -43.43 15.69
N VAL A 249 18.35 -43.82 14.41
CA VAL A 249 17.17 -44.38 13.75
C VAL A 249 17.01 -45.86 14.04
N PHE A 250 18.05 -46.66 13.78
CA PHE A 250 18.00 -48.10 14.00
C PHE A 250 17.79 -48.42 15.48
N SER A 251 18.76 -48.06 16.32
CA SER A 251 18.66 -48.27 17.76
C SER A 251 18.18 -46.98 18.42
N GLY A 252 16.90 -46.71 18.22
CA GLY A 252 16.30 -45.46 18.67
C GLY A 252 16.39 -45.22 20.16
N LEU A 253 17.22 -44.25 20.56
CA LEU A 253 17.25 -43.83 21.96
C LEU A 253 15.91 -43.25 22.38
N ASP A 254 15.32 -42.43 21.53
CA ASP A 254 14.00 -41.83 21.75
C ASP A 254 13.57 -41.23 20.42
N LYS A 255 12.47 -40.49 20.42
CA LYS A 255 12.04 -39.73 19.24
C LYS A 255 12.93 -38.50 19.13
N GLY A 256 14.11 -38.70 18.55
CA GLY A 256 15.11 -37.66 18.48
C GLY A 256 14.85 -36.60 17.41
N VAL A 257 13.59 -36.19 17.28
CA VAL A 257 13.22 -35.12 16.38
C VAL A 257 12.55 -34.01 17.18
N LYS A 258 11.49 -34.35 17.90
CA LYS A 258 10.74 -33.36 18.67
C LYS A 258 11.58 -32.79 19.80
N ILE A 259 12.27 -33.66 20.56
CA ILE A 259 13.10 -33.18 21.65
C ILE A 259 14.31 -32.41 21.11
N LEU A 260 14.87 -32.88 19.99
CA LEU A 260 15.98 -32.15 19.38
C LEU A 260 15.50 -30.84 18.77
N SER A 261 14.28 -30.83 18.24
CA SER A 261 13.71 -29.58 17.74
C SER A 261 13.53 -28.57 18.88
N ASN A 262 13.04 -29.03 20.03
CA ASN A 262 12.89 -28.14 21.17
C ASN A 262 14.25 -27.63 21.66
N ALA A 263 15.25 -28.52 21.73
CA ALA A 263 16.58 -28.10 22.13
C ALA A 263 17.16 -27.08 21.15
N ASN A 264 16.96 -27.31 19.85
CA ASN A 264 17.45 -26.38 18.84
C ASN A 264 16.77 -25.03 18.96
N MET A 265 15.45 -25.02 19.16
CA MET A 265 14.75 -23.76 19.32
C MET A 265 15.24 -23.01 20.56
N TYR A 266 15.43 -23.73 21.66
CA TYR A 266 15.90 -23.10 22.88
C TYR A 266 17.30 -22.53 22.70
N ILE A 267 18.20 -23.29 22.05
CA ILE A 267 19.56 -22.83 21.86
C ILE A 267 19.61 -21.66 20.90
N ALA A 268 18.80 -21.69 19.83
CA ALA A 268 18.76 -20.57 18.90
C ALA A 268 18.20 -19.32 19.56
N ALA A 269 17.17 -19.47 20.38
CA ALA A 269 16.64 -18.32 21.11
C ALA A 269 17.66 -17.75 22.08
N SER A 270 18.40 -18.64 22.77
CA SER A 270 19.44 -18.16 23.68
C SER A 270 20.55 -17.45 22.93
N PHE A 271 20.93 -17.98 21.76
CA PHE A 271 21.94 -17.32 20.93
C PHE A 271 21.48 -15.96 20.46
N MET A 272 20.22 -15.86 20.02
CA MET A 272 19.68 -14.58 19.58
C MET A 272 19.63 -13.58 20.71
N LEU A 273 19.22 -14.03 21.91
CA LEU A 273 19.20 -13.14 23.06
C LEU A 273 20.60 -12.70 23.46
N LEU A 274 21.57 -13.60 23.38
CA LEU A 274 22.95 -13.24 23.72
C LEU A 274 23.49 -12.20 22.75
N ILE A 275 23.25 -12.38 21.46
CA ILE A 275 23.70 -11.39 20.49
C ILE A 275 22.95 -10.07 20.67
N PHE A 276 21.67 -10.15 21.03
CA PHE A 276 20.86 -8.96 21.25
C PHE A 276 21.35 -8.16 22.44
N ILE A 277 21.80 -8.85 23.50
CA ILE A 277 22.20 -8.16 24.71
C ILE A 277 23.65 -7.70 24.64
N LEU A 278 24.57 -8.61 24.32
CA LEU A 278 25.99 -8.28 24.32
C LEU A 278 26.32 -7.25 23.24
N GLY A 279 25.68 -7.36 22.08
CA GLY A 279 25.87 -6.40 21.02
C GLY A 279 24.98 -5.19 21.23
N PRO A 280 24.68 -4.46 20.16
CA PRO A 280 23.72 -3.36 20.27
C PRO A 280 22.37 -3.87 20.74
N THR A 281 21.68 -3.05 21.52
CA THR A 281 20.34 -3.40 21.98
C THR A 281 19.29 -2.38 21.55
N LEU A 282 19.55 -1.10 21.74
CA LEU A 282 18.63 -0.08 21.25
C LEU A 282 18.69 0.02 19.73
N PHE A 283 19.90 -0.07 19.17
CA PHE A 283 20.03 -0.04 17.71
C PHE A 283 19.30 -1.20 17.07
N ILE A 284 19.37 -2.39 17.67
CA ILE A 284 18.73 -3.56 17.08
C ILE A 284 17.22 -3.39 17.07
N MET A 285 16.64 -2.90 18.16
CA MET A 285 15.19 -2.72 18.21
C MET A 285 14.74 -1.62 17.25
N LYS A 286 15.46 -0.49 17.24
CA LYS A 286 15.12 0.59 16.32
C LYS A 286 15.21 0.13 14.88
N GLY A 287 16.30 -0.58 14.54
CA GLY A 287 16.47 -1.08 13.19
C GLY A 287 15.45 -2.14 12.83
N TYR A 288 15.06 -2.97 13.80
CA TYR A 288 14.03 -3.96 13.54
C TYR A 288 12.72 -3.29 13.14
N VAL A 289 12.28 -2.32 13.93
CA VAL A 289 11.03 -1.63 13.62
C VAL A 289 11.14 -0.90 12.28
N GLU A 290 12.22 -0.13 12.10
CA GLU A 290 12.37 0.66 10.89
C GLU A 290 12.49 -0.21 9.64
N ASN A 291 13.26 -1.30 9.72
CA ASN A 291 13.48 -2.15 8.56
C ASN A 291 12.25 -2.96 8.23
N THR A 292 11.51 -3.43 9.23
CA THR A 292 10.24 -4.10 8.94
C THR A 292 9.25 -3.13 8.30
N GLY A 293 9.20 -1.90 8.78
CA GLY A 293 8.33 -0.91 8.17
C GLY A 293 8.72 -0.59 6.74
N ALA A 294 10.02 -0.45 6.48
CA ALA A 294 10.48 -0.16 5.12
C ALA A 294 10.26 -1.36 4.20
N TYR A 295 10.43 -2.57 4.72
CA TYR A 295 10.17 -3.78 3.94
C TYR A 295 8.70 -3.88 3.56
N LEU A 296 7.80 -3.56 4.50
CA LEU A 296 6.38 -3.59 4.20
C LEU A 296 5.91 -2.36 3.42
N ALA A 297 6.72 -1.30 3.37
CA ALA A 297 6.37 -0.11 2.61
C ALA A 297 6.71 -0.23 1.13
N ASN A 298 7.89 -0.79 0.82
CA ASN A 298 8.31 -1.03 -0.55
C ASN A 298 8.18 -2.49 -0.95
N PHE A 299 7.13 -3.16 -0.47
CA PHE A 299 6.99 -4.60 -0.69
C PHE A 299 6.79 -4.92 -2.17
N ILE A 300 5.85 -4.23 -2.82
CA ILE A 300 5.57 -4.50 -4.23
C ILE A 300 6.73 -4.05 -5.10
N ASP A 301 7.47 -3.01 -4.67
CA ASP A 301 8.58 -2.51 -5.47
C ASP A 301 9.74 -3.49 -5.55
N ILE A 302 10.03 -4.22 -4.47
CA ILE A 302 11.14 -5.15 -4.47
C ILE A 302 10.71 -6.58 -4.81
N SER A 303 9.46 -6.96 -4.49
CA SER A 303 9.01 -8.31 -4.79
C SER A 303 8.94 -8.54 -6.30
N THR A 304 8.46 -7.56 -7.04
CA THR A 304 8.29 -7.64 -8.48
C THR A 304 9.49 -7.11 -9.26
N TRP A 305 10.50 -6.56 -8.57
CA TRP A 305 11.68 -6.05 -9.25
C TRP A 305 12.42 -7.19 -9.97
N ASN A 306 12.77 -6.95 -11.23
CA ASN A 306 13.39 -7.97 -12.05
C ASN A 306 14.74 -7.56 -12.63
N ASP A 307 15.24 -6.36 -12.30
CA ASP A 307 16.54 -5.90 -12.79
C ASP A 307 16.60 -5.90 -14.32
N THR A 308 15.49 -5.51 -14.95
CA THR A 308 15.40 -5.58 -16.40
C THR A 308 16.20 -4.48 -17.09
N TYR A 309 16.14 -3.25 -16.58
CA TYR A 309 16.80 -2.14 -17.25
C TYR A 309 18.31 -2.17 -17.05
N LEU A 310 18.75 -2.43 -15.82
CA LEU A 310 20.18 -2.44 -15.54
C LEU A 310 20.85 -3.69 -16.10
N GLY A 311 20.20 -4.85 -15.96
CA GLY A 311 20.78 -6.09 -16.43
C GLY A 311 22.05 -6.46 -15.72
N SER A 312 22.12 -6.23 -14.41
CA SER A 312 23.35 -6.47 -13.66
C SER A 312 23.61 -7.96 -13.43
N GLY A 313 22.58 -8.80 -13.51
CA GLY A 313 22.75 -10.22 -13.22
C GLY A 313 22.88 -10.54 -11.76
N TRP A 314 22.58 -9.59 -10.87
CA TRP A 314 22.68 -9.84 -9.44
C TRP A 314 21.63 -10.82 -8.96
N GLN A 315 20.43 -10.79 -9.56
CA GLN A 315 19.34 -11.66 -9.14
C GLN A 315 19.62 -13.13 -9.43
N ASN A 316 20.56 -13.42 -10.33
CA ASN A 316 20.82 -14.80 -10.73
C ASN A 316 21.43 -15.63 -9.62
N VAL A 317 21.97 -15.00 -8.57
CA VAL A 317 22.69 -15.73 -7.54
C VAL A 317 22.00 -15.56 -6.20
N TRP A 318 21.28 -14.45 -6.01
CA TRP A 318 20.70 -14.14 -4.72
C TRP A 318 19.18 -14.33 -4.69
N THR A 319 18.43 -13.65 -5.54
CA THR A 319 16.98 -13.65 -5.41
C THR A 319 16.34 -14.84 -6.12
N ILE A 320 16.67 -15.05 -7.39
CA ILE A 320 16.10 -16.17 -8.13
C ILE A 320 16.54 -17.49 -7.49
N PHE A 321 17.78 -17.55 -7.01
CA PHE A 321 18.24 -18.74 -6.30
C PHE A 321 17.40 -19.00 -5.06
N TYR A 322 17.07 -17.94 -4.31
CA TYR A 322 16.28 -18.11 -3.11
C TYR A 322 14.86 -18.58 -3.43
N TRP A 323 14.25 -17.99 -4.46
CA TRP A 323 12.90 -18.42 -4.85
C TRP A 323 12.92 -19.88 -5.29
N ALA A 324 13.93 -20.25 -6.09
CA ALA A 324 14.06 -21.64 -6.53
C ALA A 324 14.28 -22.58 -5.37
N TRP A 325 15.07 -22.16 -4.37
CA TRP A 325 15.34 -23.00 -3.21
C TRP A 325 14.07 -23.23 -2.41
N TRP A 326 13.34 -22.15 -2.12
CA TRP A 326 12.10 -22.28 -1.36
C TRP A 326 11.12 -23.18 -2.10
N ILE A 327 10.95 -22.96 -3.41
CA ILE A 327 10.01 -23.75 -4.20
C ILE A 327 10.44 -25.21 -4.22
N ALA A 328 11.74 -25.47 -4.41
CA ALA A 328 12.23 -26.83 -4.59
C ALA A 328 12.09 -27.64 -3.32
N TRP A 329 12.51 -27.09 -2.18
CA TRP A 329 12.45 -27.85 -0.94
C TRP A 329 11.21 -27.52 -0.11
N SER A 330 10.22 -26.89 -0.74
CA SER A 330 8.92 -26.73 -0.11
C SER A 330 8.25 -28.02 0.34
N PRO A 331 8.33 -29.16 -0.37
CA PRO A 331 7.68 -30.37 0.16
C PRO A 331 8.14 -30.75 1.56
N PHE A 332 9.45 -30.65 1.83
CA PHE A 332 9.95 -31.04 3.13
C PHE A 332 9.42 -30.14 4.24
N VAL A 333 9.42 -28.82 4.01
CA VAL A 333 8.93 -27.90 5.03
C VAL A 333 7.42 -28.03 5.20
N GLY A 334 6.69 -28.12 4.08
CA GLY A 334 5.25 -28.22 4.14
C GLY A 334 4.76 -29.49 4.80
N SER A 335 5.51 -30.59 4.66
CA SER A 335 5.11 -31.83 5.32
C SER A 335 5.04 -31.65 6.82
N PHE A 336 6.11 -31.14 7.44
CA PHE A 336 6.09 -30.95 8.89
C PHE A 336 5.27 -29.75 9.31
N ILE A 337 4.97 -28.80 8.42
CA ILE A 337 3.99 -27.79 8.74
C ILE A 337 2.60 -28.41 8.81
N ALA A 338 2.32 -29.39 7.95
CA ALA A 338 1.01 -30.05 7.95
C ALA A 338 0.88 -31.05 9.09
N ARG A 339 1.98 -31.70 9.50
CA ARG A 339 1.92 -32.66 10.59
C ARG A 339 1.40 -32.03 11.87
N ILE A 340 1.89 -30.82 12.18
CA ILE A 340 1.60 -30.18 13.47
C ILE A 340 0.34 -29.34 13.44
N SER A 341 -0.33 -29.22 12.30
CA SER A 341 -1.48 -28.34 12.15
C SER A 341 -2.70 -29.18 11.77
N LYS A 342 -3.39 -29.70 12.77
CA LYS A 342 -4.65 -30.41 12.59
C LYS A 342 -5.68 -29.82 13.55
N GLY A 343 -6.86 -29.51 13.03
CA GLY A 343 -7.88 -28.87 13.82
C GLY A 343 -7.86 -27.36 13.79
N ARG A 344 -6.88 -26.75 13.14
CA ARG A 344 -6.81 -25.30 13.01
C ARG A 344 -7.38 -24.88 11.66
N THR A 345 -8.24 -23.86 11.68
CA THR A 345 -8.91 -23.44 10.46
C THR A 345 -7.90 -22.88 9.46
N VAL A 346 -8.36 -22.75 8.21
CA VAL A 346 -7.48 -22.33 7.13
C VAL A 346 -6.94 -20.93 7.38
N LYS A 347 -7.81 -20.01 7.82
CA LYS A 347 -7.38 -18.64 8.07
C LYS A 347 -6.32 -18.59 9.17
N GLU A 348 -6.60 -19.24 10.30
CA GLU A 348 -5.65 -19.24 11.41
C GLU A 348 -4.34 -19.91 11.01
N PHE A 349 -4.43 -21.02 10.28
CA PHE A 349 -3.22 -21.73 9.86
C PHE A 349 -2.36 -20.86 8.94
N VAL A 350 -2.97 -20.27 7.91
CA VAL A 350 -2.22 -19.48 6.96
C VAL A 350 -1.62 -18.26 7.64
N LEU A 351 -2.40 -17.56 8.47
CA LEU A 351 -1.87 -16.39 9.17
C LEU A 351 -0.73 -16.77 10.11
N GLY A 352 -0.88 -17.89 10.83
CA GLY A 352 0.15 -18.31 11.75
C GLY A 352 1.44 -18.69 11.06
N VAL A 353 1.35 -19.38 9.92
CA VAL A 353 2.57 -19.73 9.19
C VAL A 353 3.17 -18.50 8.51
N LEU A 354 2.33 -17.57 8.08
CA LEU A 354 2.82 -16.41 7.34
C LEU A 354 3.51 -15.40 8.25
N ILE A 355 2.91 -15.11 9.41
CA ILE A 355 3.30 -13.95 10.19
C ILE A 355 4.38 -14.27 11.22
N VAL A 356 4.07 -15.17 12.16
CA VAL A 356 4.90 -15.35 13.34
C VAL A 356 6.29 -15.87 12.98
N PRO A 357 6.45 -16.97 12.23
CA PRO A 357 7.80 -17.33 11.78
C PRO A 357 8.41 -16.31 10.85
N GLY A 358 7.60 -15.65 10.02
CA GLY A 358 8.11 -14.59 9.17
C GLY A 358 8.56 -13.37 9.92
N LEU A 359 8.05 -13.17 11.14
CA LEU A 359 8.51 -12.09 12.00
C LEU A 359 9.72 -12.50 12.83
N ILE A 360 9.77 -13.75 13.30
CA ILE A 360 10.93 -14.21 14.06
C ILE A 360 12.15 -14.31 13.15
N THR A 361 11.95 -14.72 11.90
CA THR A 361 13.05 -14.75 10.94
C THR A 361 13.59 -13.35 10.69
N LEU A 362 12.70 -12.37 10.55
CA LEU A 362 13.14 -10.99 10.37
C LEU A 362 13.82 -10.46 11.62
N LEU A 363 13.37 -10.90 12.79
CA LEU A 363 14.03 -10.51 14.04
C LEU A 363 15.45 -11.06 14.10
N TRP A 364 15.63 -12.33 13.72
CA TRP A 364 16.98 -12.91 13.67
C TRP A 364 17.84 -12.18 12.65
N MET A 365 17.26 -11.90 11.47
CA MET A 365 18.00 -11.17 10.44
C MET A 365 18.45 -9.81 10.96
N ASN A 366 17.57 -9.09 11.67
CA ASN A 366 17.98 -7.82 12.25
C ASN A 366 19.08 -8.04 13.28
N VAL A 367 18.84 -8.93 14.26
CA VAL A 367 19.77 -9.12 15.37
C VAL A 367 21.17 -9.42 14.86
N PHE A 368 21.29 -10.18 13.78
CA PHE A 368 22.62 -10.54 13.29
C PHE A 368 23.12 -9.58 12.20
N GLY A 369 22.40 -9.49 11.08
CA GLY A 369 22.86 -8.68 9.97
C GLY A 369 22.88 -7.19 10.28
N GLY A 370 21.85 -6.69 10.95
CA GLY A 370 21.85 -5.27 11.31
C GLY A 370 22.94 -4.92 12.29
N SER A 371 23.26 -5.83 13.21
CA SER A 371 24.42 -5.62 14.08
C SER A 371 25.71 -5.61 13.29
N ALA A 372 25.84 -6.51 12.30
CA ALA A 372 27.01 -6.49 11.44
C ALA A 372 27.10 -5.17 10.66
N LEU A 373 25.97 -4.69 10.17
CA LEU A 373 25.94 -3.42 9.44
C LEU A 373 26.24 -2.24 10.34
N HIS A 374 25.82 -2.32 11.61
CA HIS A 374 26.20 -1.29 12.59
C HIS A 374 27.71 -1.29 12.80
N THR A 375 28.32 -2.47 12.90
CA THR A 375 29.77 -2.53 13.03
C THR A 375 30.46 -1.97 11.80
N ILE A 376 29.92 -2.27 10.61
CA ILE A 376 30.53 -1.79 9.36
C ILE A 376 30.40 -0.27 9.26
N LEU A 377 29.20 0.25 9.52
CA LEU A 377 28.95 1.68 9.44
C LEU A 377 29.76 2.48 10.45
N SER A 378 30.19 1.84 11.54
CA SER A 378 31.03 2.48 12.53
C SER A 378 32.48 2.60 12.07
N GLY A 379 32.78 2.23 10.82
CA GLY A 379 34.12 2.27 10.30
C GLY A 379 34.92 1.01 10.48
N ASP A 380 34.40 0.02 11.22
CA ASP A 380 35.10 -1.24 11.43
C ASP A 380 34.80 -2.18 10.26
N VAL A 381 35.46 -1.90 9.14
CA VAL A 381 35.29 -2.71 7.94
C VAL A 381 36.27 -3.86 8.03
N THR A 382 35.82 -4.98 8.57
CA THR A 382 36.60 -6.21 8.61
C THR A 382 35.78 -7.44 8.21
N MET A 383 34.46 -7.37 8.34
CA MET A 383 33.62 -8.45 7.82
C MET A 383 33.49 -8.36 6.30
N ILE A 384 33.61 -7.16 5.75
CA ILE A 384 33.53 -7.00 4.30
C ILE A 384 34.66 -7.75 3.61
N ALA A 385 35.89 -7.59 4.10
CA ALA A 385 37.02 -8.28 3.50
C ALA A 385 36.92 -9.79 3.68
N ALA A 386 36.51 -10.24 4.86
CA ALA A 386 36.38 -11.68 5.10
C ALA A 386 35.32 -12.30 4.21
N VAL A 387 34.17 -11.62 4.06
CA VAL A 387 33.10 -12.14 3.23
C VAL A 387 33.50 -12.11 1.75
N LYS A 388 34.23 -11.07 1.34
CA LYS A 388 34.76 -11.05 -0.01
C LYS A 388 35.73 -12.20 -0.25
N ALA A 389 36.49 -12.59 0.77
CA ALA A 389 37.32 -13.77 0.67
C ALA A 389 36.48 -15.03 0.62
N ASP A 390 35.67 -15.28 1.65
CA ASP A 390 34.77 -16.43 1.67
C ASP A 390 33.58 -16.10 2.55
N VAL A 391 32.37 -16.44 2.08
CA VAL A 391 31.15 -16.11 2.82
C VAL A 391 30.85 -17.08 3.95
N SER A 392 31.60 -18.18 4.07
CA SER A 392 31.32 -19.16 5.10
C SER A 392 31.92 -18.79 6.44
N THR A 393 32.76 -17.77 6.51
CA THR A 393 33.35 -17.30 7.77
C THR A 393 32.72 -16.02 8.28
N ALA A 394 31.59 -15.61 7.70
CA ALA A 394 30.96 -14.36 8.12
C ALA A 394 30.49 -14.44 9.57
N LEU A 395 29.90 -15.56 9.97
CA LEU A 395 29.43 -15.71 11.35
C LEU A 395 30.60 -15.67 12.33
N PHE A 396 31.69 -16.36 12.01
CA PHE A 396 32.81 -16.47 12.94
C PHE A 396 33.71 -15.24 12.92
N VAL A 397 33.60 -14.38 11.92
CA VAL A 397 34.22 -13.06 12.00
C VAL A 397 33.31 -12.08 12.75
N PHE A 398 31.99 -12.21 12.59
CA PHE A 398 31.05 -11.37 13.33
C PHE A 398 31.12 -11.60 14.83
N LEU A 399 31.48 -12.80 15.26
CA LEU A 399 31.61 -13.10 16.68
C LEU A 399 32.97 -12.69 17.25
N GLU A 400 33.87 -12.18 16.40
CA GLU A 400 35.20 -11.79 16.87
C GLU A 400 35.13 -10.59 17.78
N ASN A 401 34.23 -9.64 17.50
CA ASN A 401 34.09 -8.43 18.30
C ASN A 401 32.99 -8.56 19.35
N PHE A 402 32.78 -9.75 19.89
CA PHE A 402 31.84 -10.01 20.97
C PHE A 402 32.57 -10.65 22.14
N PRO A 403 32.08 -10.44 23.36
CA PRO A 403 32.61 -11.20 24.49
C PRO A 403 32.32 -12.68 24.34
N PHE A 404 33.22 -13.50 24.87
CA PHE A 404 33.12 -14.96 24.75
C PHE A 404 33.06 -15.39 23.29
N THR A 405 34.03 -14.92 22.51
CA THR A 405 34.06 -15.23 21.08
C THR A 405 34.19 -16.73 20.84
N LYS A 406 35.12 -17.37 21.57
CA LYS A 406 35.32 -18.80 21.39
C LYS A 406 34.09 -19.59 21.82
N PHE A 407 33.48 -19.22 22.95
CA PHE A 407 32.29 -19.94 23.42
C PHE A 407 31.13 -19.75 22.46
N LEU A 408 30.92 -18.52 21.97
CA LEU A 408 29.85 -18.27 21.02
C LEU A 408 30.07 -19.02 19.72
N SER A 409 31.32 -19.07 19.24
CA SER A 409 31.63 -19.83 18.03
C SER A 409 31.37 -21.31 18.22
N ILE A 410 31.77 -21.85 19.37
CA ILE A 410 31.53 -23.27 19.65
C ILE A 410 30.05 -23.56 19.72
N VAL A 411 29.28 -22.67 20.36
CA VAL A 411 27.83 -22.85 20.45
C VAL A 411 27.19 -22.78 19.08
N ALA A 412 27.66 -21.87 18.22
CA ALA A 412 27.14 -21.80 16.86
C ALA A 412 27.44 -23.06 16.07
N ILE A 413 28.66 -23.59 16.20
CA ILE A 413 29.02 -24.82 15.52
C ILE A 413 28.14 -25.98 16.02
N ILE A 414 27.92 -26.06 17.33
CA ILE A 414 27.09 -27.11 17.89
C ILE A 414 25.66 -26.98 17.40
N LEU A 415 25.14 -25.74 17.33
CA LEU A 415 23.79 -25.52 16.83
C LEU A 415 23.68 -25.92 15.37
N ILE A 416 24.71 -25.61 14.57
CA ILE A 416 24.71 -26.02 13.16
C ILE A 416 24.71 -27.54 13.05
N PHE A 417 25.52 -28.21 13.87
CA PHE A 417 25.61 -29.67 13.83
C PHE A 417 24.30 -30.30 14.26
N SER A 418 23.62 -29.71 15.24
CA SER A 418 22.33 -30.26 15.68
C SER A 418 21.24 -30.02 14.65
N PHE A 419 21.22 -28.84 14.03
CA PHE A 419 20.32 -28.60 12.90
C PHE A 419 20.62 -29.56 11.75
N PHE A 420 21.89 -29.87 11.57
CA PHE A 420 22.33 -30.86 10.57
C PHE A 420 21.67 -32.22 10.83
N ILE A 421 21.80 -32.71 12.05
CA ILE A 421 21.17 -34.00 12.39
C ILE A 421 19.65 -33.90 12.26
N THR A 422 19.06 -32.81 12.72
CA THR A 422 17.61 -32.68 12.66
C THR A 422 17.10 -32.70 11.22
N SER A 423 17.77 -31.96 10.32
CA SER A 423 17.37 -31.96 8.92
C SER A 423 17.58 -33.33 8.29
N SER A 424 18.70 -33.99 8.60
CA SER A 424 18.98 -35.29 8.02
C SER A 424 17.94 -36.32 8.44
N ASP A 425 17.53 -36.28 9.70
CA ASP A 425 16.53 -37.22 10.21
C ASP A 425 15.10 -36.78 9.91
N SER A 426 14.90 -35.54 9.49
CA SER A 426 13.58 -35.00 9.20
C SER A 426 13.19 -35.18 7.74
N GLY A 427 14.08 -34.81 6.81
CA GLY A 427 13.78 -34.98 5.40
C GLY A 427 13.86 -36.40 4.92
N SER A 428 14.58 -37.27 5.65
CA SER A 428 14.66 -38.66 5.25
C SER A 428 13.28 -39.33 5.30
N LEU A 429 12.50 -39.05 6.33
CA LEU A 429 11.17 -39.65 6.42
C LEU A 429 10.23 -39.08 5.37
N VAL A 430 10.35 -37.79 5.05
CA VAL A 430 9.52 -37.21 4.00
C VAL A 430 9.84 -37.87 2.66
N VAL A 431 11.13 -38.03 2.35
CA VAL A 431 11.52 -38.66 1.10
C VAL A 431 11.06 -40.12 1.08
N ASP A 432 11.17 -40.81 2.21
CA ASP A 432 10.72 -42.20 2.28
C ASP A 432 9.22 -42.31 2.04
N ASN A 433 8.43 -41.43 2.65
CA ASN A 433 6.99 -41.47 2.45
C ASN A 433 6.61 -41.15 1.00
N ILE A 434 7.30 -40.18 0.40
CA ILE A 434 7.02 -39.83 -1.00
C ILE A 434 7.36 -40.99 -1.91
N THR A 435 8.52 -41.63 -1.68
CA THR A 435 9.01 -42.70 -2.52
C THR A 435 8.20 -44.00 -2.38
N SER A 436 7.85 -44.39 -1.16
CA SER A 436 7.18 -45.67 -0.92
C SER A 436 5.70 -45.55 -0.62
N GLY A 437 5.12 -44.35 -0.70
CA GLY A 437 3.73 -44.20 -0.36
C GLY A 437 3.47 -44.46 1.12
N SER A 438 2.26 -44.90 1.42
CA SER A 438 1.85 -45.23 2.79
C SER A 438 2.02 -44.04 3.73
N ASN A 439 2.11 -44.31 5.03
CA ASN A 439 2.25 -43.26 6.03
C ASN A 439 3.29 -43.65 7.07
N GLY A 440 4.39 -44.26 6.62
CA GLY A 440 5.46 -44.65 7.50
C GLY A 440 5.60 -46.13 7.78
N GLU A 441 4.86 -46.98 7.08
CA GLU A 441 4.98 -48.42 7.28
C GLU A 441 6.27 -48.99 6.70
N SER A 442 7.02 -48.20 5.94
CA SER A 442 8.25 -48.69 5.35
C SER A 442 9.30 -48.97 6.41
N PRO A 443 10.18 -49.93 6.19
CA PRO A 443 11.22 -50.24 7.17
C PRO A 443 12.24 -49.13 7.29
N VAL A 444 12.98 -49.16 8.41
CA VAL A 444 13.95 -48.11 8.71
C VAL A 444 15.12 -48.14 7.74
N TRP A 445 15.43 -49.31 7.17
CA TRP A 445 16.57 -49.41 6.27
C TRP A 445 16.38 -48.54 5.03
N GLN A 446 15.14 -48.38 4.56
CA GLN A 446 14.89 -47.48 3.44
C GLN A 446 15.18 -46.03 3.84
N ARG A 447 14.79 -45.63 5.04
CA ARG A 447 15.09 -44.29 5.53
C ARG A 447 16.60 -44.07 5.61
N VAL A 448 17.33 -45.06 6.11
CA VAL A 448 18.78 -44.95 6.23
C VAL A 448 19.41 -44.87 4.84
N PHE A 449 18.91 -45.65 3.90
CA PHE A 449 19.42 -45.59 2.53
C PHE A 449 19.19 -44.23 1.92
N TRP A 450 18.02 -43.63 2.14
CA TRP A 450 17.74 -42.32 1.59
C TRP A 450 18.60 -41.24 2.25
N SER A 451 18.84 -41.36 3.55
CA SER A 451 19.77 -40.44 4.22
C SER A 451 21.18 -40.56 3.65
N PHE A 452 21.61 -41.80 3.40
CA PHE A 452 22.91 -42.01 2.77
C PHE A 452 22.94 -41.38 1.38
N ALA A 453 21.86 -41.54 0.63
CA ALA A 453 21.81 -40.98 -0.73
C ALA A 453 21.92 -39.46 -0.70
N GLN A 454 21.18 -38.81 0.21
CA GLN A 454 21.27 -37.35 0.29
C GLN A 454 22.65 -36.91 0.77
N GLY A 455 23.27 -37.69 1.66
CA GLY A 455 24.62 -37.36 2.10
C GLY A 455 25.63 -37.43 0.98
N ILE A 456 25.59 -38.51 0.20
CA ILE A 456 26.53 -38.63 -0.91
C ILE A 456 26.22 -37.63 -2.02
N ILE A 457 24.95 -37.25 -2.20
CA ILE A 457 24.63 -36.20 -3.17
C ILE A 457 25.24 -34.88 -2.73
N ALA A 458 25.13 -34.56 -1.44
CA ALA A 458 25.77 -33.35 -0.93
C ALA A 458 27.28 -33.42 -1.10
N ILE A 459 27.86 -34.59 -0.84
CA ILE A 459 29.30 -34.77 -0.99
C ILE A 459 29.74 -34.48 -2.43
N VAL A 460 29.03 -35.09 -3.38
CA VAL A 460 29.39 -34.95 -4.78
C VAL A 460 29.21 -33.50 -5.24
N LEU A 461 28.11 -32.87 -4.83
CA LEU A 461 27.88 -31.48 -5.21
C LEU A 461 28.94 -30.56 -4.62
N LEU A 462 29.35 -30.82 -3.38
CA LEU A 462 30.41 -30.01 -2.76
C LEU A 462 31.73 -30.19 -3.48
N TRP A 463 32.07 -31.43 -3.85
CA TRP A 463 33.32 -31.67 -4.56
C TRP A 463 33.29 -31.15 -5.99
N GLY A 464 32.11 -30.77 -6.50
CA GLY A 464 31.99 -30.31 -7.87
C GLY A 464 31.87 -28.80 -8.01
N GLY A 465 32.26 -28.06 -6.98
CA GLY A 465 32.17 -26.61 -7.06
C GLY A 465 31.79 -25.91 -5.77
N GLY A 466 31.44 -26.68 -4.74
CA GLY A 466 31.07 -26.06 -3.48
C GLY A 466 29.76 -25.32 -3.59
N LEU A 467 29.75 -24.05 -3.19
CA LEU A 467 28.54 -23.24 -3.31
C LEU A 467 28.39 -22.69 -4.73
N ASP A 468 28.54 -23.56 -5.72
CA ASP A 468 28.22 -23.23 -7.09
C ASP A 468 27.50 -24.37 -7.80
N ALA A 469 27.33 -25.51 -7.15
CA ALA A 469 26.58 -26.64 -7.71
C ALA A 469 25.31 -26.96 -6.95
N LEU A 470 25.24 -26.60 -5.66
CA LEU A 470 23.98 -26.72 -4.94
C LEU A 470 22.93 -25.79 -5.53
N GLN A 471 23.31 -24.54 -5.79
CA GLN A 471 22.38 -23.58 -6.37
C GLN A 471 21.95 -24.02 -7.76
N THR A 472 22.87 -24.58 -8.55
CA THR A 472 22.53 -24.99 -9.91
C THR A 472 21.45 -26.07 -9.91
N ALA A 473 21.68 -27.14 -9.13
CA ALA A 473 20.69 -28.22 -9.05
C ALA A 473 19.38 -27.71 -8.46
N VAL A 474 19.46 -26.86 -7.44
CA VAL A 474 18.26 -26.31 -6.83
C VAL A 474 17.42 -25.56 -7.85
N ILE A 475 18.04 -24.66 -8.61
CA ILE A 475 17.30 -23.87 -9.58
C ILE A 475 16.74 -24.75 -10.70
N ILE A 476 17.56 -25.68 -11.20
CA ILE A 476 17.16 -26.53 -12.31
C ILE A 476 15.95 -27.37 -11.93
N THR A 477 15.97 -27.97 -10.73
CA THR A 477 14.85 -28.78 -10.30
C THR A 477 13.73 -27.98 -9.65
N GLY A 478 13.93 -26.68 -9.42
CA GLY A 478 12.88 -25.86 -8.84
C GLY A 478 12.05 -25.13 -9.86
N LEU A 479 12.57 -24.95 -11.08
CA LEU A 479 11.74 -24.34 -12.12
C LEU A 479 10.53 -25.21 -12.50
N PRO A 480 10.68 -26.49 -12.89
CA PRO A 480 9.49 -27.31 -13.11
C PRO A 480 8.66 -27.45 -11.85
N PHE A 481 9.30 -27.44 -10.68
CA PHE A 481 8.52 -27.46 -9.45
C PHE A 481 7.84 -26.12 -9.19
N ALA A 482 8.35 -25.03 -9.76
CA ALA A 482 7.59 -23.78 -9.73
C ALA A 482 6.30 -23.92 -10.54
N VAL A 483 6.40 -24.55 -11.72
CA VAL A 483 5.20 -24.83 -12.50
C VAL A 483 4.24 -25.72 -11.70
N ILE A 484 4.76 -26.75 -11.07
CA ILE A 484 3.94 -27.67 -10.29
C ILE A 484 3.29 -26.94 -9.11
N LEU A 485 4.01 -26.02 -8.48
CA LEU A 485 3.45 -25.23 -7.39
C LEU A 485 2.29 -24.37 -7.88
N LEU A 486 2.44 -23.74 -9.04
CA LEU A 486 1.33 -22.94 -9.58
C LEU A 486 0.10 -23.80 -9.83
N VAL A 487 0.30 -24.94 -10.50
CA VAL A 487 -0.81 -25.85 -10.79
C VAL A 487 -1.42 -26.37 -9.49
N MET A 488 -0.58 -26.63 -8.49
CA MET A 488 -1.06 -27.15 -7.22
C MET A 488 -1.89 -26.13 -6.47
N CYS A 489 -1.49 -24.85 -6.51
CA CYS A 489 -2.31 -23.80 -5.92
C CYS A 489 -3.67 -23.73 -6.60
N TYR A 490 -3.66 -23.77 -7.94
CA TYR A 490 -4.92 -23.71 -8.68
C TYR A 490 -5.80 -24.91 -8.40
N SER A 491 -5.22 -26.09 -8.19
CA SER A 491 -6.01 -27.28 -7.88
C SER A 491 -6.50 -27.28 -6.44
N LEU A 492 -5.68 -26.75 -5.52
CA LEU A 492 -6.11 -26.61 -4.13
C LEU A 492 -7.28 -25.66 -4.00
N GLN A 493 -7.31 -24.60 -4.80
CA GLN A 493 -8.47 -23.71 -4.81
C GLN A 493 -9.74 -24.50 -5.15
N LYS A 494 -9.70 -25.31 -6.20
CA LYS A 494 -10.88 -26.07 -6.61
C LYS A 494 -11.26 -27.10 -5.56
N GLY A 495 -10.28 -27.80 -5.00
CA GLY A 495 -10.59 -28.78 -3.96
C GLY A 495 -11.20 -28.16 -2.73
N LEU A 496 -10.66 -27.01 -2.31
CA LEU A 496 -11.22 -26.30 -1.16
C LEU A 496 -12.62 -25.81 -1.45
N LYS A 497 -12.87 -25.34 -2.67
CA LYS A 497 -14.22 -24.90 -3.04
C LYS A 497 -15.20 -26.07 -3.02
N GLU A 498 -14.79 -27.22 -3.54
CA GLU A 498 -15.65 -28.40 -3.50
C GLU A 498 -15.95 -28.82 -2.07
N GLU A 499 -14.94 -28.82 -1.21
CA GLU A 499 -15.16 -29.19 0.19
C GLU A 499 -16.09 -28.20 0.88
N LEU A 500 -15.91 -26.91 0.62
CA LEU A 500 -16.76 -25.90 1.23
C LEU A 500 -18.21 -26.05 0.75
N ALA A 501 -18.40 -26.32 -0.54
CA ALA A 501 -19.75 -26.52 -1.05
C ALA A 501 -20.40 -27.76 -0.45
N LYS A 502 -19.63 -28.85 -0.31
CA LYS A 502 -20.15 -30.06 0.28
C LYS A 502 -20.52 -29.84 1.75
N SER A 503 -19.68 -29.13 2.49
CA SER A 503 -19.96 -28.89 3.91
C SER A 503 -21.21 -28.03 4.10
N SER A 504 -21.39 -27.03 3.23
CA SER A 504 -22.55 -26.14 3.33
C SER A 504 -23.78 -26.80 2.73
N LYS A 505 -24.12 -28.00 3.19
CA LYS A 505 -25.29 -28.74 2.74
C LYS A 505 -25.99 -29.38 3.93
N LYS A 506 -26.14 -28.61 5.01
CA LYS A 506 -26.73 -29.10 6.25
C LYS A 506 -26.01 -30.35 6.78
N ASN B 10 -38.96 9.03 -39.57
CA ASN B 10 -38.66 10.16 -40.42
C ASN B 10 -37.75 11.17 -39.71
N LEU B 11 -38.29 11.80 -38.67
CA LEU B 11 -37.56 12.80 -37.91
C LEU B 11 -37.77 12.58 -36.41
N VAL B 12 -37.72 11.33 -35.97
CA VAL B 12 -37.87 11.01 -34.54
C VAL B 12 -36.62 11.50 -33.83
N ILE B 13 -36.75 12.56 -33.05
CA ILE B 13 -35.63 13.23 -32.39
C ILE B 13 -36.10 13.69 -31.02
N ASN B 14 -35.16 14.30 -30.27
CA ASN B 14 -35.44 15.03 -29.04
C ASN B 14 -35.10 16.48 -29.31
N PRO B 15 -36.08 17.29 -29.72
CA PRO B 15 -35.77 18.64 -30.25
C PRO B 15 -34.96 19.48 -29.28
N PRO B 16 -35.24 19.46 -27.96
CA PRO B 16 -34.37 20.21 -27.04
C PRO B 16 -32.92 19.75 -27.08
N VAL B 17 -32.67 18.47 -27.32
CA VAL B 17 -31.30 17.96 -27.37
C VAL B 17 -30.73 18.05 -28.79
N PHE B 18 -31.50 17.55 -29.78
CA PHE B 18 -31.04 17.59 -31.16
C PHE B 18 -30.72 19.02 -31.60
N ILE B 19 -31.70 19.93 -31.42
CA ILE B 19 -31.53 21.29 -31.91
C ILE B 19 -30.37 21.98 -31.20
N THR B 20 -30.28 21.83 -29.88
CA THR B 20 -29.23 22.51 -29.14
C THR B 20 -27.85 21.97 -29.51
N SER B 21 -27.70 20.65 -29.60
CA SER B 21 -26.40 20.08 -29.96
C SER B 21 -26.00 20.48 -31.37
N ILE B 22 -26.94 20.42 -32.32
CA ILE B 22 -26.64 20.79 -33.69
C ILE B 22 -26.25 22.26 -33.78
N LEU B 23 -27.00 23.13 -33.10
CA LEU B 23 -26.70 24.55 -33.14
C LEU B 23 -25.34 24.85 -32.51
N LEU B 24 -25.02 24.20 -31.39
CA LEU B 24 -23.73 24.42 -30.76
C LEU B 24 -22.58 23.94 -31.65
N ILE B 25 -22.74 22.78 -32.27
CA ILE B 25 -21.70 22.27 -33.16
C ILE B 25 -21.54 23.19 -34.36
N VAL B 26 -22.64 23.66 -34.93
CA VAL B 26 -22.58 24.57 -36.07
C VAL B 26 -21.91 25.88 -35.67
N ALA B 27 -22.23 26.39 -34.48
CA ALA B 27 -21.62 27.63 -34.01
C ALA B 27 -20.11 27.46 -33.82
N LEU B 28 -19.68 26.33 -33.26
CA LEU B 28 -18.25 26.10 -33.10
C LEU B 28 -17.57 25.98 -34.45
N ILE B 29 -18.20 25.29 -35.40
CA ILE B 29 -17.63 25.16 -36.74
C ILE B 29 -17.51 26.54 -37.38
N LEU B 30 -18.52 27.38 -37.20
CA LEU B 30 -18.50 28.72 -37.77
C LEU B 30 -17.39 29.57 -37.15
N THR B 31 -17.29 29.58 -35.82
CA THR B 31 -16.28 30.41 -35.18
C THR B 31 -14.88 29.86 -35.41
N CYS B 32 -14.78 28.61 -35.87
CA CYS B 32 -13.48 28.07 -36.24
C CYS B 32 -13.16 28.20 -37.72
N VAL B 33 -14.15 28.46 -38.57
CA VAL B 33 -13.89 28.48 -40.02
C VAL B 33 -13.95 29.91 -40.56
N LEU B 34 -14.58 30.82 -39.82
CA LEU B 34 -14.59 32.21 -40.28
C LEU B 34 -14.03 33.13 -39.20
N PHE B 35 -13.33 32.55 -38.23
CA PHE B 35 -12.49 33.32 -37.33
C PHE B 35 -11.16 32.61 -37.09
N PRO B 36 -10.33 32.38 -38.12
CA PRO B 36 -9.05 31.68 -37.88
C PRO B 36 -8.16 32.35 -36.84
N GLU B 37 -7.83 33.61 -37.04
CA GLU B 37 -6.81 34.26 -36.23
C GLU B 37 -7.25 34.38 -34.77
N LYS B 38 -8.51 34.75 -34.54
CA LYS B 38 -9.00 34.87 -33.17
C LYS B 38 -9.04 33.52 -32.47
N VAL B 39 -9.56 32.49 -33.15
CA VAL B 39 -9.73 31.19 -32.51
C VAL B 39 -8.37 30.55 -32.24
N GLY B 40 -7.39 30.76 -33.13
CA GLY B 40 -6.07 30.17 -32.95
C GLY B 40 -5.35 30.66 -31.71
N VAL B 41 -5.77 31.80 -31.17
CA VAL B 41 -5.23 32.31 -29.92
C VAL B 41 -6.18 32.04 -28.75
N TRP B 42 -7.49 32.07 -29.01
CA TRP B 42 -8.46 31.85 -27.95
C TRP B 42 -8.44 30.42 -27.44
N PHE B 43 -8.37 29.43 -28.33
CA PHE B 43 -8.44 28.03 -27.94
C PHE B 43 -7.29 27.57 -27.04
N PRO B 44 -6.02 27.78 -27.40
CA PRO B 44 -4.95 27.28 -26.52
C PRO B 44 -4.86 28.04 -25.21
N ALA B 45 -5.15 29.34 -25.22
CA ALA B 45 -5.18 30.09 -23.97
C ALA B 45 -6.28 29.57 -23.05
N ALA B 46 -7.47 29.32 -23.60
CA ALA B 46 -8.57 28.80 -22.79
C ALA B 46 -8.24 27.41 -22.25
N GLN B 47 -7.65 26.56 -23.10
CA GLN B 47 -7.29 25.21 -22.65
C GLN B 47 -6.26 25.26 -21.54
N LEU B 48 -5.24 26.11 -21.70
CA LEU B 48 -4.23 26.26 -20.66
C LEU B 48 -4.85 26.77 -19.37
N ALA B 49 -5.77 27.73 -19.46
CA ALA B 49 -6.42 28.26 -18.28
C ALA B 49 -7.19 27.18 -17.54
N VAL B 50 -8.03 26.43 -18.27
CA VAL B 50 -8.86 25.43 -17.59
C VAL B 50 -8.00 24.33 -17.00
N THR B 51 -6.99 23.85 -17.75
CA THR B 51 -6.16 22.78 -17.23
C THR B 51 -5.35 23.23 -16.02
N SER B 52 -4.78 24.44 -16.07
CA SER B 52 -4.01 24.93 -14.93
C SER B 52 -4.88 25.12 -13.70
N ASN B 53 -6.11 25.63 -13.89
CA ASN B 53 -6.97 25.89 -12.75
C ASN B 53 -7.60 24.62 -12.18
N PHE B 54 -7.82 23.59 -13.00
CA PHE B 54 -8.61 22.44 -12.53
C PHE B 54 -7.89 21.10 -12.74
N GLY B 55 -6.55 21.10 -12.84
CA GLY B 55 -5.84 19.84 -12.80
C GLY B 55 -6.06 19.08 -11.52
N TRP B 56 -6.09 19.80 -10.38
CA TRP B 56 -6.39 19.16 -9.11
C TRP B 56 -7.78 18.54 -9.13
N PHE B 57 -8.75 19.23 -9.73
CA PHE B 57 -10.10 18.68 -9.79
C PHE B 57 -10.15 17.44 -10.68
N PHE B 58 -9.46 17.45 -11.81
CA PHE B 58 -9.43 16.28 -12.67
C PHE B 58 -8.80 15.08 -11.95
N VAL B 59 -7.68 15.33 -11.25
CA VAL B 59 -7.01 14.25 -10.52
C VAL B 59 -7.92 13.70 -9.43
N VAL B 60 -8.55 14.59 -8.67
CA VAL B 60 -9.46 14.16 -7.61
C VAL B 60 -10.63 13.38 -8.19
N THR B 61 -11.17 13.83 -9.31
CA THR B 61 -12.32 13.17 -9.92
C THR B 61 -11.96 11.76 -10.36
N VAL B 62 -10.82 11.59 -11.05
CA VAL B 62 -10.46 10.25 -11.53
C VAL B 62 -10.13 9.33 -10.36
N ASN B 63 -9.44 9.86 -9.33
CA ASN B 63 -9.13 9.03 -8.17
C ASN B 63 -10.40 8.61 -7.43
N VAL B 64 -11.35 9.53 -7.28
CA VAL B 64 -12.60 9.22 -6.59
C VAL B 64 -13.39 8.20 -7.38
N ILE B 65 -13.44 8.33 -8.71
CA ILE B 65 -14.16 7.38 -9.54
C ILE B 65 -13.54 5.99 -9.42
N LEU B 66 -12.20 5.91 -9.45
CA LEU B 66 -11.54 4.61 -9.33
C LEU B 66 -11.78 4.00 -7.95
N ILE B 67 -11.68 4.79 -6.89
CA ILE B 67 -11.92 4.29 -5.54
C ILE B 67 -13.36 3.83 -5.40
N PHE B 68 -14.29 4.56 -5.98
CA PHE B 68 -15.70 4.17 -5.94
C PHE B 68 -15.93 2.87 -6.69
N ALA B 69 -15.28 2.68 -7.83
CA ALA B 69 -15.39 1.43 -8.56
C ALA B 69 -14.86 0.26 -7.74
N ILE B 70 -13.70 0.47 -7.10
CA ILE B 70 -13.13 -0.58 -6.26
C ILE B 70 -14.07 -0.91 -5.09
N TYR B 71 -14.64 0.12 -4.47
CA TYR B 71 -15.55 -0.08 -3.35
C TYR B 71 -16.81 -0.82 -3.79
N LEU B 72 -17.38 -0.44 -4.93
CA LEU B 72 -18.58 -1.11 -5.41
C LEU B 72 -18.29 -2.56 -5.77
N ALA B 73 -17.09 -2.84 -6.28
CA ALA B 73 -16.72 -4.22 -6.59
C ALA B 73 -16.60 -5.06 -5.33
N PHE B 74 -16.15 -4.46 -4.22
CA PHE B 74 -15.82 -5.19 -3.00
C PHE B 74 -16.72 -4.79 -1.83
N SER B 75 -18.02 -4.69 -2.07
CA SER B 75 -18.97 -4.39 -1.02
C SER B 75 -20.20 -5.26 -1.22
N LYS B 76 -21.23 -5.05 -0.40
CA LYS B 76 -22.48 -5.77 -0.55
C LYS B 76 -23.15 -5.45 -1.88
N PHE B 77 -22.85 -4.28 -2.44
CA PHE B 77 -23.40 -3.90 -3.73
C PHE B 77 -22.89 -4.75 -4.88
N GLY B 78 -21.74 -5.41 -4.70
CA GLY B 78 -21.18 -6.23 -5.76
C GLY B 78 -21.95 -7.51 -6.03
N ARG B 79 -22.85 -7.88 -5.13
CA ARG B 79 -23.68 -9.07 -5.32
C ARG B 79 -24.89 -8.82 -6.19
N ILE B 80 -25.16 -7.56 -6.55
CA ILE B 80 -26.30 -7.24 -7.39
C ILE B 80 -26.06 -7.75 -8.81
N ARG B 81 -27.03 -8.48 -9.35
CA ARG B 81 -26.91 -9.04 -10.69
C ARG B 81 -27.56 -8.10 -11.69
N LEU B 82 -26.79 -7.72 -12.71
CA LEU B 82 -27.31 -6.82 -13.73
C LEU B 82 -28.41 -7.50 -14.54
N GLY B 83 -29.48 -6.76 -14.80
CA GLY B 83 -30.62 -7.31 -15.51
C GLY B 83 -31.56 -8.12 -14.66
N GLY B 84 -31.36 -8.16 -13.35
CA GLY B 84 -32.18 -8.96 -12.46
C GLY B 84 -31.57 -10.32 -12.17
N ASP B 85 -32.05 -10.92 -11.08
CA ASP B 85 -31.55 -12.23 -10.67
C ASP B 85 -31.87 -13.30 -11.70
N ASP B 86 -33.00 -13.17 -12.39
CA ASP B 86 -33.39 -14.14 -13.42
C ASP B 86 -32.83 -13.76 -14.78
N ALA B 87 -31.51 -13.55 -14.84
CA ALA B 87 -30.81 -13.22 -16.07
C ALA B 87 -29.52 -14.02 -16.13
N GLU B 88 -29.06 -14.28 -17.36
CA GLU B 88 -27.84 -15.02 -17.58
C GLU B 88 -26.95 -14.28 -18.57
N PRO B 89 -25.64 -14.46 -18.48
CA PRO B 89 -24.72 -13.81 -19.43
C PRO B 89 -24.94 -14.35 -20.84
N GLU B 90 -25.07 -13.44 -21.81
CA GLU B 90 -25.21 -13.85 -23.19
C GLU B 90 -23.90 -14.35 -23.78
N PHE B 91 -22.78 -14.06 -23.14
CA PHE B 91 -21.46 -14.49 -23.61
C PHE B 91 -20.72 -15.17 -22.46
N THR B 92 -19.80 -16.06 -22.81
CA THR B 92 -18.94 -16.66 -21.80
C THR B 92 -17.91 -15.64 -21.34
N LYS B 93 -17.22 -15.97 -20.25
CA LYS B 93 -16.29 -15.04 -19.62
C LYS B 93 -15.15 -14.65 -20.55
N ALA B 94 -14.60 -15.63 -21.28
CA ALA B 94 -13.52 -15.35 -22.22
C ALA B 94 -14.00 -14.47 -23.37
N SER B 95 -15.16 -14.80 -23.93
CA SER B 95 -15.71 -14.02 -25.04
C SER B 95 -16.11 -12.61 -24.65
N TRP B 96 -16.36 -12.37 -23.35
CA TRP B 96 -16.66 -11.04 -22.83
C TRP B 96 -15.40 -10.26 -22.51
N PHE B 97 -14.40 -10.92 -21.91
CA PHE B 97 -13.12 -10.28 -21.65
C PHE B 97 -12.45 -9.86 -22.95
N ALA B 98 -12.56 -10.69 -23.99
CA ALA B 98 -11.93 -10.37 -25.26
C ALA B 98 -12.49 -9.10 -25.87
N MET B 99 -13.82 -8.94 -25.84
CA MET B 99 -14.42 -7.77 -26.46
C MET B 99 -14.52 -6.57 -25.53
N LEU B 100 -14.22 -6.74 -24.25
CA LEU B 100 -14.13 -5.57 -23.37
C LEU B 100 -13.00 -4.65 -23.80
N PHE B 101 -11.85 -5.21 -24.16
CA PHE B 101 -10.71 -4.40 -24.57
C PHE B 101 -10.92 -3.81 -25.96
N SER B 102 -11.73 -4.46 -26.79
CA SER B 102 -12.02 -3.97 -28.14
C SER B 102 -12.92 -2.73 -28.13
N THR B 103 -13.58 -2.43 -27.02
CA THR B 103 -14.53 -1.32 -26.97
C THR B 103 -13.86 0.04 -27.00
N GLY B 104 -12.54 0.10 -26.88
CA GLY B 104 -11.84 1.38 -26.80
C GLY B 104 -11.05 1.39 -25.51
N MET B 105 -9.81 1.86 -25.59
CA MET B 105 -9.12 2.51 -26.71
C MET B 105 -8.62 1.51 -27.75
N GLY B 106 -7.72 1.98 -28.60
CA GLY B 106 -7.26 1.20 -29.73
C GLY B 106 -6.91 2.05 -30.94
N ILE B 107 -7.34 3.30 -30.94
CA ILE B 107 -6.80 4.30 -31.86
C ILE B 107 -5.75 5.16 -31.18
N GLY B 108 -6.03 5.61 -29.95
CA GLY B 108 -5.00 6.22 -29.14
C GLY B 108 -3.99 5.24 -28.61
N ILE B 109 -4.36 3.95 -28.52
CA ILE B 109 -3.40 2.91 -28.18
C ILE B 109 -2.30 2.86 -29.22
N MET B 110 -2.69 2.84 -30.50
CA MET B 110 -1.72 2.79 -31.59
C MET B 110 -0.95 4.10 -31.73
N PHE B 111 -1.48 5.20 -31.19
CA PHE B 111 -0.81 6.49 -31.35
C PHE B 111 0.20 6.74 -30.24
N PHE B 112 -0.17 6.43 -28.99
CA PHE B 112 0.64 6.77 -27.84
C PHE B 112 1.35 5.55 -27.24
N SER B 113 1.34 4.41 -27.91
CA SER B 113 2.06 3.25 -27.39
C SER B 113 3.56 3.47 -27.40
N ILE B 114 4.05 4.27 -28.34
CA ILE B 114 5.47 4.53 -28.50
C ILE B 114 5.81 6.00 -28.26
N ALA B 115 4.97 6.91 -28.77
CA ALA B 115 5.27 8.33 -28.65
C ALA B 115 5.23 8.80 -27.20
N GLU B 116 4.35 8.20 -26.38
CA GLU B 116 4.24 8.63 -24.99
C GLU B 116 5.39 8.14 -24.12
N PRO B 117 5.74 6.85 -24.11
CA PRO B 117 6.88 6.43 -23.27
C PRO B 117 8.21 7.02 -23.69
N VAL B 118 8.34 7.46 -24.95
CA VAL B 118 9.57 8.15 -25.36
C VAL B 118 9.48 9.65 -25.09
N SER B 119 8.28 10.23 -25.15
CA SER B 119 8.13 11.63 -24.80
C SER B 119 8.30 11.87 -23.30
N HIS B 120 8.06 10.84 -22.49
CA HIS B 120 8.37 10.91 -21.07
C HIS B 120 9.82 10.59 -20.78
N PHE B 121 10.62 10.26 -21.79
CA PHE B 121 12.04 9.96 -21.61
C PHE B 121 12.88 11.23 -21.73
N PHE B 122 12.84 11.89 -22.90
CA PHE B 122 13.62 13.11 -23.07
C PHE B 122 12.92 14.33 -22.47
N ASN B 123 11.65 14.22 -22.11
CA ASN B 123 10.92 15.27 -21.40
C ASN B 123 10.27 14.60 -20.19
N THR B 124 11.03 14.50 -19.11
CA THR B 124 10.59 13.76 -17.94
C THR B 124 9.50 14.51 -17.18
N PRO B 125 8.51 13.80 -16.65
CA PRO B 125 7.51 14.45 -15.78
C PRO B 125 8.14 15.08 -14.56
N ARG B 126 9.14 14.42 -13.99
CA ARG B 126 9.89 14.87 -12.84
C ARG B 126 11.39 14.73 -13.08
N PRO B 127 12.21 15.56 -12.45
CA PRO B 127 13.66 15.50 -12.72
C PRO B 127 14.26 14.20 -12.22
N VAL B 128 15.03 13.55 -13.09
CA VAL B 128 15.81 12.37 -12.76
C VAL B 128 17.20 12.53 -13.35
N ASP B 129 18.14 11.77 -12.80
CA ASP B 129 19.54 11.87 -13.21
C ASP B 129 19.94 10.78 -14.19
N THR B 130 19.79 9.51 -13.80
CA THR B 130 20.17 8.40 -14.67
C THR B 130 19.13 8.18 -15.74
N ASP B 131 19.58 7.66 -16.89
CA ASP B 131 18.66 7.33 -17.98
C ASP B 131 17.76 6.17 -17.59
N ILE B 132 18.27 5.24 -16.77
CA ILE B 132 17.46 4.11 -16.30
C ILE B 132 16.26 4.62 -15.51
N GLU B 133 16.48 5.57 -14.60
CA GLU B 133 15.37 6.14 -13.85
C GLU B 133 14.40 6.85 -14.76
N ALA B 134 14.90 7.51 -15.81
CA ALA B 134 14.02 8.17 -16.77
C ALA B 134 13.13 7.16 -17.48
N ALA B 135 13.69 6.01 -17.89
CA ALA B 135 12.90 4.98 -18.54
C ALA B 135 11.86 4.40 -17.59
N VAL B 136 12.25 4.13 -16.34
CA VAL B 136 11.30 3.60 -15.36
C VAL B 136 10.17 4.60 -15.13
N GLN B 137 10.49 5.88 -15.02
CA GLN B 137 9.47 6.91 -14.82
C GLN B 137 8.55 7.01 -16.04
N ALA B 138 9.11 6.91 -17.24
CA ALA B 138 8.29 6.96 -18.45
C ALA B 138 7.29 5.82 -18.48
N MET B 139 7.77 4.61 -18.17
CA MET B 139 6.88 3.46 -18.13
C MET B 139 5.82 3.61 -17.04
N GLN B 140 6.23 4.13 -15.88
CA GLN B 140 5.29 4.34 -14.78
C GLN B 140 4.19 5.31 -15.18
N PHE B 141 4.54 6.40 -15.85
CA PHE B 141 3.54 7.43 -16.17
C PHE B 141 2.65 7.01 -17.33
N THR B 142 3.19 6.29 -18.32
CA THR B 142 2.29 5.77 -19.35
C THR B 142 1.37 4.70 -18.78
N SER B 143 1.84 3.90 -17.82
CA SER B 143 0.97 2.97 -17.13
C SER B 143 -0.12 3.69 -16.36
N LEU B 144 0.24 4.78 -15.68
CA LEU B 144 -0.76 5.57 -14.97
C LEU B 144 -1.82 6.12 -15.93
N HIS B 145 -1.37 6.62 -17.08
CA HIS B 145 -2.31 7.23 -18.02
C HIS B 145 -3.23 6.19 -18.64
N TRP B 146 -2.73 4.98 -18.89
CA TRP B 146 -3.50 3.97 -19.62
C TRP B 146 -3.94 2.78 -18.77
N GLY B 147 -3.44 2.65 -17.54
CA GLY B 147 -3.67 1.43 -16.80
C GLY B 147 -5.01 1.25 -16.12
N LEU B 148 -5.32 2.08 -15.14
CA LEU B 148 -6.46 1.76 -14.28
C LEU B 148 -7.48 2.88 -14.15
N HIS B 149 -7.03 4.14 -14.14
CA HIS B 149 -7.98 5.24 -13.98
C HIS B 149 -8.92 5.34 -15.18
N ALA B 150 -8.38 5.14 -16.39
CA ALA B 150 -9.23 5.12 -17.58
C ALA B 150 -10.26 4.01 -17.48
N TRP B 151 -9.83 2.81 -17.11
CA TRP B 151 -10.76 1.70 -16.99
C TRP B 151 -11.65 1.84 -15.78
N GLY B 152 -11.20 2.57 -14.75
CA GLY B 152 -12.09 2.88 -13.65
C GLY B 152 -13.25 3.76 -14.07
N ILE B 153 -12.94 4.82 -14.84
CA ILE B 153 -13.99 5.68 -15.37
C ILE B 153 -14.93 4.89 -16.29
N TYR B 154 -14.35 4.09 -17.17
CA TYR B 154 -15.17 3.30 -18.09
C TYR B 154 -16.06 2.32 -17.34
N ALA B 155 -15.52 1.65 -16.32
CA ALA B 155 -16.30 0.71 -15.54
C ALA B 155 -17.43 1.40 -14.80
N MET B 156 -17.16 2.58 -14.22
CA MET B 156 -18.23 3.29 -13.52
C MET B 156 -19.33 3.71 -14.47
N VAL B 157 -18.97 4.27 -15.62
CA VAL B 157 -20.00 4.72 -16.56
C VAL B 157 -20.78 3.53 -17.11
N GLY B 158 -20.07 2.44 -17.45
CA GLY B 158 -20.76 1.27 -17.98
C GLY B 158 -21.65 0.61 -16.94
N LEU B 159 -21.22 0.58 -15.69
CA LEU B 159 -22.05 0.01 -14.63
C LEU B 159 -23.30 0.85 -14.42
N ALA B 160 -23.16 2.17 -14.40
CA ALA B 160 -24.33 3.03 -14.27
C ALA B 160 -25.30 2.81 -15.43
N LEU B 161 -24.77 2.78 -16.66
CA LEU B 161 -25.63 2.61 -17.83
C LEU B 161 -26.32 1.25 -17.82
N ALA B 162 -25.59 0.19 -17.52
CA ALA B 162 -26.16 -1.15 -17.50
C ALA B 162 -27.21 -1.28 -16.39
N PHE B 163 -26.92 -0.75 -15.21
CA PHE B 163 -27.86 -0.85 -14.11
C PHE B 163 -29.14 -0.08 -14.40
N PHE B 164 -29.03 1.10 -14.99
CA PHE B 164 -30.21 1.92 -15.24
C PHE B 164 -30.87 1.62 -16.58
N GLY B 165 -30.30 0.73 -17.39
CA GLY B 165 -30.97 0.31 -18.61
C GLY B 165 -31.44 -1.12 -18.59
N PHE B 166 -30.99 -1.89 -17.59
CA PHE B 166 -31.38 -3.29 -17.43
C PHE B 166 -32.20 -3.54 -16.18
N ASN B 167 -31.73 -3.06 -15.02
CA ASN B 167 -32.44 -3.26 -13.77
C ASN B 167 -33.59 -2.28 -13.56
N ARG B 168 -33.66 -1.20 -14.34
CA ARG B 168 -34.71 -0.21 -14.20
C ARG B 168 -35.53 0.00 -15.47
N LYS B 169 -35.18 -0.67 -16.57
CA LYS B 169 -35.94 -0.60 -17.83
C LYS B 169 -36.09 0.86 -18.30
N LEU B 170 -35.01 1.63 -18.18
CA LEU B 170 -34.95 3.01 -18.62
C LEU B 170 -34.03 3.14 -19.82
N PRO B 171 -34.16 4.20 -20.62
CA PRO B 171 -33.25 4.38 -21.76
C PRO B 171 -31.81 4.49 -21.29
N MET B 172 -30.91 3.93 -22.09
CA MET B 172 -29.48 3.86 -21.73
C MET B 172 -28.74 5.11 -22.18
N THR B 173 -29.27 6.25 -21.75
CA THR B 173 -28.63 7.54 -21.95
C THR B 173 -28.25 8.11 -20.59
N PHE B 174 -27.73 9.34 -20.58
CA PHE B 174 -27.36 9.99 -19.34
C PHE B 174 -28.54 10.67 -18.65
N ARG B 175 -29.72 10.66 -19.29
CA ARG B 175 -30.94 11.09 -18.62
C ARG B 175 -31.24 10.22 -17.41
N SER B 176 -31.24 8.90 -17.61
CA SER B 176 -31.67 7.96 -16.58
C SER B 176 -30.68 7.83 -15.44
N LEU B 177 -29.42 8.24 -15.63
CA LEU B 177 -28.41 8.07 -14.59
C LEU B 177 -28.65 8.98 -13.39
N PHE B 178 -29.46 10.02 -13.54
CA PHE B 178 -29.75 10.95 -12.45
C PHE B 178 -31.19 10.83 -11.97
N TYR B 179 -31.84 9.70 -12.24
CA TYR B 179 -33.18 9.46 -11.72
C TYR B 179 -33.27 9.50 -10.19
N PRO B 180 -32.36 8.88 -9.41
CA PRO B 180 -32.65 8.69 -7.97
C PRO B 180 -32.98 9.95 -7.20
N PHE B 181 -32.29 11.08 -7.46
CA PHE B 181 -32.55 12.29 -6.70
C PHE B 181 -33.08 13.45 -7.54
N TRP B 182 -33.47 13.20 -8.80
CA TRP B 182 -34.20 14.19 -9.58
C TRP B 182 -35.60 13.74 -9.96
N GLY B 183 -35.94 12.47 -9.79
CA GLY B 183 -37.29 12.00 -10.09
C GLY B 183 -37.66 12.25 -11.54
N GLU B 184 -38.86 12.80 -11.73
CA GLU B 184 -39.35 13.09 -13.07
C GLU B 184 -38.83 14.41 -13.62
N ARG B 185 -38.03 15.15 -12.87
CA ARG B 185 -37.49 16.41 -13.35
C ARG B 185 -36.42 16.21 -14.41
N ILE B 186 -35.90 15.00 -14.55
CA ILE B 186 -34.93 14.72 -15.62
C ILE B 186 -35.58 14.79 -17.00
N HIS B 187 -36.90 14.71 -17.07
CA HIS B 187 -37.57 14.62 -18.35
C HIS B 187 -37.66 15.96 -19.07
N GLY B 188 -37.45 17.08 -18.38
CA GLY B 188 -37.51 18.36 -19.04
C GLY B 188 -36.57 19.43 -18.52
N TRP B 189 -35.71 19.93 -19.41
CA TRP B 189 -34.88 21.12 -19.22
C TRP B 189 -33.89 21.00 -18.06
N TRP B 190 -33.84 19.85 -17.39
CA TRP B 190 -32.84 19.64 -16.35
C TRP B 190 -32.00 18.43 -16.70
N GLY B 191 -32.64 17.42 -17.29
CA GLY B 191 -31.91 16.34 -17.92
C GLY B 191 -31.56 16.59 -19.36
N HIS B 192 -32.20 17.59 -19.99
CA HIS B 192 -31.82 17.97 -21.34
C HIS B 192 -30.40 18.50 -21.38
N ILE B 193 -30.01 19.29 -20.38
CA ILE B 193 -28.65 19.81 -20.32
C ILE B 193 -27.66 18.66 -20.18
N ILE B 194 -28.00 17.67 -19.36
CA ILE B 194 -27.11 16.52 -19.18
C ILE B 194 -26.93 15.77 -20.50
N ASP B 195 -28.03 15.54 -21.21
CA ASP B 195 -27.95 14.84 -22.49
C ASP B 195 -27.16 15.65 -23.51
N ILE B 196 -27.35 16.98 -23.53
CA ILE B 196 -26.63 17.82 -24.47
C ILE B 196 -25.14 17.77 -24.19
N LEU B 197 -24.76 17.89 -22.91
CA LEU B 197 -23.35 17.84 -22.55
C LEU B 197 -22.75 16.47 -22.85
N SER B 198 -23.49 15.40 -22.59
CA SER B 198 -22.99 14.06 -22.88
C SER B 198 -22.79 13.86 -24.38
N ALA B 199 -23.76 14.31 -25.19
CA ALA B 199 -23.62 14.19 -26.63
C ALA B 199 -22.44 14.99 -27.15
N LEU B 200 -22.27 16.22 -26.66
CA LEU B 200 -21.13 17.02 -27.10
C LEU B 200 -19.81 16.37 -26.69
N ALA B 201 -19.73 15.87 -25.46
CA ALA B 201 -18.50 15.27 -24.98
C ALA B 201 -18.15 14.02 -25.77
N THR B 202 -19.14 13.16 -26.04
CA THR B 202 -18.84 11.94 -26.79
C THR B 202 -18.53 12.27 -28.24
N VAL B 203 -19.18 13.28 -28.82
CA VAL B 203 -18.87 13.67 -30.19
C VAL B 203 -17.44 14.18 -30.27
N PHE B 204 -17.01 14.98 -29.30
CA PHE B 204 -15.66 15.53 -29.35
C PHE B 204 -14.62 14.45 -29.05
N GLY B 205 -14.95 13.48 -28.18
CA GLY B 205 -14.03 12.37 -27.96
C GLY B 205 -13.85 11.52 -29.21
N LEU B 206 -14.96 11.20 -29.88
CA LEU B 206 -14.87 10.45 -31.14
C LEU B 206 -14.11 11.25 -32.19
N SER B 207 -14.34 12.56 -32.24
CA SER B 207 -13.61 13.39 -33.20
C SER B 207 -12.12 13.42 -32.90
N THR B 208 -11.74 13.44 -31.62
CA THR B 208 -10.33 13.38 -31.27
C THR B 208 -9.72 12.05 -31.68
N SER B 209 -10.43 10.94 -31.45
CA SER B 209 -9.93 9.65 -31.89
C SER B 209 -9.79 9.61 -33.41
N LEU B 210 -10.77 10.16 -34.13
CA LEU B 210 -10.72 10.18 -35.58
C LEU B 210 -9.54 11.02 -36.06
N GLY B 211 -9.30 12.17 -35.42
CA GLY B 211 -8.17 13.00 -35.78
C GLY B 211 -6.84 12.32 -35.53
N LEU B 212 -6.73 11.62 -34.40
CA LEU B 212 -5.52 10.84 -34.12
C LEU B 212 -5.29 9.78 -35.19
N GLY B 213 -6.36 9.07 -35.56
CA GLY B 213 -6.23 8.03 -36.55
C GLY B 213 -5.80 8.56 -37.91
N VAL B 214 -6.43 9.65 -38.36
CA VAL B 214 -6.09 10.21 -39.66
C VAL B 214 -4.70 10.82 -39.64
N ILE B 215 -4.31 11.44 -38.53
CA ILE B 215 -2.97 12.00 -38.40
C ILE B 215 -1.93 10.90 -38.54
N GLN B 216 -2.13 9.78 -37.83
CA GLN B 216 -1.16 8.70 -37.89
C GLN B 216 -1.16 8.04 -39.26
N ILE B 217 -2.32 7.94 -39.91
CA ILE B 217 -2.38 7.35 -41.25
C ILE B 217 -1.59 8.20 -42.24
N THR B 218 -1.80 9.52 -42.22
CA THR B 218 -1.05 10.39 -43.12
C THR B 218 0.44 10.38 -42.81
N ALA B 219 0.80 10.35 -41.52
CA ALA B 219 2.22 10.28 -41.16
C ALA B 219 2.85 8.99 -41.66
N GLY B 220 2.15 7.88 -41.52
CA GLY B 220 2.68 6.61 -42.01
C GLY B 220 2.81 6.58 -43.52
N LEU B 221 1.82 7.12 -44.23
CA LEU B 221 1.92 7.20 -45.68
C LEU B 221 3.10 8.06 -46.11
N GLU B 222 3.28 9.21 -45.45
CA GLU B 222 4.41 10.09 -45.77
C GLU B 222 5.74 9.40 -45.48
N TYR B 223 5.84 8.68 -44.36
CA TYR B 223 7.08 8.01 -44.01
C TYR B 223 7.39 6.88 -44.99
N LEU B 224 6.37 6.09 -45.37
CA LEU B 224 6.61 4.93 -46.21
C LEU B 224 6.91 5.34 -47.65
N TYR B 225 6.15 6.29 -48.19
CA TYR B 225 6.18 6.58 -49.62
C TYR B 225 6.72 7.96 -49.96
N GLY B 226 7.12 8.75 -48.96
CA GLY B 226 7.64 10.07 -49.24
C GLY B 226 6.64 11.02 -49.84
N TRP B 227 5.35 10.75 -49.68
CA TRP B 227 4.31 11.58 -50.27
C TRP B 227 4.19 12.90 -49.53
N GLU B 228 3.65 13.90 -50.23
CA GLU B 228 3.33 15.19 -49.65
C GLU B 228 1.82 15.32 -49.61
N ILE B 229 1.25 15.30 -48.42
CA ILE B 229 -0.19 15.31 -48.21
C ILE B 229 -0.58 16.67 -47.67
N SER B 230 -1.28 17.46 -48.48
CA SER B 230 -1.86 18.71 -48.06
C SER B 230 -3.11 18.43 -47.22
N PRO B 231 -3.53 19.40 -46.39
CA PRO B 231 -4.77 19.20 -45.63
C PRO B 231 -5.97 18.90 -46.51
N MET B 232 -5.96 19.29 -47.78
CA MET B 232 -7.02 18.90 -48.69
C MET B 232 -7.10 17.39 -48.84
N MET B 233 -5.95 16.73 -48.98
CA MET B 233 -5.97 15.27 -49.07
C MET B 233 -6.31 14.64 -47.73
N GLN B 234 -5.99 15.30 -46.61
CA GLN B 234 -6.44 14.82 -45.32
C GLN B 234 -7.97 14.83 -45.24
N ALA B 235 -8.59 15.93 -45.69
CA ALA B 235 -10.04 16.01 -45.74
C ALA B 235 -10.61 14.95 -46.69
N GLY B 236 -9.95 14.73 -47.82
CA GLY B 236 -10.38 13.69 -48.74
C GLY B 236 -10.35 12.31 -48.12
N ILE B 237 -9.29 12.00 -47.38
CA ILE B 237 -9.19 10.72 -46.70
C ILE B 237 -10.30 10.59 -45.65
N ILE B 238 -10.53 11.66 -44.88
CA ILE B 238 -11.57 11.64 -43.86
C ILE B 238 -12.92 11.35 -44.52
N LEU B 239 -13.22 12.06 -45.60
CA LEU B 239 -14.50 11.89 -46.29
C LEU B 239 -14.61 10.50 -46.90
N PHE B 240 -13.52 9.97 -47.45
CA PHE B 240 -13.55 8.63 -48.02
C PHE B 240 -13.86 7.58 -46.96
N VAL B 241 -13.21 7.69 -45.80
CA VAL B 241 -13.44 6.71 -44.74
C VAL B 241 -14.88 6.81 -44.22
N ILE B 242 -15.36 8.04 -44.00
CA ILE B 242 -16.72 8.21 -43.53
C ILE B 242 -17.73 7.74 -44.58
N GLY B 243 -17.42 7.92 -45.86
CA GLY B 243 -18.27 7.42 -46.91
C GLY B 243 -18.32 5.89 -46.93
N ILE B 244 -17.18 5.25 -46.69
CA ILE B 244 -17.16 3.80 -46.57
C ILE B 244 -18.04 3.36 -45.41
N ALA B 245 -17.94 4.07 -44.28
CA ALA B 245 -18.74 3.72 -43.11
C ALA B 245 -20.24 3.85 -43.40
N THR B 246 -20.64 4.96 -44.02
CA THR B 246 -22.06 5.15 -44.29
C THR B 246 -22.55 4.22 -45.40
N ILE B 247 -21.69 3.84 -46.33
CA ILE B 247 -22.05 2.84 -47.32
C ILE B 247 -22.31 1.50 -46.65
N SER B 248 -21.46 1.13 -45.68
CA SER B 248 -21.70 -0.09 -44.92
C SER B 248 -23.00 -0.02 -44.14
N VAL B 249 -23.29 1.15 -43.56
CA VAL B 249 -24.52 1.31 -42.78
C VAL B 249 -25.75 1.21 -43.69
N PHE B 250 -25.67 1.78 -44.89
CA PHE B 250 -26.85 1.84 -45.76
C PHE B 250 -27.05 0.52 -46.51
N SER B 251 -26.07 0.11 -47.31
CA SER B 251 -26.24 -1.02 -48.21
C SER B 251 -25.65 -2.26 -47.58
N GLY B 252 -24.41 -2.22 -47.09
CA GLY B 252 -23.76 -3.42 -46.60
C GLY B 252 -24.47 -4.10 -45.44
N LEU B 253 -24.42 -3.50 -44.26
CA LEU B 253 -25.15 -3.95 -43.07
C LEU B 253 -24.74 -5.36 -42.64
N ASP B 254 -25.09 -5.77 -41.43
CA ASP B 254 -25.59 -5.00 -40.29
C ASP B 254 -24.84 -5.40 -39.03
N LYS B 255 -24.37 -6.64 -39.02
CA LYS B 255 -23.68 -7.24 -37.88
C LYS B 255 -22.17 -7.30 -38.09
N GLY B 256 -21.68 -6.79 -39.22
CA GLY B 256 -20.25 -6.86 -39.50
C GLY B 256 -19.40 -6.07 -38.54
N VAL B 257 -20.02 -5.17 -37.78
CA VAL B 257 -19.30 -4.37 -36.78
C VAL B 257 -18.69 -5.30 -35.74
N LYS B 258 -19.47 -6.27 -35.26
CA LYS B 258 -18.92 -7.27 -34.36
C LYS B 258 -17.89 -8.15 -35.06
N ILE B 259 -18.16 -8.51 -36.33
CA ILE B 259 -17.18 -9.26 -37.10
C ILE B 259 -15.92 -8.42 -37.29
N LEU B 260 -16.07 -7.14 -37.63
CA LEU B 260 -14.92 -6.26 -37.75
C LEU B 260 -14.24 -6.06 -36.40
N SER B 261 -15.01 -6.03 -35.31
CA SER B 261 -14.40 -5.92 -33.99
C SER B 261 -13.53 -7.13 -33.67
N ASN B 262 -14.03 -8.34 -33.98
CA ASN B 262 -13.24 -9.54 -33.77
C ASN B 262 -12.01 -9.57 -34.66
N ALA B 263 -12.16 -9.14 -35.92
CA ALA B 263 -11.01 -9.07 -36.81
C ALA B 263 -9.97 -8.09 -36.30
N ASN B 264 -10.42 -6.94 -35.78
CA ASN B 264 -9.50 -5.97 -35.21
C ASN B 264 -8.78 -6.53 -34.00
N MET B 265 -9.51 -7.22 -33.12
CA MET B 265 -8.88 -7.82 -31.95
C MET B 265 -7.85 -8.86 -32.35
N TYR B 266 -8.18 -9.70 -33.32
CA TYR B 266 -7.24 -10.72 -33.78
C TYR B 266 -6.01 -10.10 -34.42
N ILE B 267 -6.20 -9.07 -35.25
CA ILE B 267 -5.08 -8.43 -35.92
C ILE B 267 -4.19 -7.70 -34.92
N ALA B 268 -4.80 -7.03 -33.94
CA ALA B 268 -4.03 -6.34 -32.92
C ALA B 268 -3.25 -7.32 -32.06
N ALA B 269 -3.87 -8.44 -31.70
CA ALA B 269 -3.17 -9.47 -30.93
C ALA B 269 -2.02 -10.07 -31.73
N SER B 270 -2.23 -10.30 -33.02
CA SER B 270 -1.16 -10.83 -33.86
C SER B 270 -0.03 -9.82 -34.00
N PHE B 271 -0.36 -8.54 -34.16
CA PHE B 271 0.67 -7.51 -34.24
C PHE B 271 1.47 -7.42 -32.95
N MET B 272 0.77 -7.44 -31.81
CA MET B 272 1.45 -7.41 -30.52
C MET B 272 2.34 -8.63 -30.32
N LEU B 273 1.85 -9.82 -30.70
CA LEU B 273 2.65 -11.03 -30.57
C LEU B 273 3.86 -10.98 -31.48
N LEU B 274 3.71 -10.46 -32.71
CA LEU B 274 4.82 -10.37 -33.62
C LEU B 274 5.89 -9.41 -33.11
N ILE B 275 5.46 -8.27 -32.54
CA ILE B 275 6.42 -7.34 -31.96
C ILE B 275 7.09 -7.97 -30.73
N PHE B 276 6.32 -8.73 -29.95
CA PHE B 276 6.86 -9.40 -28.78
C PHE B 276 7.91 -10.44 -29.15
N ILE B 277 7.69 -11.15 -30.26
CA ILE B 277 8.60 -12.23 -30.64
C ILE B 277 9.82 -11.67 -31.37
N LEU B 278 9.60 -10.85 -32.41
CA LEU B 278 10.72 -10.38 -33.22
C LEU B 278 11.63 -9.45 -32.42
N GLY B 279 11.06 -8.59 -31.59
CA GLY B 279 11.85 -7.73 -30.74
C GLY B 279 12.37 -8.47 -29.54
N PRO B 280 12.70 -7.75 -28.46
CA PRO B 280 13.06 -8.42 -27.22
C PRO B 280 11.91 -9.26 -26.71
N THR B 281 12.25 -10.42 -26.15
CA THR B 281 11.25 -11.32 -25.59
C THR B 281 11.42 -11.53 -24.10
N LEU B 282 12.65 -11.75 -23.65
CA LEU B 282 12.90 -11.82 -22.21
C LEU B 282 12.82 -10.43 -21.58
N PHE B 283 13.36 -9.43 -22.27
CA PHE B 283 13.31 -8.07 -21.75
C PHE B 283 11.88 -7.59 -21.60
N ILE B 284 11.02 -7.90 -22.57
CA ILE B 284 9.63 -7.44 -22.49
C ILE B 284 8.92 -8.07 -21.30
N MET B 285 9.12 -9.36 -21.06
CA MET B 285 8.46 -10.02 -19.94
C MET B 285 8.98 -9.50 -18.61
N LYS B 286 10.31 -9.39 -18.48
CA LYS B 286 10.89 -8.85 -17.25
C LYS B 286 10.39 -7.43 -17.00
N GLY B 287 10.41 -6.59 -18.03
CA GLY B 287 9.95 -5.22 -17.88
C GLY B 287 8.46 -5.14 -17.59
N TYR B 288 7.67 -6.04 -18.16
CA TYR B 288 6.25 -6.06 -17.87
C TYR B 288 6.01 -6.33 -16.39
N VAL B 289 6.64 -7.37 -15.86
CA VAL B 289 6.46 -7.70 -14.45
C VAL B 289 6.95 -6.55 -13.57
N GLU B 290 8.16 -6.05 -13.85
CA GLU B 290 8.75 -5.03 -13.00
C GLU B 290 7.99 -3.71 -13.07
N ASN B 291 7.54 -3.32 -14.27
CA ASN B 291 6.84 -2.06 -14.44
C ASN B 291 5.44 -2.12 -13.86
N THR B 292 4.76 -3.26 -14.00
CA THR B 292 3.46 -3.40 -13.34
C THR B 292 3.62 -3.35 -11.82
N GLY B 293 4.67 -3.98 -11.30
CA GLY B 293 4.92 -3.89 -9.86
C GLY B 293 5.23 -2.49 -9.40
N ALA B 294 6.03 -1.76 -10.17
CA ALA B 294 6.36 -0.37 -9.82
C ALA B 294 5.13 0.53 -9.92
N TYR B 295 4.29 0.30 -10.93
CA TYR B 295 3.06 1.06 -11.07
C TYR B 295 2.12 0.82 -9.90
N LEU B 296 2.01 -0.44 -9.46
CA LEU B 296 1.17 -0.76 -8.32
C LEU B 296 1.82 -0.41 -6.98
N ALA B 297 3.11 -0.12 -6.97
CA ALA B 297 3.81 0.26 -5.74
C ALA B 297 3.74 1.76 -5.49
N ASN B 298 3.97 2.58 -6.51
CA ASN B 298 3.86 4.03 -6.42
C ASN B 298 2.54 4.53 -6.97
N PHE B 299 1.47 3.75 -6.78
CA PHE B 299 0.17 4.10 -7.36
C PHE B 299 -0.36 5.41 -6.77
N ILE B 300 -0.42 5.49 -5.44
CA ILE B 300 -0.94 6.69 -4.80
C ILE B 300 0.02 7.87 -4.96
N ASP B 301 1.29 7.60 -5.23
CA ASP B 301 2.25 8.68 -5.40
C ASP B 301 2.09 9.38 -6.74
N ILE B 302 1.78 8.64 -7.80
CA ILE B 302 1.71 9.22 -9.14
C ILE B 302 0.28 9.61 -9.48
N SER B 303 -0.70 8.88 -8.93
CA SER B 303 -2.10 9.18 -9.24
C SER B 303 -2.50 10.54 -8.68
N THR B 304 -2.05 10.86 -7.47
CA THR B 304 -2.38 12.12 -6.82
C THR B 304 -1.36 13.21 -7.06
N TRP B 305 -0.27 12.92 -7.76
CA TRP B 305 0.75 13.91 -8.03
C TRP B 305 0.18 15.04 -8.88
N ASN B 306 0.45 16.28 -8.48
CA ASN B 306 -0.13 17.45 -9.12
C ASN B 306 0.90 18.44 -9.64
N ASP B 307 2.19 18.15 -9.52
CA ASP B 307 3.25 19.04 -10.01
C ASP B 307 3.11 20.45 -9.41
N THR B 308 2.86 20.51 -8.11
CA THR B 308 2.58 21.79 -7.46
C THR B 308 3.83 22.53 -7.02
N TYR B 309 4.87 21.81 -6.58
CA TYR B 309 6.08 22.47 -6.10
C TYR B 309 7.03 22.88 -7.22
N LEU B 310 6.92 22.28 -8.41
CA LEU B 310 7.78 22.62 -9.54
C LEU B 310 7.11 23.52 -10.56
N GLY B 311 5.83 23.30 -10.83
CA GLY B 311 5.12 24.13 -11.80
C GLY B 311 5.68 24.04 -13.21
N SER B 312 6.08 22.85 -13.63
CA SER B 312 6.67 22.68 -14.95
C SER B 312 5.64 22.79 -16.07
N GLY B 313 4.36 22.61 -15.76
CA GLY B 313 3.34 22.62 -16.79
C GLY B 313 3.28 21.35 -17.62
N TRP B 314 3.99 20.30 -17.21
CA TRP B 314 3.98 19.06 -17.97
C TRP B 314 2.63 18.37 -17.94
N GLN B 315 1.89 18.52 -16.83
CA GLN B 315 0.61 17.84 -16.69
C GLN B 315 -0.47 18.43 -17.59
N ASN B 316 -0.29 19.66 -18.07
CA ASN B 316 -1.31 20.31 -18.88
C ASN B 316 -1.49 19.68 -20.26
N VAL B 317 -0.58 18.82 -20.68
CA VAL B 317 -0.62 18.28 -22.04
C VAL B 317 -0.71 16.76 -22.00
N TRP B 318 -0.27 16.15 -20.89
CA TRP B 318 -0.21 14.69 -20.80
C TRP B 318 -1.22 14.10 -19.82
N THR B 319 -1.17 14.48 -18.55
CA THR B 319 -1.99 13.79 -17.56
C THR B 319 -3.39 14.36 -17.49
N ILE B 320 -3.50 15.68 -17.33
CA ILE B 320 -4.82 16.31 -17.27
C ILE B 320 -5.56 16.11 -18.58
N PHE B 321 -4.82 16.16 -19.70
CA PHE B 321 -5.45 15.89 -21.00
C PHE B 321 -6.00 14.47 -21.05
N TYR B 322 -5.26 13.50 -20.53
CA TYR B 322 -5.73 12.12 -20.55
C TYR B 322 -6.97 11.95 -19.67
N TRP B 323 -6.97 12.54 -18.48
CA TRP B 323 -8.13 12.45 -17.61
C TRP B 323 -9.35 13.10 -18.26
N ALA B 324 -9.17 14.28 -18.84
CA ALA B 324 -10.26 14.96 -19.52
C ALA B 324 -10.76 14.14 -20.70
N TRP B 325 -9.85 13.49 -21.43
CA TRP B 325 -10.24 12.67 -22.57
C TRP B 325 -11.08 11.48 -22.12
N TRP B 326 -10.58 10.73 -21.13
CA TRP B 326 -11.32 9.58 -20.63
C TRP B 326 -12.71 10.00 -20.15
N ILE B 327 -12.77 11.08 -19.36
CA ILE B 327 -14.06 11.54 -18.84
C ILE B 327 -14.97 11.95 -20.00
N ALA B 328 -14.42 12.65 -21.00
CA ALA B 328 -15.25 13.19 -22.07
C ALA B 328 -15.85 12.10 -22.94
N TRP B 329 -15.05 11.13 -23.35
CA TRP B 329 -15.58 10.11 -24.26
C TRP B 329 -15.99 8.86 -23.51
N SER B 330 -16.06 8.94 -22.17
CA SER B 330 -16.59 7.83 -21.39
C SER B 330 -18.00 7.39 -21.75
N PRO B 331 -18.95 8.26 -22.12
CA PRO B 331 -20.27 7.75 -22.53
C PRO B 331 -20.18 6.73 -23.66
N PHE B 332 -19.33 6.98 -24.66
CA PHE B 332 -19.24 6.07 -25.81
C PHE B 332 -18.69 4.71 -25.39
N VAL B 333 -17.63 4.69 -24.59
CA VAL B 333 -17.05 3.42 -24.17
C VAL B 333 -17.98 2.70 -23.22
N GLY B 334 -18.58 3.43 -22.27
CA GLY B 334 -19.47 2.82 -21.31
C GLY B 334 -20.73 2.26 -21.93
N SER B 335 -21.21 2.86 -23.02
CA SER B 335 -22.40 2.32 -23.69
C SER B 335 -22.16 0.89 -24.15
N PHE B 336 -21.10 0.65 -24.92
CA PHE B 336 -20.78 -0.69 -25.39
C PHE B 336 -20.20 -1.59 -24.31
N ILE B 337 -19.69 -1.03 -23.22
CA ILE B 337 -19.35 -1.87 -22.07
C ILE B 337 -20.62 -2.41 -21.43
N ALA B 338 -21.68 -1.60 -21.40
CA ALA B 338 -22.95 -2.03 -20.80
C ALA B 338 -23.73 -2.95 -21.73
N ARG B 339 -23.67 -2.73 -23.04
CA ARG B 339 -24.41 -3.57 -23.97
C ARG B 339 -23.95 -5.03 -23.86
N ILE B 340 -22.64 -5.24 -23.79
CA ILE B 340 -22.05 -6.57 -23.83
C ILE B 340 -21.97 -7.17 -22.42
N SER B 341 -22.58 -6.50 -21.45
CA SER B 341 -22.58 -6.96 -20.05
C SER B 341 -24.01 -6.98 -19.53
N LYS B 342 -24.69 -8.11 -19.71
CA LYS B 342 -26.01 -8.34 -19.13
C LYS B 342 -26.00 -9.69 -18.43
N GLY B 343 -26.56 -9.73 -17.23
CA GLY B 343 -26.56 -10.96 -16.45
C GLY B 343 -25.28 -11.21 -15.68
N ARG B 344 -24.42 -10.22 -15.51
CA ARG B 344 -23.20 -10.33 -14.74
C ARG B 344 -23.29 -9.45 -13.51
N THR B 345 -22.90 -10.00 -12.36
CA THR B 345 -23.01 -9.26 -11.12
C THR B 345 -22.07 -8.05 -11.12
N VAL B 346 -22.36 -7.11 -10.22
CA VAL B 346 -21.61 -5.86 -10.18
C VAL B 346 -20.13 -6.12 -9.87
N LYS B 347 -19.86 -6.99 -8.89
CA LYS B 347 -18.47 -7.27 -8.53
C LYS B 347 -17.71 -7.87 -9.71
N GLU B 348 -18.29 -8.88 -10.35
CA GLU B 348 -17.64 -9.52 -11.49
C GLU B 348 -17.46 -8.53 -12.63
N PHE B 349 -18.47 -7.70 -12.89
CA PHE B 349 -18.38 -6.72 -13.97
C PHE B 349 -17.25 -5.73 -13.73
N VAL B 350 -17.20 -5.16 -12.53
CA VAL B 350 -16.17 -4.17 -12.23
C VAL B 350 -14.79 -4.79 -12.24
N LEU B 351 -14.65 -5.98 -11.66
CA LEU B 351 -13.34 -6.64 -11.65
C LEU B 351 -12.91 -7.09 -13.04
N GLY B 352 -13.87 -7.35 -13.93
CA GLY B 352 -13.52 -7.75 -15.28
C GLY B 352 -13.32 -6.60 -16.25
N VAL B 353 -13.80 -5.41 -15.92
CA VAL B 353 -13.54 -4.23 -16.73
C VAL B 353 -12.29 -3.50 -16.25
N LEU B 354 -12.07 -3.45 -14.94
CA LEU B 354 -10.93 -2.72 -14.39
C LEU B 354 -9.62 -3.48 -14.62
N ILE B 355 -9.62 -4.79 -14.38
CA ILE B 355 -8.37 -5.54 -14.28
C ILE B 355 -7.89 -6.02 -15.64
N VAL B 356 -8.67 -6.87 -16.29
CA VAL B 356 -8.23 -7.56 -17.50
C VAL B 356 -7.95 -6.57 -18.64
N PRO B 357 -8.87 -5.65 -18.98
CA PRO B 357 -8.51 -4.66 -20.01
C PRO B 357 -7.32 -3.80 -19.61
N GLY B 358 -7.22 -3.44 -18.32
CA GLY B 358 -6.06 -2.70 -17.86
C GLY B 358 -4.78 -3.49 -17.99
N LEU B 359 -4.83 -4.78 -17.64
CA LEU B 359 -3.64 -5.63 -17.77
C LEU B 359 -3.22 -5.77 -19.23
N ILE B 360 -4.17 -5.95 -20.13
CA ILE B 360 -3.84 -6.08 -21.55
C ILE B 360 -3.31 -4.77 -22.10
N THR B 361 -3.87 -3.63 -21.68
CA THR B 361 -3.36 -2.35 -22.11
C THR B 361 -1.93 -2.14 -21.61
N LEU B 362 -1.66 -2.50 -20.36
CA LEU B 362 -0.31 -2.37 -19.82
C LEU B 362 0.65 -3.29 -20.54
N LEU B 363 0.20 -4.49 -20.92
CA LEU B 363 1.05 -5.41 -21.66
C LEU B 363 1.36 -4.88 -23.05
N TRP B 364 0.38 -4.25 -23.71
CA TRP B 364 0.64 -3.61 -25.00
C TRP B 364 1.64 -2.46 -24.84
N MET B 365 1.44 -1.62 -23.82
CA MET B 365 2.41 -0.55 -23.56
C MET B 365 3.80 -1.10 -23.33
N ASN B 366 3.92 -2.19 -22.57
CA ASN B 366 5.23 -2.78 -22.38
C ASN B 366 5.81 -3.26 -23.71
N VAL B 367 5.05 -4.08 -24.44
CA VAL B 367 5.54 -4.70 -25.67
C VAL B 367 6.04 -3.64 -26.64
N PHE B 368 5.36 -2.49 -26.72
CA PHE B 368 5.76 -1.48 -27.69
C PHE B 368 6.72 -0.45 -27.08
N GLY B 369 6.25 0.28 -26.06
CA GLY B 369 7.07 1.34 -25.49
C GLY B 369 8.32 0.85 -24.78
N GLY B 370 8.21 -0.24 -24.03
CA GLY B 370 9.40 -0.77 -23.38
C GLY B 370 10.42 -1.30 -24.36
N SER B 371 9.96 -1.86 -25.48
CA SER B 371 10.89 -2.25 -26.55
C SER B 371 11.56 -1.01 -27.14
N ALA B 372 10.79 0.07 -27.35
CA ALA B 372 11.37 1.31 -27.83
C ALA B 372 12.40 1.86 -26.85
N LEU B 373 12.10 1.77 -25.55
CA LEU B 373 13.03 2.25 -24.53
C LEU B 373 14.26 1.37 -24.44
N HIS B 374 14.11 0.06 -24.69
CA HIS B 374 15.27 -0.81 -24.77
C HIS B 374 16.16 -0.43 -25.94
N THR B 375 15.56 -0.13 -27.09
CA THR B 375 16.35 0.33 -28.23
C THR B 375 17.05 1.65 -27.93
N ILE B 376 16.36 2.57 -27.25
CA ILE B 376 16.94 3.87 -26.94
C ILE B 376 18.09 3.71 -25.94
N LEU B 377 17.88 2.91 -24.90
CA LEU B 377 18.89 2.73 -23.86
C LEU B 377 20.13 2.03 -24.37
N SER B 378 20.04 1.30 -25.48
CA SER B 378 21.20 0.67 -26.09
C SER B 378 21.85 1.57 -27.13
N GLY B 379 22.08 2.82 -26.76
CA GLY B 379 22.80 3.76 -27.59
C GLY B 379 22.15 4.17 -28.89
N ASP B 380 21.02 3.53 -29.24
CA ASP B 380 20.35 3.80 -30.52
C ASP B 380 19.27 4.85 -30.25
N VAL B 381 19.71 6.09 -30.16
CA VAL B 381 18.81 7.23 -29.93
C VAL B 381 18.43 7.77 -31.31
N THR B 382 17.42 7.16 -31.92
CA THR B 382 16.86 7.66 -33.17
C THR B 382 15.36 7.87 -33.13
N MET B 383 14.64 7.24 -32.20
CA MET B 383 13.23 7.57 -32.01
C MET B 383 13.07 8.90 -31.29
N ILE B 384 14.06 9.29 -30.47
CA ILE B 384 13.97 10.55 -29.75
C ILE B 384 13.94 11.73 -30.71
N ALA B 385 14.85 11.73 -31.70
CA ALA B 385 14.87 12.83 -32.66
C ALA B 385 13.59 12.87 -33.49
N ALA B 386 13.12 11.70 -33.95
CA ALA B 386 11.90 11.67 -34.75
C ALA B 386 10.70 12.16 -33.95
N VAL B 387 10.57 11.73 -32.70
CA VAL B 387 9.44 12.15 -31.87
C VAL B 387 9.53 13.63 -31.55
N LYS B 388 10.76 14.13 -31.32
CA LYS B 388 10.94 15.57 -31.13
C LYS B 388 10.50 16.35 -32.37
N ALA B 389 10.82 15.83 -33.56
CA ALA B 389 10.32 16.45 -34.79
C ALA B 389 8.80 16.33 -34.87
N ASP B 390 8.27 15.12 -34.72
CA ASP B 390 6.83 14.89 -34.73
C ASP B 390 6.51 13.55 -34.06
N VAL B 391 5.40 13.52 -33.32
CA VAL B 391 5.03 12.30 -32.58
C VAL B 391 4.18 11.35 -33.40
N SER B 392 3.72 11.75 -34.58
CA SER B 392 2.83 10.90 -35.36
C SER B 392 3.55 9.75 -36.04
N THR B 393 4.83 9.92 -36.37
CA THR B 393 5.61 8.87 -37.00
C THR B 393 6.42 8.04 -36.02
N ALA B 394 6.10 8.10 -34.72
CA ALA B 394 6.87 7.37 -33.73
C ALA B 394 6.79 5.87 -33.96
N LEU B 395 5.58 5.36 -34.24
CA LEU B 395 5.41 3.93 -34.46
C LEU B 395 6.10 3.46 -35.73
N PHE B 396 6.06 4.29 -36.79
CA PHE B 396 6.67 3.92 -38.05
C PHE B 396 8.19 4.01 -38.02
N VAL B 397 8.75 4.89 -37.18
CA VAL B 397 10.17 4.84 -36.90
C VAL B 397 10.53 3.63 -36.03
N PHE B 398 9.64 3.25 -35.11
CA PHE B 398 9.89 2.09 -34.26
C PHE B 398 9.97 0.81 -35.08
N LEU B 399 9.12 0.65 -36.08
CA LEU B 399 9.13 -0.54 -36.92
C LEU B 399 10.27 -0.54 -37.91
N GLU B 400 11.05 0.54 -38.00
CA GLU B 400 12.17 0.59 -38.93
C GLU B 400 13.24 -0.44 -38.58
N ASN B 401 13.50 -0.65 -37.29
CA ASN B 401 14.53 -1.58 -36.84
C ASN B 401 13.97 -2.96 -36.52
N PHE B 402 12.92 -3.39 -37.22
CA PHE B 402 12.34 -4.71 -37.11
C PHE B 402 12.35 -5.39 -38.47
N PRO B 403 12.40 -6.72 -38.51
CA PRO B 403 12.21 -7.43 -39.77
C PRO B 403 10.81 -7.20 -40.31
N PHE B 404 10.69 -7.23 -41.63
CA PHE B 404 9.44 -6.95 -42.33
C PHE B 404 8.89 -5.57 -41.93
N THR B 405 9.75 -4.55 -42.07
CA THR B 405 9.37 -3.20 -41.68
C THR B 405 8.19 -2.69 -42.52
N LYS B 406 8.26 -2.87 -43.83
CA LYS B 406 7.17 -2.41 -44.69
C LYS B 406 5.89 -3.16 -44.43
N PHE B 407 5.97 -4.49 -44.25
CA PHE B 407 4.77 -5.28 -43.99
C PHE B 407 4.14 -4.90 -42.65
N LEU B 408 4.97 -4.72 -41.62
CA LEU B 408 4.44 -4.33 -40.31
C LEU B 408 3.83 -2.93 -40.36
N SER B 409 4.46 -2.02 -41.10
CA SER B 409 3.91 -0.68 -41.25
C SER B 409 2.58 -0.70 -41.96
N ILE B 410 2.46 -1.50 -43.02
CA ILE B 410 1.19 -1.60 -43.74
C ILE B 410 0.12 -2.24 -42.86
N VAL B 411 0.50 -3.25 -42.08
CA VAL B 411 -0.45 -3.87 -41.15
C VAL B 411 -0.92 -2.86 -40.11
N ALA B 412 -0.01 -2.03 -39.59
CA ALA B 412 -0.40 -1.01 -38.62
C ALA B 412 -1.34 0.02 -39.26
N ILE B 413 -1.06 0.42 -40.50
CA ILE B 413 -1.93 1.37 -41.18
C ILE B 413 -3.32 0.77 -41.39
N ILE B 414 -3.38 -0.49 -41.81
CA ILE B 414 -4.67 -1.15 -42.00
C ILE B 414 -5.41 -1.28 -40.68
N LEU B 415 -4.69 -1.61 -39.61
CA LEU B 415 -5.31 -1.72 -38.29
C LEU B 415 -5.88 -0.38 -37.84
N ILE B 416 -5.13 0.70 -38.06
CA ILE B 416 -5.62 2.03 -37.68
C ILE B 416 -6.85 2.40 -38.50
N PHE B 417 -6.82 2.08 -39.80
CA PHE B 417 -7.96 2.39 -40.67
C PHE B 417 -9.21 1.61 -40.25
N SER B 418 -9.04 0.33 -39.90
CA SER B 418 -10.19 -0.46 -39.47
C SER B 418 -10.69 -0.02 -38.10
N PHE B 419 -9.78 0.37 -37.21
CA PHE B 419 -10.18 0.96 -35.94
C PHE B 419 -10.94 2.26 -36.15
N PHE B 420 -10.51 3.05 -37.13
CA PHE B 420 -11.24 4.24 -37.55
C PHE B 420 -12.67 3.91 -37.94
N ILE B 421 -12.84 2.93 -38.83
CA ILE B 421 -14.18 2.55 -39.29
C ILE B 421 -15.02 2.08 -38.11
N THR B 422 -14.46 1.21 -37.28
CA THR B 422 -15.20 0.67 -36.14
C THR B 422 -15.60 1.77 -35.17
N SER B 423 -14.67 2.69 -34.86
CA SER B 423 -14.97 3.76 -33.93
C SER B 423 -16.04 4.68 -34.48
N SER B 424 -15.99 5.02 -35.76
CA SER B 424 -17.03 5.85 -36.35
C SER B 424 -18.38 5.17 -36.28
N ASP B 425 -18.47 3.93 -36.75
CA ASP B 425 -19.72 3.20 -36.76
C ASP B 425 -20.22 2.87 -35.37
N SER B 426 -19.35 2.91 -34.37
CA SER B 426 -19.70 2.60 -32.99
C SER B 426 -20.19 3.84 -32.25
N GLY B 427 -19.48 4.97 -32.41
CA GLY B 427 -19.89 6.20 -31.78
C GLY B 427 -21.09 6.84 -32.43
N SER B 428 -21.34 6.56 -33.71
CA SER B 428 -22.56 7.05 -34.33
C SER B 428 -23.79 6.50 -33.62
N LEU B 429 -23.74 5.23 -33.22
CA LEU B 429 -24.86 4.63 -32.49
C LEU B 429 -25.12 5.36 -31.18
N VAL B 430 -24.07 5.61 -30.41
CA VAL B 430 -24.24 6.26 -29.11
C VAL B 430 -24.77 7.67 -29.29
N VAL B 431 -24.20 8.42 -30.23
CA VAL B 431 -24.66 9.79 -30.43
C VAL B 431 -26.10 9.82 -30.89
N ASP B 432 -26.48 8.94 -31.83
CA ASP B 432 -27.86 8.90 -32.31
C ASP B 432 -28.83 8.51 -31.20
N ASN B 433 -28.47 7.52 -30.38
CA ASN B 433 -29.36 7.10 -29.30
C ASN B 433 -29.51 8.20 -28.25
N ILE B 434 -28.42 8.89 -27.91
CA ILE B 434 -28.49 9.95 -26.93
C ILE B 434 -29.31 11.13 -27.44
N THR B 435 -29.09 11.51 -28.71
CA THR B 435 -29.74 12.67 -29.27
C THR B 435 -31.22 12.45 -29.61
N SER B 436 -31.60 11.23 -30.02
CA SER B 436 -32.97 10.96 -30.43
C SER B 436 -33.72 10.06 -29.45
N GLY B 437 -33.13 9.75 -28.30
CA GLY B 437 -33.80 8.87 -27.36
C GLY B 437 -33.97 7.48 -27.91
N SER B 438 -35.04 6.81 -27.46
CA SER B 438 -35.39 5.45 -27.90
C SER B 438 -34.25 4.48 -27.66
N ASN B 439 -34.26 3.35 -28.38
CA ASN B 439 -33.23 2.33 -28.22
C ASN B 439 -32.75 1.80 -29.57
N GLY B 440 -32.91 2.59 -30.63
CA GLY B 440 -32.45 2.19 -31.94
C GLY B 440 -33.54 2.18 -32.99
N GLU B 441 -34.61 2.94 -32.76
CA GLU B 441 -35.70 3.08 -33.73
C GLU B 441 -35.48 4.22 -34.69
N SER B 442 -34.42 5.00 -34.53
CA SER B 442 -34.17 6.14 -35.40
C SER B 442 -33.78 5.67 -36.80
N PRO B 443 -34.08 6.45 -37.82
CA PRO B 443 -33.71 6.08 -39.18
C PRO B 443 -32.20 6.15 -39.39
N VAL B 444 -31.73 5.42 -40.41
CA VAL B 444 -30.30 5.34 -40.68
C VAL B 444 -29.75 6.67 -41.16
N TRP B 445 -30.58 7.50 -41.80
CA TRP B 445 -30.10 8.77 -42.33
C TRP B 445 -29.61 9.69 -41.21
N GLN B 446 -30.28 9.67 -40.06
CA GLN B 446 -29.82 10.46 -38.92
C GLN B 446 -28.48 9.95 -38.42
N ARG B 447 -28.29 8.62 -38.41
CA ARG B 447 -27.03 8.04 -37.99
C ARG B 447 -25.89 8.47 -38.91
N VAL B 448 -26.11 8.41 -40.22
CA VAL B 448 -25.06 8.79 -41.15
C VAL B 448 -24.83 10.30 -41.09
N PHE B 449 -25.87 11.08 -40.81
CA PHE B 449 -25.68 12.51 -40.64
C PHE B 449 -24.81 12.82 -39.43
N TRP B 450 -25.03 12.10 -38.33
CA TRP B 450 -24.20 12.32 -37.14
C TRP B 450 -22.76 11.88 -37.39
N SER B 451 -22.58 10.79 -38.13
CA SER B 451 -21.22 10.40 -38.51
C SER B 451 -20.55 11.46 -39.37
N PHE B 452 -21.30 12.03 -40.32
CA PHE B 452 -20.77 13.14 -41.13
C PHE B 452 -20.41 14.32 -40.26
N ALA B 453 -21.25 14.64 -39.28
CA ALA B 453 -20.98 15.77 -38.40
C ALA B 453 -19.70 15.57 -37.60
N GLN B 454 -19.51 14.36 -37.07
CA GLN B 454 -18.28 14.10 -36.33
C GLN B 454 -17.06 14.13 -37.25
N GLY B 455 -17.23 13.68 -38.50
CA GLY B 455 -16.12 13.76 -39.45
C GLY B 455 -15.71 15.19 -39.76
N ILE B 456 -16.70 16.05 -40.03
CA ILE B 456 -16.37 17.44 -40.32
C ILE B 456 -15.86 18.16 -39.07
N ILE B 457 -16.30 17.75 -37.88
CA ILE B 457 -15.74 18.31 -36.66
C ILE B 457 -14.26 17.95 -36.55
N ALA B 458 -13.92 16.70 -36.83
CA ALA B 458 -12.52 16.29 -36.82
C ALA B 458 -11.72 17.07 -37.87
N ILE B 459 -12.29 17.27 -39.06
CA ILE B 459 -11.59 18.01 -40.11
C ILE B 459 -11.32 19.44 -39.65
N VAL B 460 -12.33 20.10 -39.09
CA VAL B 460 -12.19 21.50 -38.69
C VAL B 460 -11.18 21.63 -37.55
N LEU B 461 -11.24 20.72 -36.57
CA LEU B 461 -10.27 20.75 -35.48
C LEU B 461 -8.87 20.49 -35.99
N LEU B 462 -8.72 19.63 -37.00
CA LEU B 462 -7.40 19.39 -37.57
C LEU B 462 -6.86 20.63 -38.26
N TRP B 463 -7.70 21.30 -39.05
CA TRP B 463 -7.24 22.50 -39.76
C TRP B 463 -7.02 23.68 -38.83
N GLY B 464 -7.44 23.59 -37.58
CA GLY B 464 -7.28 24.65 -36.61
C GLY B 464 -6.12 24.49 -35.64
N GLY B 465 -5.15 23.63 -35.94
CA GLY B 465 -4.03 23.44 -35.04
C GLY B 465 -3.51 22.03 -34.96
N GLY B 466 -4.20 21.08 -35.57
CA GLY B 466 -3.75 19.69 -35.52
C GLY B 466 -3.93 19.12 -34.13
N LEU B 467 -2.86 18.56 -33.57
CA LEU B 467 -2.93 18.03 -32.20
C LEU B 467 -2.73 19.16 -31.19
N ASP B 468 -3.47 20.25 -31.37
CA ASP B 468 -3.55 21.30 -30.37
C ASP B 468 -4.97 21.82 -30.20
N ALA B 469 -5.93 21.34 -30.99
CA ALA B 469 -7.33 21.71 -30.86
C ALA B 469 -8.21 20.56 -30.40
N LEU B 470 -7.83 19.32 -30.70
CA LEU B 470 -8.56 18.18 -30.16
C LEU B 470 -8.45 18.14 -28.64
N GLN B 471 -7.23 18.34 -28.12
CA GLN B 471 -7.05 18.37 -26.68
C GLN B 471 -7.80 19.53 -26.04
N THR B 472 -7.81 20.69 -26.70
CA THR B 472 -8.47 21.86 -26.15
C THR B 472 -9.97 21.61 -25.98
N ALA B 473 -10.64 21.15 -27.05
CA ALA B 473 -12.06 20.87 -26.96
C ALA B 473 -12.34 19.75 -25.97
N VAL B 474 -11.49 18.72 -25.97
CA VAL B 474 -11.67 17.60 -25.06
C VAL B 474 -11.65 18.08 -23.61
N ILE B 475 -10.64 18.87 -23.25
CA ILE B 475 -10.54 19.35 -21.87
C ILE B 475 -11.71 20.27 -21.53
N ILE B 476 -12.05 21.18 -22.45
CA ILE B 476 -13.09 22.18 -22.17
C ILE B 476 -14.42 21.50 -21.93
N THR B 477 -14.77 20.50 -22.73
CA THR B 477 -16.04 19.81 -22.51
C THR B 477 -15.92 18.60 -21.58
N GLY B 478 -14.73 18.29 -21.08
CA GLY B 478 -14.60 17.22 -20.12
C GLY B 478 -14.60 17.70 -18.68
N LEU B 479 -14.27 18.98 -18.46
CA LEU B 479 -14.37 19.50 -17.10
C LEU B 479 -15.81 19.51 -16.57
N PRO B 480 -16.79 20.14 -17.24
CA PRO B 480 -18.17 20.00 -16.75
C PRO B 480 -18.63 18.55 -16.76
N PHE B 481 -18.14 17.74 -17.70
CA PHE B 481 -18.47 16.33 -17.66
C PHE B 481 -17.75 15.61 -16.53
N ALA B 482 -16.61 16.13 -16.07
CA ALA B 482 -16.02 15.61 -14.84
C ALA B 482 -16.95 15.86 -13.66
N VAL B 483 -17.53 17.06 -13.59
CA VAL B 483 -18.50 17.35 -12.54
C VAL B 483 -19.70 16.41 -12.65
N ILE B 484 -20.20 16.22 -13.87
CA ILE B 484 -21.37 15.37 -14.09
C ILE B 484 -21.05 13.92 -13.73
N LEU B 485 -19.83 13.46 -14.05
CA LEU B 485 -19.43 12.11 -13.70
C LEU B 485 -19.37 11.93 -12.19
N LEU B 486 -18.85 12.92 -11.47
CA LEU B 486 -18.84 12.84 -10.01
C LEU B 486 -20.27 12.75 -9.46
N VAL B 487 -21.15 13.60 -9.98
CA VAL B 487 -22.54 13.61 -9.49
C VAL B 487 -23.22 12.28 -9.80
N MET B 488 -23.03 11.75 -10.99
CA MET B 488 -23.65 10.48 -11.37
C MET B 488 -23.06 9.32 -10.57
N CYS B 489 -21.76 9.38 -10.27
CA CYS B 489 -21.14 8.35 -9.46
C CYS B 489 -21.72 8.35 -8.05
N TYR B 490 -22.02 9.53 -7.51
CA TYR B 490 -22.67 9.59 -6.21
C TYR B 490 -24.14 9.20 -6.30
N SER B 491 -24.77 9.41 -7.47
CA SER B 491 -26.17 9.03 -7.64
C SER B 491 -26.36 7.54 -7.82
N LEU B 492 -25.40 6.86 -8.44
CA LEU B 492 -25.49 5.42 -8.66
C LEU B 492 -25.53 4.66 -7.35
N GLN B 493 -24.76 5.09 -6.36
CA GLN B 493 -24.77 4.44 -5.06
C GLN B 493 -26.16 4.46 -4.46
N LYS B 494 -26.82 5.63 -4.48
CA LYS B 494 -28.17 5.72 -3.92
C LYS B 494 -29.16 4.91 -4.74
N GLY B 495 -29.13 5.05 -6.06
CA GLY B 495 -30.10 4.38 -6.91
C GLY B 495 -29.93 2.88 -6.97
N LEU B 496 -28.76 2.37 -6.59
CA LEU B 496 -28.53 0.94 -6.56
C LEU B 496 -28.65 0.35 -5.16
N LYS B 497 -28.39 1.16 -4.13
CA LYS B 497 -28.76 0.78 -2.77
C LYS B 497 -30.27 0.66 -2.64
N GLU B 498 -31.01 1.51 -3.35
CA GLU B 498 -32.46 1.38 -3.39
C GLU B 498 -32.87 0.01 -3.92
N GLU B 499 -32.25 -0.42 -5.02
CA GLU B 499 -32.58 -1.72 -5.59
C GLU B 499 -32.14 -2.86 -4.67
N LEU B 500 -30.97 -2.71 -4.02
CA LEU B 500 -30.52 -3.73 -3.08
C LEU B 500 -31.49 -3.88 -1.92
N ALA B 501 -31.98 -2.76 -1.38
CA ALA B 501 -32.95 -2.82 -0.29
C ALA B 501 -34.27 -3.41 -0.77
N LYS B 502 -34.70 -3.06 -1.98
CA LYS B 502 -35.95 -3.61 -2.51
C LYS B 502 -35.85 -5.11 -2.69
N SER B 503 -34.71 -5.61 -3.20
CA SER B 503 -34.54 -7.04 -3.39
C SER B 503 -34.45 -7.77 -2.06
N SER B 504 -33.76 -7.19 -1.08
CA SER B 504 -33.61 -7.81 0.24
C SER B 504 -34.85 -7.56 1.08
N LYS B 505 -36.02 -7.99 0.59
CA LYS B 505 -37.27 -7.83 1.29
C LYS B 505 -38.09 -9.11 1.20
N LYS B 506 -37.42 -10.25 1.39
CA LYS B 506 -38.05 -11.58 1.29
C LYS B 506 -38.72 -11.78 -0.07
N ASN C 10 -16.91 19.50 52.80
CA ASN C 10 -17.67 19.72 51.58
C ASN C 10 -16.82 19.45 50.34
N LEU C 11 -16.40 18.20 50.16
CA LEU C 11 -15.61 17.83 49.00
C LEU C 11 -15.78 16.35 48.68
N VAL C 12 -16.55 16.05 47.63
CA VAL C 12 -16.69 14.68 47.17
C VAL C 12 -15.44 14.31 46.38
N ILE C 13 -14.56 13.51 47.00
CA ILE C 13 -13.25 13.23 46.45
C ILE C 13 -12.98 11.72 46.55
N ASN C 14 -11.95 11.28 45.83
CA ASN C 14 -11.38 9.96 45.99
C ASN C 14 -10.04 10.12 46.70
N PRO C 15 -9.92 9.76 47.98
CA PRO C 15 -8.71 10.07 48.76
C PRO C 15 -7.44 9.59 48.08
N PRO C 16 -7.30 8.30 47.75
CA PRO C 16 -5.99 7.82 47.28
C PRO C 16 -5.60 8.36 45.92
N VAL C 17 -6.54 8.95 45.17
CA VAL C 17 -6.22 9.58 43.90
C VAL C 17 -6.01 11.08 44.06
N PHE C 18 -6.95 11.75 44.71
CA PHE C 18 -6.85 13.19 44.91
C PHE C 18 -5.59 13.55 45.69
N ILE C 19 -5.40 12.89 46.85
CA ILE C 19 -4.26 13.19 47.71
C ILE C 19 -2.95 12.88 46.99
N THR C 20 -2.89 11.74 46.30
CA THR C 20 -1.66 11.37 45.60
C THR C 20 -1.33 12.35 44.49
N SER C 21 -2.33 12.74 43.70
CA SER C 21 -2.08 13.71 42.63
C SER C 21 -1.62 15.03 43.19
N ILE C 22 -2.26 15.52 44.26
CA ILE C 22 -1.81 16.75 44.90
C ILE C 22 -0.36 16.60 45.36
N LEU C 23 -0.04 15.46 45.98
CA LEU C 23 1.28 15.29 46.58
C LEU C 23 2.36 15.29 45.52
N LEU C 24 2.16 14.54 44.42
CA LEU C 24 3.20 14.50 43.39
C LEU C 24 3.29 15.83 42.64
N ILE C 25 2.16 16.49 42.39
CA ILE C 25 2.21 17.79 41.72
C ILE C 25 2.95 18.81 42.58
N VAL C 26 2.64 18.84 43.89
CA VAL C 26 3.28 19.77 44.79
C VAL C 26 4.76 19.44 44.94
N ALA C 27 5.11 18.15 44.96
CA ALA C 27 6.52 17.76 45.02
C ALA C 27 7.28 18.22 43.80
N LEU C 28 6.69 18.06 42.62
CA LEU C 28 7.34 18.53 41.39
C LEU C 28 7.51 20.05 41.42
N ILE C 29 6.47 20.77 41.85
CA ILE C 29 6.54 22.23 41.90
C ILE C 29 7.63 22.66 42.88
N LEU C 30 7.68 22.01 44.05
CA LEU C 30 8.66 22.36 45.07
C LEU C 30 10.07 22.07 44.58
N THR C 31 10.27 20.94 43.91
CA THR C 31 11.59 20.61 43.35
C THR C 31 12.00 21.63 42.29
N CYS C 32 11.07 22.02 41.43
CA CYS C 32 11.37 22.99 40.38
C CYS C 32 11.58 24.41 40.91
N VAL C 33 11.05 24.73 42.09
CA VAL C 33 11.17 26.09 42.60
C VAL C 33 12.34 26.23 43.57
N LEU C 34 12.69 25.16 44.30
CA LEU C 34 13.81 25.26 45.24
C LEU C 34 15.12 24.86 44.58
N PHE C 35 15.07 24.14 43.47
CA PHE C 35 16.30 23.69 42.83
C PHE C 35 16.33 24.12 41.37
N PRO C 36 16.51 25.41 41.08
CA PRO C 36 16.50 25.84 39.66
C PRO C 36 17.55 25.14 38.81
N GLU C 37 18.83 25.26 39.19
CA GLU C 37 19.90 24.67 38.39
C GLU C 37 19.81 23.15 38.38
N LYS C 38 19.51 22.55 39.53
CA LYS C 38 19.44 21.10 39.61
C LYS C 38 18.36 20.54 38.68
N VAL C 39 17.16 21.12 38.72
CA VAL C 39 16.10 20.62 37.85
C VAL C 39 16.38 20.98 36.40
N GLY C 40 16.99 22.13 36.15
CA GLY C 40 17.31 22.53 34.79
C GLY C 40 18.39 21.68 34.15
N VAL C 41 19.21 21.02 34.95
CA VAL C 41 20.15 20.04 34.42
C VAL C 41 19.53 18.65 34.36
N TRP C 42 18.66 18.34 35.34
CA TRP C 42 18.10 17.00 35.45
C TRP C 42 17.06 16.71 34.38
N PHE C 43 16.15 17.66 34.12
CA PHE C 43 15.01 17.42 33.24
C PHE C 43 15.40 17.16 31.79
N PRO C 44 16.24 17.99 31.15
CA PRO C 44 16.62 17.70 29.76
C PRO C 44 17.34 16.37 29.61
N ALA C 45 18.19 16.01 30.58
CA ALA C 45 18.88 14.72 30.51
C ALA C 45 17.89 13.56 30.62
N ALA C 46 16.94 13.66 31.55
CA ALA C 46 15.95 12.61 31.70
C ALA C 46 15.09 12.46 30.45
N GLN C 47 14.65 13.60 29.88
CA GLN C 47 13.84 13.54 28.67
C GLN C 47 14.63 12.95 27.51
N LEU C 48 15.90 13.35 27.35
CA LEU C 48 16.72 12.81 26.28
C LEU C 48 16.94 11.32 26.44
N ALA C 49 17.21 10.87 27.67
CA ALA C 49 17.38 9.43 27.90
C ALA C 49 16.12 8.66 27.58
N VAL C 50 14.97 9.16 28.06
CA VAL C 50 13.71 8.45 27.84
C VAL C 50 13.40 8.37 26.35
N THR C 51 13.53 9.49 25.64
CA THR C 51 13.18 9.49 24.22
C THR C 51 14.15 8.64 23.42
N SER C 52 15.45 8.71 23.72
CA SER C 52 16.42 7.91 22.98
C SER C 52 16.20 6.42 23.22
N ASN C 53 15.87 6.03 24.45
CA ASN C 53 15.69 4.63 24.75
C ASN C 53 14.35 4.07 24.26
N PHE C 54 13.30 4.91 24.18
CA PHE C 54 11.97 4.38 23.92
C PHE C 54 11.27 5.06 22.75
N GLY C 55 12.01 5.67 21.82
CA GLY C 55 11.39 6.13 20.60
C GLY C 55 10.80 5.01 19.78
N TRP C 56 11.50 3.87 19.73
CA TRP C 56 10.95 2.70 19.06
C TRP C 56 9.65 2.25 19.72
N PHE C 57 9.59 2.30 21.05
CA PHE C 57 8.38 1.90 21.74
C PHE C 57 7.23 2.86 21.45
N PHE C 58 7.52 4.17 21.42
CA PHE C 58 6.47 5.14 21.09
C PHE C 58 5.96 4.92 19.68
N VAL C 59 6.86 4.68 18.73
CA VAL C 59 6.47 4.45 17.33
C VAL C 59 5.61 3.19 17.23
N VAL C 60 6.05 2.11 17.88
CA VAL C 60 5.29 0.87 17.86
C VAL C 60 3.92 1.06 18.50
N THR C 61 3.86 1.81 19.61
CA THR C 61 2.60 2.02 20.30
C THR C 61 1.61 2.78 19.42
N VAL C 62 2.06 3.87 18.79
CA VAL C 62 1.12 4.65 17.97
C VAL C 62 0.70 3.87 16.74
N ASN C 63 1.62 3.13 16.12
CA ASN C 63 1.26 2.32 14.96
C ASN C 63 0.27 1.23 15.34
N VAL C 64 0.48 0.58 16.49
CA VAL C 64 -0.40 -0.50 16.91
C VAL C 64 -1.77 0.05 17.27
N ILE C 65 -1.82 1.22 17.90
CA ILE C 65 -3.11 1.83 18.24
C ILE C 65 -3.87 2.19 16.97
N LEU C 66 -3.19 2.76 15.98
CA LEU C 66 -3.86 3.10 14.72
C LEU C 66 -4.35 1.84 14.00
N ILE C 67 -3.53 0.79 13.96
CA ILE C 67 -3.94 -0.45 13.30
C ILE C 67 -5.12 -1.07 14.05
N PHE C 68 -5.11 -0.98 15.39
CA PHE C 68 -6.22 -1.47 16.18
C PHE C 68 -7.51 -0.71 15.88
N ALA C 69 -7.41 0.61 15.73
CA ALA C 69 -8.58 1.40 15.39
C ALA C 69 -9.11 1.02 14.01
N ILE C 70 -8.22 0.83 13.04
CA ILE C 70 -8.65 0.43 11.70
C ILE C 70 -9.31 -0.93 11.74
N TYR C 71 -8.74 -1.88 12.50
CA TYR C 71 -9.32 -3.20 12.63
C TYR C 71 -10.70 -3.14 13.29
N LEU C 72 -10.83 -2.35 14.35
CA LEU C 72 -12.11 -2.21 15.04
C LEU C 72 -13.16 -1.53 14.18
N ALA C 73 -12.76 -0.68 13.25
CA ALA C 73 -13.71 -0.05 12.33
C ALA C 73 -14.18 -0.98 11.23
N PHE C 74 -13.35 -1.91 10.78
CA PHE C 74 -13.67 -2.77 9.64
C PHE C 74 -13.74 -4.24 10.01
N SER C 75 -14.40 -4.57 11.12
CA SER C 75 -14.59 -5.95 11.53
C SER C 75 -16.01 -6.11 12.06
N LYS C 76 -16.32 -7.29 12.57
CA LYS C 76 -17.64 -7.53 13.17
C LYS C 76 -17.84 -6.65 14.40
N PHE C 77 -16.75 -6.20 15.02
CA PHE C 77 -16.85 -5.33 16.19
C PHE C 77 -17.39 -3.95 15.84
N GLY C 78 -17.32 -3.56 14.56
CA GLY C 78 -17.79 -2.24 14.15
C GLY C 78 -19.31 -2.12 14.08
N ARG C 79 -20.03 -3.24 14.17
CA ARG C 79 -21.49 -3.21 14.15
C ARG C 79 -22.09 -2.88 15.51
N ILE C 80 -21.28 -2.85 16.57
CA ILE C 80 -21.79 -2.55 17.91
C ILE C 80 -22.15 -1.07 17.99
N ARG C 81 -23.37 -0.79 18.45
CA ARG C 81 -23.85 0.58 18.58
C ARG C 81 -23.58 1.07 20.00
N LEU C 82 -22.96 2.25 20.09
CA LEU C 82 -22.64 2.82 21.40
C LEU C 82 -23.91 3.16 22.16
N GLY C 83 -23.91 2.87 23.46
CA GLY C 83 -25.09 3.10 24.28
C GLY C 83 -26.20 2.10 24.12
N GLY C 84 -25.95 0.99 23.42
CA GLY C 84 -26.97 -0.01 23.19
C GLY C 84 -27.69 0.17 21.87
N ASP C 85 -28.40 -0.89 21.46
CA ASP C 85 -29.16 -0.84 20.22
C ASP C 85 -30.29 0.18 20.29
N ASP C 86 -30.95 0.29 21.43
CA ASP C 86 -32.07 1.22 21.61
C ASP C 86 -31.57 2.62 21.99
N ALA C 87 -30.64 3.15 21.20
CA ALA C 87 -30.10 4.48 21.40
C ALA C 87 -29.97 5.18 20.07
N GLU C 88 -30.14 6.50 20.08
CA GLU C 88 -30.04 7.31 18.88
C GLU C 88 -29.08 8.46 19.11
N PRO C 89 -28.39 8.91 18.06
CA PRO C 89 -27.47 10.04 18.21
C PRO C 89 -28.20 11.30 18.67
N GLU C 90 -27.54 12.07 19.52
CA GLU C 90 -28.09 13.35 19.98
C GLU C 90 -27.77 14.49 19.01
N PHE C 91 -26.90 14.26 18.03
CA PHE C 91 -26.52 15.29 17.07
C PHE C 91 -26.52 14.67 15.68
N THR C 92 -26.71 15.53 14.67
CA THR C 92 -26.61 15.07 13.30
C THR C 92 -25.15 14.82 12.94
N LYS C 93 -24.95 14.08 11.85
CA LYS C 93 -23.59 13.70 11.45
C LYS C 93 -22.76 14.93 11.09
N ALA C 94 -23.36 15.91 10.43
CA ALA C 94 -22.60 17.10 10.03
C ALA C 94 -22.13 17.88 11.27
N SER C 95 -23.04 18.12 12.22
CA SER C 95 -22.66 18.84 13.43
C SER C 95 -21.65 18.05 14.25
N TRP C 96 -21.83 16.73 14.33
CA TRP C 96 -20.88 15.89 15.06
C TRP C 96 -19.49 15.97 14.44
N PHE C 97 -19.41 15.89 13.11
CA PHE C 97 -18.12 16.02 12.43
C PHE C 97 -17.52 17.41 12.67
N ALA C 98 -18.36 18.44 12.66
CA ALA C 98 -17.88 19.80 12.88
C ALA C 98 -17.26 19.95 14.27
N MET C 99 -17.93 19.42 15.29
CA MET C 99 -17.41 19.59 16.65
C MET C 99 -16.36 18.54 17.02
N LEU C 100 -16.17 17.52 16.19
CA LEU C 100 -15.11 16.54 16.44
C LEU C 100 -13.73 17.17 16.30
N PHE C 101 -13.55 18.01 15.27
CA PHE C 101 -12.24 18.59 15.02
C PHE C 101 -11.85 19.59 16.11
N SER C 102 -12.84 20.30 16.66
CA SER C 102 -12.58 21.26 17.73
C SER C 102 -12.25 20.59 19.05
N THR C 103 -12.41 19.26 19.16
CA THR C 103 -12.26 18.59 20.45
C THR C 103 -10.83 18.67 20.97
N GLY C 104 -9.84 18.38 20.13
CA GLY C 104 -8.48 18.27 20.57
C GLY C 104 -7.51 18.97 19.65
N MET C 105 -6.33 19.27 20.19
CA MET C 105 -5.26 19.96 19.49
C MET C 105 -5.76 21.23 18.80
N GLY C 106 -6.22 22.17 19.62
CA GLY C 106 -6.68 23.45 19.10
C GLY C 106 -5.61 24.51 19.18
N ILE C 107 -4.84 24.51 20.27
CA ILE C 107 -3.75 25.45 20.46
C ILE C 107 -2.48 24.98 19.76
N GLY C 108 -2.19 23.68 19.83
CA GLY C 108 -1.02 23.15 19.15
C GLY C 108 -1.09 23.33 17.64
N ILE C 109 -2.29 23.27 17.08
CA ILE C 109 -2.46 23.52 15.65
C ILE C 109 -2.00 24.94 15.30
N MET C 110 -2.42 25.91 16.11
CA MET C 110 -2.05 27.30 15.82
C MET C 110 -0.56 27.53 16.05
N PHE C 111 0.03 26.83 17.01
CA PHE C 111 1.45 27.02 17.30
C PHE C 111 2.33 26.39 16.24
N PHE C 112 1.97 25.20 15.77
CA PHE C 112 2.81 24.42 14.87
C PHE C 112 2.30 24.39 13.44
N SER C 113 1.31 25.22 13.09
CA SER C 113 0.83 25.24 11.71
C SER C 113 1.91 25.73 10.76
N ILE C 114 2.75 26.65 11.22
CA ILE C 114 3.76 27.27 10.38
C ILE C 114 5.17 26.95 10.87
N ALA C 115 5.38 26.93 12.19
CA ALA C 115 6.71 26.69 12.74
C ALA C 115 7.21 25.29 12.39
N GLU C 116 6.32 24.29 12.41
CA GLU C 116 6.76 22.92 12.16
C GLU C 116 7.13 22.68 10.70
N PRO C 117 6.29 23.01 9.70
CA PRO C 117 6.70 22.77 8.32
C PRO C 117 7.94 23.55 7.89
N VAL C 118 8.14 24.75 8.43
CA VAL C 118 9.35 25.49 8.09
C VAL C 118 10.55 24.96 8.88
N SER C 119 10.34 24.46 10.10
CA SER C 119 11.42 23.87 10.86
C SER C 119 11.89 22.56 10.26
N HIS C 120 11.00 21.86 9.54
CA HIS C 120 11.41 20.69 8.79
C HIS C 120 12.01 21.04 7.43
N PHE C 121 12.08 22.32 7.08
CA PHE C 121 12.68 22.74 5.82
C PHE C 121 14.17 22.98 5.97
N PHE C 122 14.56 23.90 6.85
CA PHE C 122 15.99 24.17 7.06
C PHE C 122 16.65 23.15 7.98
N ASN C 123 15.85 22.37 8.71
CA ASN C 123 16.35 21.28 9.54
C ASN C 123 15.58 20.04 9.12
N THR C 124 16.07 19.36 8.07
CA THR C 124 15.34 18.26 7.48
C THR C 124 15.41 17.02 8.36
N PRO C 125 14.31 16.26 8.45
CA PRO C 125 14.35 14.98 9.17
C PRO C 125 15.36 14.01 8.58
N ARG C 126 15.45 13.99 7.25
CA ARG C 126 16.38 13.16 6.50
C ARG C 126 17.10 14.00 5.45
N PRO C 127 18.31 13.63 5.06
CA PRO C 127 19.07 14.44 4.09
C PRO C 127 18.38 14.46 2.73
N VAL C 128 18.25 15.66 2.16
CA VAL C 128 17.76 15.86 0.81
C VAL C 128 18.66 16.86 0.12
N ASP C 129 18.60 16.86 -1.22
CA ASP C 129 19.46 17.72 -2.03
C ASP C 129 18.73 18.99 -2.49
N THR C 130 17.60 18.84 -3.17
CA THR C 130 16.87 19.99 -3.70
C THR C 130 15.94 20.56 -2.65
N ASP C 131 15.61 21.85 -2.79
CA ASP C 131 14.69 22.49 -1.86
C ASP C 131 13.26 21.99 -2.07
N ILE C 132 12.91 21.60 -3.29
CA ILE C 132 11.58 21.05 -3.55
C ILE C 132 11.36 19.79 -2.74
N GLU C 133 12.33 18.88 -2.74
CA GLU C 133 12.23 17.66 -1.95
C GLU C 133 12.19 17.98 -0.47
N ALA C 134 12.92 19.01 -0.05
CA ALA C 134 12.87 19.43 1.36
C ALA C 134 11.47 19.87 1.76
N ALA C 135 10.82 20.66 0.89
CA ALA C 135 9.45 21.09 1.18
C ALA C 135 8.48 19.92 1.20
N VAL C 136 8.62 19.00 0.25
CA VAL C 136 7.75 17.82 0.22
C VAL C 136 7.93 17.00 1.49
N GLN C 137 9.18 16.79 1.91
CA GLN C 137 9.44 16.03 3.13
C GLN C 137 8.90 16.75 4.36
N ALA C 138 9.04 18.07 4.39
CA ALA C 138 8.51 18.85 5.51
C ALA C 138 7.00 18.67 5.64
N MET C 139 6.29 18.78 4.50
CA MET C 139 4.85 18.61 4.54
C MET C 139 4.46 17.18 4.87
N GLN C 140 5.23 16.21 4.39
CA GLN C 140 4.96 14.81 4.70
C GLN C 140 5.09 14.51 6.18
N PHE C 141 6.16 15.01 6.81
CA PHE C 141 6.36 14.74 8.23
C PHE C 141 5.36 15.54 9.07
N THR C 142 4.99 16.74 8.62
CA THR C 142 3.94 17.48 9.31
C THR C 142 2.61 16.70 9.28
N SER C 143 2.25 16.17 8.11
CA SER C 143 1.05 15.36 8.00
C SER C 143 1.13 14.11 8.87
N LEU C 144 2.31 13.48 8.91
CA LEU C 144 2.48 12.32 9.78
C LEU C 144 2.25 12.69 11.24
N HIS C 145 2.78 13.83 11.67
CA HIS C 145 2.64 14.22 13.08
C HIS C 145 1.20 14.59 13.41
N TRP C 146 0.46 15.17 12.46
CA TRP C 146 -0.88 15.66 12.77
C TRP C 146 -2.00 14.92 12.08
N GLY C 147 -1.71 14.07 11.10
CA GLY C 147 -2.76 13.49 10.28
C GLY C 147 -3.61 12.38 10.88
N LEU C 148 -3.02 11.23 11.15
CA LEU C 148 -3.83 10.06 11.43
C LEU C 148 -3.49 9.38 12.75
N HIS C 149 -2.22 9.35 13.14
CA HIS C 149 -1.84 8.67 14.37
C HIS C 149 -2.42 9.36 15.58
N ALA C 150 -2.39 10.70 15.59
CA ALA C 150 -2.99 11.44 16.70
C ALA C 150 -4.48 11.13 16.81
N TRP C 151 -5.19 11.18 15.69
CA TRP C 151 -6.61 10.90 15.72
C TRP C 151 -6.88 9.41 15.91
N GLY C 152 -5.93 8.55 15.56
CA GLY C 152 -6.07 7.14 15.92
C GLY C 152 -6.06 6.92 17.42
N ILE C 153 -5.10 7.55 18.12
CA ILE C 153 -5.05 7.45 19.57
C ILE C 153 -6.31 8.04 20.18
N TYR C 154 -6.71 9.23 19.70
CA TYR C 154 -7.91 9.86 20.24
C TYR C 154 -9.16 9.02 20.00
N ALA C 155 -9.28 8.42 18.80
CA ALA C 155 -10.43 7.58 18.50
C ALA C 155 -10.46 6.35 19.38
N MET C 156 -9.32 5.70 19.60
CA MET C 156 -9.31 4.52 20.46
C MET C 156 -9.68 4.87 21.89
N VAL C 157 -9.14 5.97 22.42
CA VAL C 157 -9.45 6.35 23.80
C VAL C 157 -10.91 6.73 23.92
N GLY C 158 -11.43 7.51 22.97
CA GLY C 158 -12.83 7.89 23.01
C GLY C 158 -13.76 6.69 22.87
N LEU C 159 -13.38 5.72 22.02
CA LEU C 159 -14.18 4.52 21.87
C LEU C 159 -14.21 3.71 23.15
N ALA C 160 -13.06 3.55 23.80
CA ALA C 160 -13.03 2.82 25.07
C ALA C 160 -13.87 3.54 26.13
N LEU C 161 -13.72 4.86 26.24
CA LEU C 161 -14.47 5.61 27.22
C LEU C 161 -15.97 5.52 26.97
N ALA C 162 -16.39 5.68 25.71
CA ALA C 162 -17.81 5.61 25.39
C ALA C 162 -18.36 4.21 25.63
N PHE C 163 -17.60 3.17 25.25
CA PHE C 163 -18.07 1.81 25.43
C PHE C 163 -18.23 1.48 26.91
N PHE C 164 -17.28 1.90 27.75
CA PHE C 164 -17.34 1.54 29.15
C PHE C 164 -18.08 2.57 30.01
N GLY C 165 -18.60 3.63 29.41
CA GLY C 165 -19.44 4.55 30.14
C GLY C 165 -20.88 4.56 29.68
N PHE C 166 -21.14 3.99 28.49
CA PHE C 166 -22.47 3.93 27.93
C PHE C 166 -23.01 2.51 27.83
N ASN C 167 -22.26 1.61 27.19
CA ASN C 167 -22.70 0.23 27.03
C ASN C 167 -22.55 -0.60 28.29
N ARG C 168 -21.72 -0.17 29.25
CA ARG C 168 -21.48 -0.95 30.46
C ARG C 168 -21.73 -0.18 31.75
N LYS C 169 -22.04 1.11 31.69
CA LYS C 169 -22.55 1.94 32.78
C LYS C 169 -21.53 2.22 33.88
N LEU C 170 -20.27 1.82 33.73
CA LEU C 170 -19.27 2.21 34.71
C LEU C 170 -18.92 3.68 34.54
N PRO C 171 -18.33 4.30 35.57
CA PRO C 171 -17.92 5.71 35.43
C PRO C 171 -16.90 5.88 34.30
N MET C 172 -17.00 7.02 33.61
CA MET C 172 -16.20 7.25 32.42
C MET C 172 -14.80 7.75 32.75
N THR C 173 -14.08 7.01 33.59
CA THR C 173 -12.68 7.27 33.88
C THR C 173 -11.83 6.13 33.33
N PHE C 174 -10.53 6.21 33.54
CA PHE C 174 -9.61 5.17 33.08
C PHE C 174 -9.55 3.97 34.02
N ARG C 175 -10.19 4.06 35.19
CA ARG C 175 -10.33 2.89 36.04
C ARG C 175 -11.18 1.82 35.40
N SER C 176 -12.28 2.20 34.75
CA SER C 176 -13.25 1.26 34.20
C SER C 176 -12.79 0.62 32.91
N LEU C 177 -11.77 1.17 32.25
CA LEU C 177 -11.31 0.64 30.97
C LEU C 177 -10.57 -0.68 31.11
N PHE C 178 -10.15 -1.03 32.32
CA PHE C 178 -9.44 -2.29 32.58
C PHE C 178 -10.28 -3.26 33.39
N TYR C 179 -11.58 -3.04 33.45
CA TYR C 179 -12.47 -3.98 34.15
C TYR C 179 -12.45 -5.38 33.57
N PRO C 180 -12.52 -5.59 32.25
CA PRO C 180 -12.66 -6.97 31.75
C PRO C 180 -11.57 -7.92 32.19
N PHE C 181 -10.32 -7.48 32.26
CA PHE C 181 -9.21 -8.37 32.55
C PHE C 181 -8.63 -8.18 33.94
N TRP C 182 -9.21 -7.31 34.77
CA TRP C 182 -8.83 -7.22 36.18
C TRP C 182 -9.99 -7.43 37.14
N GLY C 183 -11.21 -7.65 36.66
CA GLY C 183 -12.32 -7.91 37.55
C GLY C 183 -12.60 -6.76 38.48
N GLU C 184 -12.79 -7.08 39.76
CA GLU C 184 -13.07 -6.08 40.77
C GLU C 184 -11.82 -5.52 41.43
N ARG C 185 -10.63 -5.96 40.99
CA ARG C 185 -9.39 -5.48 41.57
C ARG C 185 -9.12 -4.01 41.24
N ILE C 186 -9.75 -3.49 40.19
CA ILE C 186 -9.52 -2.10 39.80
C ILE C 186 -10.01 -1.13 40.86
N HIS C 187 -10.94 -1.55 41.72
CA HIS C 187 -11.55 -0.62 42.66
C HIS C 187 -10.59 -0.22 43.78
N GLY C 188 -9.61 -1.06 44.10
CA GLY C 188 -8.74 -0.75 45.22
C GLY C 188 -7.27 -0.92 44.98
N TRP C 189 -6.53 0.20 45.02
CA TRP C 189 -5.08 0.26 45.02
C TRP C 189 -4.44 -0.38 43.79
N TRP C 190 -5.23 -0.76 42.80
CA TRP C 190 -4.70 -1.27 41.55
C TRP C 190 -5.15 -0.44 40.35
N GLY C 191 -6.42 -0.05 40.31
CA GLY C 191 -6.86 0.99 39.40
C GLY C 191 -6.65 2.39 39.93
N HIS C 192 -6.30 2.53 41.22
CA HIS C 192 -5.95 3.82 41.75
C HIS C 192 -4.70 4.36 41.07
N ILE C 193 -3.71 3.50 40.84
CA ILE C 193 -2.50 3.92 40.13
C ILE C 193 -2.85 4.33 38.70
N ILE C 194 -3.76 3.60 38.07
CA ILE C 194 -4.19 3.94 36.71
C ILE C 194 -4.80 5.33 36.68
N ASP C 195 -5.68 5.62 37.64
CA ASP C 195 -6.33 6.93 37.69
C ASP C 195 -5.32 8.03 38.00
N ILE C 196 -4.37 7.75 38.90
CA ILE C 196 -3.35 8.74 39.23
C ILE C 196 -2.51 9.08 38.00
N LEU C 197 -2.07 8.05 37.28
CA LEU C 197 -1.27 8.28 36.08
C LEU C 197 -2.08 9.00 35.00
N SER C 198 -3.36 8.64 34.86
CA SER C 198 -4.20 9.32 33.87
C SER C 198 -4.38 10.79 34.22
N ALA C 199 -4.63 11.09 35.50
CA ALA C 199 -4.79 12.49 35.91
C ALA C 199 -3.50 13.27 35.71
N LEU C 200 -2.36 12.69 36.07
CA LEU C 200 -1.09 13.38 35.88
C LEU C 200 -0.81 13.63 34.39
N ALA C 201 -1.03 12.61 33.56
CA ALA C 201 -0.78 12.75 32.14
C ALA C 201 -1.69 13.79 31.51
N THR C 202 -2.98 13.78 31.87
CA THR C 202 -3.89 14.78 31.31
C THR C 202 -3.60 16.18 31.80
N VAL C 203 -3.21 16.35 33.07
CA VAL C 203 -2.87 17.69 33.56
C VAL C 203 -1.57 18.20 32.93
N PHE C 204 -0.59 17.34 32.70
CA PHE C 204 0.65 17.76 32.06
C PHE C 204 0.50 17.91 30.55
N GLY C 205 -0.51 17.31 29.95
CA GLY C 205 -0.79 17.54 28.53
C GLY C 205 -1.61 18.79 28.31
N LEU C 206 -2.44 19.14 29.29
CA LEU C 206 -3.18 20.40 29.22
C LEU C 206 -2.30 21.59 29.58
N SER C 207 -1.37 21.42 30.53
CA SER C 207 -0.45 22.49 30.84
C SER C 207 0.49 22.79 29.68
N THR C 208 0.82 21.77 28.87
CA THR C 208 1.63 22.01 27.68
C THR C 208 0.90 22.89 26.68
N SER C 209 -0.39 22.61 26.45
CA SER C 209 -1.18 23.46 25.58
C SER C 209 -1.34 24.86 26.14
N LEU C 210 -1.51 24.98 27.47
CA LEU C 210 -1.58 26.29 28.10
C LEU C 210 -0.28 27.06 27.88
N GLY C 211 0.86 26.38 28.05
CA GLY C 211 2.13 27.03 27.83
C GLY C 211 2.33 27.44 26.39
N LEU C 212 1.92 26.59 25.44
CA LEU C 212 2.00 26.95 24.03
C LEU C 212 1.16 28.19 23.75
N GLY C 213 -0.06 28.22 24.28
CA GLY C 213 -0.93 29.37 24.03
C GLY C 213 -0.36 30.66 24.60
N VAL C 214 0.13 30.60 25.84
CA VAL C 214 0.65 31.83 26.45
C VAL C 214 1.94 32.26 25.77
N ILE C 215 2.81 31.32 25.40
CA ILE C 215 4.03 31.67 24.69
C ILE C 215 3.69 32.37 23.37
N GLN C 216 2.77 31.80 22.60
CA GLN C 216 2.44 32.41 21.31
C GLN C 216 1.74 33.74 21.49
N ILE C 217 0.91 33.89 22.53
CA ILE C 217 0.21 35.16 22.70
C ILE C 217 1.17 36.26 23.12
N THR C 218 2.14 35.95 23.99
CA THR C 218 3.15 36.97 24.33
C THR C 218 4.06 37.27 23.15
N ALA C 219 4.40 36.26 22.35
CA ALA C 219 5.20 36.51 21.16
C ALA C 219 4.46 37.41 20.18
N GLY C 220 3.16 37.18 20.01
CA GLY C 220 2.37 38.03 19.13
C GLY C 220 2.26 39.45 19.65
N LEU C 221 2.05 39.61 20.95
CA LEU C 221 2.01 40.95 21.53
C LEU C 221 3.33 41.67 21.35
N GLU C 222 4.45 40.97 21.59
CA GLU C 222 5.76 41.57 21.41
C GLU C 222 6.01 41.95 19.95
N TYR C 223 5.60 41.08 19.02
CA TYR C 223 5.82 41.37 17.60
C TYR C 223 4.97 42.53 17.13
N LEU C 224 3.71 42.59 17.56
CA LEU C 224 2.81 43.63 17.08
C LEU C 224 3.14 44.99 17.70
N TYR C 225 3.39 45.02 19.01
CA TYR C 225 3.48 46.28 19.73
C TYR C 225 4.87 46.59 20.27
N GLY C 226 5.84 45.71 20.05
CA GLY C 226 7.19 45.98 20.52
C GLY C 226 7.34 45.99 22.03
N TRP C 227 6.39 45.43 22.76
CA TRP C 227 6.45 45.41 24.21
C TRP C 227 7.54 44.46 24.69
N GLU C 228 8.04 44.72 25.89
CA GLU C 228 8.98 43.84 26.58
C GLU C 228 8.23 43.20 27.74
N ILE C 229 7.97 41.90 27.63
CA ILE C 229 7.18 41.17 28.62
C ILE C 229 8.12 40.26 29.40
N SER C 230 8.26 40.54 30.69
CA SER C 230 9.00 39.67 31.58
C SER C 230 8.15 38.48 31.99
N PRO C 231 8.76 37.43 32.55
CA PRO C 231 7.94 36.30 33.02
C PRO C 231 6.89 36.70 34.04
N MET C 232 7.07 37.82 34.74
CA MET C 232 6.04 38.29 35.67
C MET C 232 4.75 38.61 34.93
N MET C 233 4.84 39.29 33.78
CA MET C 233 3.65 39.57 33.00
C MET C 233 3.06 38.31 32.37
N GLN C 234 3.90 37.32 32.05
CA GLN C 234 3.36 36.04 31.60
C GLN C 234 2.54 35.37 32.70
N ALA C 235 3.06 35.41 33.94
CA ALA C 235 2.29 34.88 35.07
C ALA C 235 1.00 35.67 35.27
N GLY C 236 1.07 36.98 35.11
CA GLY C 236 -0.13 37.80 35.22
C GLY C 236 -1.16 37.46 34.16
N ILE C 237 -0.71 37.21 32.93
CA ILE C 237 -1.61 36.80 31.85
C ILE C 237 -2.26 35.45 32.20
N ILE C 238 -1.46 34.52 32.70
CA ILE C 238 -1.98 33.20 33.08
C ILE C 238 -3.05 33.35 34.15
N LEU C 239 -2.75 34.15 35.18
CA LEU C 239 -3.70 34.34 36.27
C LEU C 239 -4.96 35.04 35.80
N PHE C 240 -4.82 36.03 34.91
CA PHE C 240 -5.98 36.74 34.38
C PHE C 240 -6.87 35.80 33.59
N VAL C 241 -6.27 34.96 32.74
CA VAL C 241 -7.06 34.01 31.95
C VAL C 241 -7.77 33.02 32.86
N ILE C 242 -7.06 32.50 33.87
CA ILE C 242 -7.69 31.56 34.79
C ILE C 242 -8.79 32.23 35.59
N GLY C 243 -8.62 33.51 35.92
CA GLY C 243 -9.67 34.24 36.61
C GLY C 243 -10.91 34.40 35.75
N ILE C 244 -10.73 34.70 34.46
CA ILE C 244 -11.88 34.74 33.55
C ILE C 244 -12.55 33.38 33.48
N ALA C 245 -11.76 32.31 33.42
CA ALA C 245 -12.31 30.96 33.34
C ALA C 245 -13.14 30.62 34.57
N THR C 246 -12.63 30.97 35.76
CA THR C 246 -13.36 30.65 36.98
C THR C 246 -14.55 31.58 37.18
N ILE C 247 -14.49 32.80 36.65
CA ILE C 247 -15.65 33.68 36.69
C ILE C 247 -16.77 33.11 35.80
N SER C 248 -16.40 32.58 34.63
CA SER C 248 -17.39 31.99 33.74
C SER C 248 -18.05 30.76 34.35
N VAL C 249 -17.42 30.15 35.35
CA VAL C 249 -17.96 28.95 35.99
C VAL C 249 -18.26 29.28 37.46
N PHE C 250 -18.68 30.53 37.71
CA PHE C 250 -19.11 30.89 39.05
C PHE C 250 -20.27 30.01 39.51
N SER C 251 -21.38 30.06 38.78
CA SER C 251 -22.44 29.07 38.96
C SER C 251 -22.86 28.51 37.61
N GLY C 252 -22.79 29.34 36.57
CA GLY C 252 -23.10 28.94 35.21
C GLY C 252 -21.91 29.04 34.30
N LEU C 253 -21.87 30.08 33.46
CA LEU C 253 -22.90 31.11 33.40
C LEU C 253 -23.05 31.69 31.99
N ASP C 254 -23.96 31.13 31.21
CA ASP C 254 -24.72 29.93 31.54
C ASP C 254 -24.14 28.74 30.78
N LYS C 255 -23.07 28.16 31.33
CA LYS C 255 -22.33 27.08 30.69
C LYS C 255 -21.84 27.52 29.30
N GLY C 256 -21.01 28.56 29.29
CA GLY C 256 -20.50 29.10 28.06
C GLY C 256 -19.31 28.33 27.50
N VAL C 257 -19.54 27.07 27.15
CA VAL C 257 -18.52 26.20 26.57
C VAL C 257 -18.89 25.75 25.17
N LYS C 258 -20.11 25.20 25.01
CA LYS C 258 -20.56 24.78 23.69
C LYS C 258 -20.70 25.98 22.75
N ILE C 259 -21.25 27.09 23.25
CA ILE C 259 -21.34 28.30 22.44
C ILE C 259 -19.95 28.80 22.07
N LEU C 260 -19.03 28.81 23.04
CA LEU C 260 -17.65 29.18 22.75
C LEU C 260 -16.98 28.20 21.81
N SER C 261 -17.32 26.91 21.91
CA SER C 261 -16.77 25.93 20.98
C SER C 261 -17.21 26.21 19.55
N ASN C 262 -18.51 26.50 19.37
CA ASN C 262 -19.01 26.83 18.04
C ASN C 262 -18.38 28.13 17.53
N ALA C 263 -18.23 29.13 18.41
CA ALA C 263 -17.59 30.37 18.00
C ALA C 263 -16.15 30.13 17.58
N ASN C 264 -15.43 29.29 18.31
CA ASN C 264 -14.04 28.96 17.95
C ASN C 264 -13.98 28.24 16.62
N MET C 265 -14.89 27.28 16.40
CA MET C 265 -14.91 26.58 15.12
C MET C 265 -15.19 27.54 13.97
N TYR C 266 -16.15 28.44 14.16
CA TYR C 266 -16.50 29.40 13.12
C TYR C 266 -15.34 30.34 12.82
N ILE C 267 -14.67 30.82 13.88
CA ILE C 267 -13.57 31.76 13.69
C ILE C 267 -12.39 31.07 13.04
N ALA C 268 -12.10 29.83 13.44
CA ALA C 268 -11.01 29.08 12.83
C ALA C 268 -11.30 28.79 11.36
N ALA C 269 -12.55 28.44 11.04
CA ALA C 269 -12.91 28.20 9.64
C ALA C 269 -12.79 29.49 8.82
N SER C 270 -13.23 30.62 9.39
CA SER C 270 -13.11 31.90 8.70
C SER C 270 -11.64 32.27 8.48
N PHE C 271 -10.80 32.02 9.50
CA PHE C 271 -9.37 32.29 9.36
C PHE C 271 -8.75 31.43 8.27
N MET C 272 -9.09 30.14 8.24
CA MET C 272 -8.58 29.25 7.21
C MET C 272 -9.04 29.69 5.83
N LEU C 273 -10.31 30.09 5.69
CA LEU C 273 -10.81 30.56 4.41
C LEU C 273 -10.12 31.84 3.98
N LEU C 274 -9.87 32.76 4.91
CA LEU C 274 -9.19 34.00 4.58
C LEU C 274 -7.76 33.75 4.12
N ILE C 275 -7.05 32.84 4.81
CA ILE C 275 -5.69 32.50 4.38
C ILE C 275 -5.72 31.78 3.03
N PHE C 276 -6.73 30.95 2.81
CA PHE C 276 -6.87 30.23 1.54
C PHE C 276 -7.15 31.17 0.39
N ILE C 277 -7.92 32.24 0.62
CA ILE C 277 -8.30 33.13 -0.46
C ILE C 277 -7.24 34.19 -0.70
N LEU C 278 -6.84 34.91 0.35
CA LEU C 278 -5.90 36.01 0.19
C LEU C 278 -4.53 35.50 -0.24
N GLY C 279 -4.10 34.36 0.28
CA GLY C 279 -2.86 33.77 -0.14
C GLY C 279 -3.03 32.97 -1.42
N PRO C 280 -2.12 32.05 -1.70
CA PRO C 280 -2.30 31.16 -2.85
C PRO C 280 -3.58 30.35 -2.72
N THR C 281 -4.26 30.14 -3.83
CA THR C 281 -5.49 29.37 -3.83
C THR C 281 -5.40 28.13 -4.70
N LEU C 282 -4.83 28.24 -5.91
CA LEU C 282 -4.59 27.06 -6.71
C LEU C 282 -3.43 26.24 -6.16
N PHE C 283 -2.37 26.93 -5.70
CA PHE C 283 -1.23 26.22 -5.15
C PHE C 283 -1.63 25.43 -3.90
N ILE C 284 -2.44 26.03 -3.02
CA ILE C 284 -2.82 25.34 -1.80
C ILE C 284 -3.66 24.11 -2.11
N MET C 285 -4.59 24.22 -3.06
CA MET C 285 -5.44 23.07 -3.39
C MET C 285 -4.61 21.95 -4.03
N LYS C 286 -3.77 22.31 -5.01
CA LYS C 286 -2.90 21.32 -5.64
C LYS C 286 -1.98 20.66 -4.62
N GLY C 287 -1.37 21.47 -3.74
CA GLY C 287 -0.50 20.92 -2.72
C GLY C 287 -1.24 20.07 -1.71
N TYR C 288 -2.48 20.43 -1.39
CA TYR C 288 -3.27 19.59 -0.49
C TYR C 288 -3.47 18.21 -1.07
N VAL C 289 -3.91 18.16 -2.34
CA VAL C 289 -4.13 16.86 -2.97
C VAL C 289 -2.81 16.07 -3.06
N GLU C 290 -1.76 16.73 -3.54
CA GLU C 290 -0.49 16.05 -3.76
C GLU C 290 0.14 15.59 -2.44
N ASN C 291 0.08 16.43 -1.41
CA ASN C 291 0.70 16.09 -0.14
C ASN C 291 -0.10 15.03 0.61
N THR C 292 -1.43 15.05 0.51
CA THR C 292 -2.20 13.97 1.09
C THR C 292 -1.92 12.65 0.38
N GLY C 293 -1.79 12.69 -0.95
CA GLY C 293 -1.43 11.48 -1.67
C GLY C 293 -0.05 10.96 -1.32
N ALA C 294 0.93 11.85 -1.17
CA ALA C 294 2.27 11.43 -0.79
C ALA C 294 2.31 10.92 0.64
N TYR C 295 1.53 11.53 1.53
CA TYR C 295 1.44 11.08 2.91
C TYR C 295 0.84 9.68 2.99
N LEU C 296 -0.21 9.42 2.19
CA LEU C 296 -0.81 8.11 2.16
C LEU C 296 -0.04 7.10 1.32
N ALA C 297 0.95 7.56 0.54
CA ALA C 297 1.76 6.67 -0.27
C ALA C 297 2.94 6.11 0.51
N ASN C 298 3.66 6.95 1.24
CA ASN C 298 4.78 6.53 2.07
C ASN C 298 4.38 6.51 3.55
N PHE C 299 3.15 6.08 3.82
CA PHE C 299 2.66 6.06 5.19
C PHE C 299 3.46 5.11 6.07
N ILE C 300 3.65 3.87 5.60
CA ILE C 300 4.41 2.90 6.37
C ILE C 300 5.89 3.26 6.41
N ASP C 301 6.38 4.00 5.43
CA ASP C 301 7.80 4.36 5.41
C ASP C 301 8.12 5.38 6.49
N ILE C 302 7.26 6.38 6.68
CA ILE C 302 7.51 7.42 7.67
C ILE C 302 6.94 7.08 9.04
N SER C 303 5.87 6.29 9.11
CA SER C 303 5.30 5.95 10.41
C SER C 303 6.25 5.09 11.23
N THR C 304 6.91 4.14 10.59
CA THR C 304 7.83 3.23 11.24
C THR C 304 9.27 3.72 11.23
N TRP C 305 9.55 4.85 10.60
CA TRP C 305 10.90 5.38 10.55
C TRP C 305 11.39 5.73 11.95
N ASN C 306 12.60 5.30 12.28
CA ASN C 306 13.15 5.48 13.61
C ASN C 306 14.48 6.21 13.63
N ASP C 307 15.01 6.60 12.47
CA ASP C 307 16.28 7.32 12.39
C ASP C 307 17.41 6.51 13.05
N THR C 308 17.45 5.21 12.76
CA THR C 308 18.38 4.31 13.42
C THR C 308 19.75 4.27 12.76
N TYR C 309 19.83 4.41 11.43
CA TYR C 309 21.11 4.35 10.75
C TYR C 309 21.86 5.67 10.77
N LEU C 310 21.20 6.78 11.09
CA LEU C 310 21.83 8.09 11.14
C LEU C 310 22.04 8.60 12.56
N GLY C 311 21.06 8.43 13.44
CA GLY C 311 21.18 8.89 14.81
C GLY C 311 21.32 10.39 14.93
N SER C 312 20.55 11.15 14.13
CA SER C 312 20.64 12.59 14.16
C SER C 312 19.98 13.19 15.39
N GLY C 313 19.14 12.43 16.09
CA GLY C 313 18.41 12.97 17.22
C GLY C 313 17.26 13.88 16.88
N TRP C 314 16.87 13.93 15.61
CA TRP C 314 15.77 14.81 15.20
C TRP C 314 14.44 14.34 15.78
N GLN C 315 14.25 13.02 15.91
CA GLN C 315 12.99 12.49 16.42
C GLN C 315 12.79 12.79 17.89
N ASN C 316 13.86 13.11 18.62
CA ASN C 316 13.75 13.32 20.07
C ASN C 316 12.94 14.56 20.41
N VAL C 317 12.79 15.50 19.49
CA VAL C 317 12.12 16.76 19.76
C VAL C 317 10.82 16.89 18.97
N TRP C 318 10.74 16.28 17.78
CA TRP C 318 9.58 16.44 16.92
C TRP C 318 8.64 15.24 16.97
N THR C 319 9.11 14.06 16.58
CA THR C 319 8.20 12.95 16.36
C THR C 319 7.86 12.24 17.67
N ILE C 320 8.88 11.83 18.43
CA ILE C 320 8.64 11.14 19.69
C ILE C 320 7.90 12.06 20.67
N PHE C 321 8.24 13.34 20.66
CA PHE C 321 7.51 14.28 21.50
C PHE C 321 6.05 14.36 21.09
N TYR C 322 5.78 14.35 19.78
CA TYR C 322 4.39 14.41 19.33
C TYR C 322 3.62 13.16 19.73
N TRP C 323 4.23 11.99 19.61
CA TRP C 323 3.55 10.77 20.03
C TRP C 323 3.29 10.78 21.54
N ALA C 324 4.28 11.20 22.32
CA ALA C 324 4.10 11.27 23.77
C ALA C 324 3.05 12.31 24.15
N TRP C 325 2.92 13.37 23.34
CA TRP C 325 1.92 14.39 23.62
C TRP C 325 0.52 13.87 23.30
N TRP C 326 0.36 13.20 22.16
CA TRP C 326 -0.94 12.65 21.81
C TRP C 326 -1.36 11.59 22.83
N ILE C 327 -0.41 10.79 23.31
CA ILE C 327 -0.72 9.77 24.30
C ILE C 327 -1.02 10.40 25.65
N ALA C 328 -0.27 11.44 26.03
CA ALA C 328 -0.33 11.95 27.39
C ALA C 328 -1.68 12.58 27.71
N TRP C 329 -2.13 13.54 26.90
CA TRP C 329 -3.41 14.18 27.12
C TRP C 329 -4.55 13.47 26.39
N SER C 330 -4.33 12.21 26.00
CA SER C 330 -5.37 11.44 25.35
C SER C 330 -6.63 11.30 26.18
N PRO C 331 -6.59 11.13 27.51
CA PRO C 331 -7.85 11.11 28.27
C PRO C 331 -8.70 12.35 28.07
N PHE C 332 -8.08 13.53 28.02
CA PHE C 332 -8.84 14.77 27.87
C PHE C 332 -9.57 14.82 26.54
N VAL C 333 -8.88 14.46 25.45
CA VAL C 333 -9.52 14.48 24.13
C VAL C 333 -10.56 13.38 24.03
N GLY C 334 -10.23 12.17 24.50
CA GLY C 334 -11.16 11.06 24.42
C GLY C 334 -12.42 11.27 25.22
N SER C 335 -12.34 11.99 26.34
CA SER C 335 -13.52 12.22 27.16
C SER C 335 -14.60 12.96 26.38
N PHE C 336 -14.25 14.09 25.77
CA PHE C 336 -15.22 14.85 25.00
C PHE C 336 -15.44 14.28 23.60
N ILE C 337 -14.57 13.39 23.12
CA ILE C 337 -14.90 12.64 21.91
C ILE C 337 -16.02 11.65 22.20
N ALA C 338 -15.98 11.02 23.38
CA ALA C 338 -16.99 10.06 23.78
C ALA C 338 -18.26 10.71 24.33
N ARG C 339 -18.16 11.93 24.86
CA ARG C 339 -19.35 12.61 25.37
C ARG C 339 -20.37 12.83 24.26
N ILE C 340 -19.91 13.21 23.07
CA ILE C 340 -20.78 13.62 21.98
C ILE C 340 -21.08 12.48 21.01
N SER C 341 -20.66 11.26 21.34
CA SER C 341 -20.85 10.10 20.47
C SER C 341 -21.59 9.02 21.25
N LYS C 342 -22.91 9.10 21.25
CA LYS C 342 -23.77 8.08 21.83
C LYS C 342 -24.81 7.68 20.79
N GLY C 343 -24.98 6.38 20.58
CA GLY C 343 -25.87 5.88 19.56
C GLY C 343 -25.23 5.65 18.21
N ARG C 344 -23.97 6.04 18.03
CA ARG C 344 -23.25 5.80 16.79
C ARG C 344 -22.45 4.51 16.90
N THR C 345 -22.54 3.69 15.86
CA THR C 345 -21.88 2.40 15.89
C THR C 345 -20.36 2.56 15.91
N VAL C 346 -19.67 1.49 16.29
CA VAL C 346 -18.21 1.54 16.43
C VAL C 346 -17.55 1.88 15.11
N LYS C 347 -18.00 1.26 14.02
CA LYS C 347 -17.40 1.52 12.71
C LYS C 347 -17.56 2.98 12.32
N GLU C 348 -18.79 3.51 12.42
CA GLU C 348 -19.03 4.90 12.05
C GLU C 348 -18.26 5.84 12.96
N PHE C 349 -18.21 5.54 14.26
CA PHE C 349 -17.50 6.40 15.20
C PHE C 349 -16.01 6.44 14.87
N VAL C 350 -15.39 5.28 14.65
CA VAL C 350 -13.96 5.25 14.39
C VAL C 350 -13.64 5.92 13.05
N LEU C 351 -14.46 5.66 12.03
CA LEU C 351 -14.21 6.29 10.73
C LEU C 351 -14.46 7.79 10.77
N GLY C 352 -15.33 8.26 11.67
CA GLY C 352 -15.58 9.68 11.78
C GLY C 352 -14.60 10.42 12.66
N VAL C 353 -13.92 9.72 13.57
CA VAL C 353 -12.86 10.35 14.34
C VAL C 353 -11.49 10.21 13.67
N LEU C 354 -11.35 9.24 12.75
CA LEU C 354 -10.07 9.05 12.08
C LEU C 354 -9.94 9.91 10.84
N ILE C 355 -10.99 9.94 10.00
CA ILE C 355 -10.89 10.50 8.66
C ILE C 355 -11.18 11.99 8.66
N VAL C 356 -12.40 12.36 9.07
CA VAL C 356 -12.86 13.74 8.90
C VAL C 356 -12.01 14.75 9.67
N PRO C 357 -11.78 14.60 10.98
CA PRO C 357 -10.95 15.60 11.68
C PRO C 357 -9.50 15.54 11.23
N GLY C 358 -9.03 14.35 10.87
CA GLY C 358 -7.69 14.25 10.30
C GLY C 358 -7.59 14.97 8.96
N LEU C 359 -8.60 14.82 8.12
CA LEU C 359 -8.61 15.52 6.84
C LEU C 359 -8.67 17.03 7.03
N ILE C 360 -9.48 17.50 7.97
CA ILE C 360 -9.56 18.94 8.22
C ILE C 360 -8.26 19.47 8.80
N THR C 361 -7.63 18.68 9.68
CA THR C 361 -6.32 19.07 10.21
C THR C 361 -5.29 19.17 9.09
N LEU C 362 -5.28 18.19 8.18
CA LEU C 362 -4.35 18.24 7.07
C LEU C 362 -4.65 19.42 6.16
N LEU C 363 -5.92 19.73 5.94
CA LEU C 363 -6.28 20.89 5.14
C LEU C 363 -5.78 22.19 5.77
N TRP C 364 -5.97 22.34 7.09
CA TRP C 364 -5.46 23.53 7.78
C TRP C 364 -3.95 23.61 7.68
N MET C 365 -3.26 22.49 7.92
CA MET C 365 -1.81 22.53 7.95
C MET C 365 -1.26 22.78 6.55
N ASN C 366 -1.96 22.30 5.52
CA ASN C 366 -1.60 22.69 4.16
C ASN C 366 -1.81 24.18 3.96
N VAL C 367 -2.99 24.68 4.27
CA VAL C 367 -3.34 26.08 4.02
C VAL C 367 -2.31 27.02 4.65
N PHE C 368 -1.79 26.65 5.82
CA PHE C 368 -0.83 27.52 6.48
C PHE C 368 0.62 27.17 6.11
N GLY C 369 1.06 25.96 6.42
CA GLY C 369 2.46 25.60 6.21
C GLY C 369 2.85 25.54 4.74
N GLY C 370 1.99 24.99 3.89
CA GLY C 370 2.30 24.95 2.47
C GLY C 370 2.34 26.33 1.85
N SER C 371 1.49 27.24 2.32
CA SER C 371 1.58 28.63 1.87
C SER C 371 2.89 29.26 2.33
N ALA C 372 3.30 28.99 3.57
CA ALA C 372 4.59 29.47 4.04
C ALA C 372 5.73 28.91 3.21
N LEU C 373 5.65 27.63 2.85
CA LEU C 373 6.68 27.01 2.03
C LEU C 373 6.67 27.54 0.60
N HIS C 374 5.50 27.91 0.08
CA HIS C 374 5.43 28.59 -1.20
C HIS C 374 6.13 29.93 -1.15
N THR C 375 5.90 30.69 -0.06
CA THR C 375 6.59 31.95 0.09
C THR C 375 8.11 31.75 0.19
N ILE C 376 8.53 30.72 0.92
CA ILE C 376 9.96 30.45 1.09
C ILE C 376 10.59 30.03 -0.23
N LEU C 377 9.92 29.14 -0.98
CA LEU C 377 10.47 28.61 -2.21
C LEU C 377 10.60 29.68 -3.30
N SER C 378 9.83 30.76 -3.20
CA SER C 378 9.94 31.87 -4.15
C SER C 378 10.93 32.93 -3.66
N GLY C 379 12.13 32.47 -3.29
CA GLY C 379 13.21 33.34 -2.91
C GLY C 379 13.00 34.16 -1.65
N ASP C 380 11.80 34.19 -1.07
CA ASP C 380 11.52 35.03 0.09
C ASP C 380 11.78 34.16 1.32
N VAL C 381 13.05 34.05 1.68
CA VAL C 381 13.46 33.34 2.89
C VAL C 381 13.54 34.37 4.02
N THR C 382 12.40 34.62 4.64
CA THR C 382 12.33 35.46 5.84
C THR C 382 11.62 34.80 7.00
N MET C 383 10.79 33.78 6.77
CA MET C 383 10.25 33.00 7.87
C MET C 383 11.30 32.07 8.45
N ILE C 384 12.26 31.63 7.63
CA ILE C 384 13.33 30.76 8.12
C ILE C 384 14.17 31.49 9.16
N ALA C 385 14.56 32.73 8.87
CA ALA C 385 15.39 33.49 9.81
C ALA C 385 14.65 33.77 11.11
N ALA C 386 13.37 34.13 11.04
CA ALA C 386 12.58 34.36 12.24
C ALA C 386 12.37 33.10 13.06
N VAL C 387 12.10 31.97 12.40
CA VAL C 387 11.87 30.72 13.11
C VAL C 387 13.15 30.22 13.75
N LYS C 388 14.29 30.42 13.08
CA LYS C 388 15.56 30.03 13.67
C LYS C 388 15.83 30.79 14.96
N ALA C 389 15.43 32.06 15.02
CA ALA C 389 15.53 32.81 16.26
C ALA C 389 14.54 32.28 17.30
N ASP C 390 13.24 32.30 16.96
CA ASP C 390 12.23 31.74 17.84
C ASP C 390 11.07 31.22 17.02
N VAL C 391 10.44 30.14 17.49
CA VAL C 391 9.34 29.51 16.75
C VAL C 391 7.98 30.06 17.13
N SER C 392 7.90 30.92 18.15
CA SER C 392 6.61 31.43 18.59
C SER C 392 6.13 32.61 17.78
N THR C 393 7.01 33.20 16.94
CA THR C 393 6.63 34.30 16.07
C THR C 393 6.44 33.86 14.63
N ALA C 394 6.40 32.54 14.38
CA ALA C 394 6.29 32.05 13.01
C ALA C 394 4.99 32.48 12.38
N LEU C 395 3.87 32.37 13.11
CA LEU C 395 2.58 32.73 12.54
C LEU C 395 2.46 34.23 12.33
N PHE C 396 3.02 35.02 13.23
CA PHE C 396 2.92 36.48 13.11
C PHE C 396 3.87 37.03 12.07
N VAL C 397 4.93 36.30 11.74
CA VAL C 397 5.77 36.65 10.59
C VAL C 397 5.11 36.19 9.29
N PHE C 398 4.42 35.05 9.33
CA PHE C 398 3.70 34.57 8.15
C PHE C 398 2.61 35.53 7.72
N LEU C 399 1.90 36.11 8.68
CA LEU C 399 0.83 37.06 8.38
C LEU C 399 1.35 38.42 7.93
N GLU C 400 2.67 38.64 8.00
CA GLU C 400 3.22 39.93 7.60
C GLU C 400 3.04 40.19 6.11
N ASN C 401 3.20 39.15 5.28
CA ASN C 401 3.11 39.30 3.83
C ASN C 401 1.70 39.05 3.31
N PHE C 402 0.68 39.29 4.13
CA PHE C 402 -0.71 39.17 3.75
C PHE C 402 -1.42 40.51 3.95
N PRO C 403 -2.48 40.78 3.18
CA PRO C 403 -3.29 41.97 3.45
C PRO C 403 -3.97 41.87 4.81
N PHE C 404 -4.19 43.04 5.42
CA PHE C 404 -4.76 43.13 6.77
C PHE C 404 -3.90 42.34 7.77
N THR C 405 -2.59 42.63 7.77
CA THR C 405 -1.68 41.90 8.64
C THR C 405 -2.01 42.12 10.11
N LYS C 406 -2.25 43.38 10.50
CA LYS C 406 -2.56 43.67 11.89
C LYS C 406 -3.89 43.04 12.30
N PHE C 407 -4.91 43.12 11.44
CA PHE C 407 -6.20 42.53 11.77
C PHE C 407 -6.11 41.01 11.87
N LEU C 408 -5.38 40.38 10.95
CA LEU C 408 -5.21 38.93 11.00
C LEU C 408 -4.44 38.51 12.24
N SER C 409 -3.40 39.27 12.60
CA SER C 409 -2.67 38.98 13.83
C SER C 409 -3.57 39.11 15.05
N ILE C 410 -4.42 40.14 15.08
CA ILE C 410 -5.30 40.35 16.22
C ILE C 410 -6.32 39.22 16.34
N VAL C 411 -6.91 38.81 15.21
CA VAL C 411 -7.90 37.74 15.28
C VAL C 411 -7.23 36.43 15.63
N ALA C 412 -5.99 36.20 15.18
CA ALA C 412 -5.26 35.00 15.60
C ALA C 412 -5.00 35.01 17.10
N ILE C 413 -4.61 36.15 17.66
CA ILE C 413 -4.39 36.25 19.10
C ILE C 413 -5.69 36.00 19.85
N ILE C 414 -6.79 36.58 19.38
CA ILE C 414 -8.08 36.39 20.04
C ILE C 414 -8.52 34.93 19.96
N LEU C 415 -8.28 34.28 18.82
CA LEU C 415 -8.63 32.87 18.67
C LEU C 415 -7.79 32.01 19.60
N ILE C 416 -6.50 32.34 19.75
CA ILE C 416 -5.66 31.60 20.68
C ILE C 416 -6.15 31.79 22.11
N PHE C 417 -6.54 33.02 22.47
CA PHE C 417 -7.05 33.29 23.81
C PHE C 417 -8.34 32.51 24.06
N SER C 418 -9.22 32.44 23.08
CA SER C 418 -10.47 31.73 23.26
C SER C 418 -10.25 30.22 23.32
N PHE C 419 -9.30 29.70 22.52
CA PHE C 419 -8.90 28.31 22.65
C PHE C 419 -8.32 28.02 24.03
N PHE C 420 -7.54 28.96 24.55
CA PHE C 420 -7.02 28.87 25.91
C PHE C 420 -8.16 28.75 26.92
N ILE C 421 -9.16 29.62 26.81
CA ILE C 421 -10.30 29.60 27.71
C ILE C 421 -11.03 28.26 27.61
N THR C 422 -11.29 27.80 26.38
CA THR C 422 -12.02 26.56 26.18
C THR C 422 -11.26 25.37 26.75
N SER C 423 -9.95 25.31 26.50
CA SER C 423 -9.14 24.20 27.01
C SER C 423 -9.08 24.21 28.53
N SER C 424 -8.91 25.39 29.14
CA SER C 424 -8.86 25.47 30.59
C SER C 424 -10.18 25.07 31.21
N ASP C 425 -11.29 25.50 30.61
CA ASP C 425 -12.61 25.14 31.12
C ASP C 425 -12.98 23.69 30.83
N SER C 426 -12.33 23.07 29.84
CA SER C 426 -12.67 21.72 29.41
C SER C 426 -11.87 20.66 30.15
N GLY C 427 -10.55 20.85 30.27
CA GLY C 427 -9.72 19.87 30.96
C GLY C 427 -9.94 19.83 32.46
N SER C 428 -10.41 20.94 33.04
CA SER C 428 -10.76 20.92 34.46
C SER C 428 -11.85 19.90 34.74
N LEU C 429 -12.83 19.79 33.82
CA LEU C 429 -13.87 18.78 33.98
C LEU C 429 -13.30 17.38 33.96
N VAL C 430 -12.37 17.10 33.04
CA VAL C 430 -11.80 15.76 32.95
C VAL C 430 -11.02 15.43 34.21
N VAL C 431 -10.17 16.36 34.65
CA VAL C 431 -9.36 16.11 35.84
C VAL C 431 -10.25 15.94 37.06
N ASP C 432 -11.27 16.78 37.20
CA ASP C 432 -12.18 16.69 38.35
C ASP C 432 -12.95 15.38 38.35
N ASN C 433 -13.43 14.94 37.18
CA ASN C 433 -14.14 13.67 37.11
C ASN C 433 -13.22 12.50 37.44
N ILE C 434 -11.99 12.53 36.92
CA ILE C 434 -11.05 11.44 37.19
C ILE C 434 -10.68 11.39 38.67
N THR C 435 -10.43 12.55 39.27
CA THR C 435 -10.04 12.64 40.66
C THR C 435 -11.16 12.33 41.63
N SER C 436 -12.39 12.78 41.36
CA SER C 436 -13.49 12.64 42.29
C SER C 436 -14.46 11.53 41.94
N GLY C 437 -14.22 10.77 40.87
CA GLY C 437 -15.19 9.77 40.49
C GLY C 437 -16.49 10.40 40.04
N SER C 438 -17.58 9.65 40.27
CA SER C 438 -18.93 10.09 39.93
C SER C 438 -19.05 10.49 38.46
N ASN C 439 -20.03 11.33 38.13
CA ASN C 439 -20.23 11.78 36.76
C ASN C 439 -20.51 13.27 36.73
N GLY C 440 -19.91 14.01 37.66
CA GLY C 440 -20.07 15.45 37.68
C GLY C 440 -20.81 15.97 38.91
N GLU C 441 -20.70 15.25 40.02
CA GLU C 441 -21.33 15.65 41.27
C GLU C 441 -20.42 16.50 42.14
N SER C 442 -19.17 16.69 41.74
CA SER C 442 -18.23 17.45 42.55
C SER C 442 -18.58 18.94 42.53
N PRO C 443 -18.26 19.66 43.59
CA PRO C 443 -18.57 21.10 43.65
C PRO C 443 -17.67 21.89 42.71
N VAL C 444 -18.08 23.15 42.49
CA VAL C 444 -17.36 24.03 41.56
C VAL C 444 -15.99 24.39 42.11
N TRP C 445 -15.84 24.47 43.43
CA TRP C 445 -14.56 24.87 44.00
C TRP C 445 -13.46 23.87 43.66
N GLN C 446 -13.80 22.59 43.52
CA GLN C 446 -12.81 21.61 43.08
C GLN C 446 -12.33 21.89 41.66
N ARG C 447 -13.26 22.25 40.77
CA ARG C 447 -12.89 22.64 39.42
C ARG C 447 -11.99 23.88 39.44
N VAL C 448 -12.32 24.84 40.30
CA VAL C 448 -11.52 26.06 40.41
C VAL C 448 -10.11 25.72 40.88
N PHE C 449 -10.00 24.85 41.89
CA PHE C 449 -8.68 24.46 42.40
C PHE C 449 -7.88 23.72 41.34
N TRP C 450 -8.53 22.84 40.57
CA TRP C 450 -7.79 22.10 39.55
C TRP C 450 -7.33 23.01 38.42
N SER C 451 -8.16 23.99 38.05
CA SER C 451 -7.73 24.98 37.06
C SER C 451 -6.56 25.81 37.59
N PHE C 452 -6.60 26.18 38.87
CA PHE C 452 -5.48 26.89 39.48
C PHE C 452 -4.22 26.05 39.44
N ALA C 453 -4.33 24.77 39.77
CA ALA C 453 -3.15 23.89 39.76
C ALA C 453 -2.59 23.75 38.36
N GLN C 454 -3.47 23.62 37.36
CA GLN C 454 -3.02 23.55 35.97
C GLN C 454 -2.28 24.82 35.57
N GLY C 455 -2.82 25.98 35.95
CA GLY C 455 -2.19 27.23 35.61
C GLY C 455 -0.82 27.40 36.26
N ILE C 456 -0.71 27.09 37.56
CA ILE C 456 0.58 27.23 38.21
C ILE C 456 1.57 26.19 37.72
N ILE C 457 1.10 24.99 37.33
CA ILE C 457 2.01 24.01 36.73
C ILE C 457 2.57 24.56 35.42
N ALA C 458 1.71 25.14 34.59
CA ALA C 458 2.18 25.73 33.35
C ALA C 458 3.17 26.86 33.62
N ILE C 459 2.88 27.69 34.62
CA ILE C 459 3.76 28.82 34.96
C ILE C 459 5.13 28.31 35.38
N VAL C 460 5.16 27.32 36.26
CA VAL C 460 6.42 26.79 36.78
C VAL C 460 7.21 26.12 35.67
N LEU C 461 6.54 25.35 34.81
CA LEU C 461 7.23 24.74 33.68
C LEU C 461 7.79 25.80 32.74
N LEU C 462 7.05 26.90 32.55
CA LEU C 462 7.55 27.99 31.72
C LEU C 462 8.81 28.60 32.32
N TRP C 463 8.80 28.87 33.62
CA TRP C 463 9.94 29.51 34.26
C TRP C 463 11.13 28.56 34.39
N GLY C 464 10.94 27.27 34.11
CA GLY C 464 12.01 26.30 34.23
C GLY C 464 12.64 25.90 32.90
N GLY C 465 12.43 26.70 31.86
CA GLY C 465 13.02 26.40 30.58
C GLY C 465 12.14 26.71 29.37
N GLY C 466 10.94 27.20 29.60
CA GLY C 466 10.07 27.55 28.49
C GLY C 466 9.64 26.32 27.72
N LEU C 467 9.84 26.36 26.41
CA LEU C 467 9.49 25.21 25.57
C LEU C 467 10.61 24.17 25.62
N ASP C 468 11.04 23.82 26.83
CA ASP C 468 11.94 22.70 27.04
C ASP C 468 11.55 21.83 28.23
N ALA C 469 10.66 22.31 29.10
CA ALA C 469 10.16 21.52 30.21
C ALA C 469 8.78 20.93 29.95
N LEU C 470 7.99 21.56 29.08
CA LEU C 470 6.70 20.98 28.70
C LEU C 470 6.91 19.66 27.97
N GLN C 471 7.84 19.62 27.01
CA GLN C 471 8.12 18.38 26.30
C GLN C 471 8.68 17.32 27.24
N THR C 472 9.55 17.73 28.16
CA THR C 472 10.14 16.77 29.11
C THR C 472 9.06 16.10 29.95
N ALA C 473 8.19 16.91 30.56
CA ALA C 473 7.12 16.35 31.38
C ALA C 473 6.18 15.50 30.56
N VAL C 474 5.84 15.96 29.35
CA VAL C 474 4.93 15.21 28.49
C VAL C 474 5.49 13.84 28.18
N ILE C 475 6.76 13.78 27.78
CA ILE C 475 7.37 12.50 27.42
C ILE C 475 7.47 11.59 28.65
N ILE C 476 7.90 12.17 29.77
CA ILE C 476 8.11 11.36 30.98
C ILE C 476 6.81 10.73 31.45
N THR C 477 5.71 11.50 31.46
CA THR C 477 4.43 10.94 31.88
C THR C 477 3.66 10.30 30.74
N GLY C 478 4.16 10.32 29.51
CA GLY C 478 3.50 9.66 28.43
C GLY C 478 4.06 8.29 28.11
N LEU C 479 5.29 8.02 28.53
CA LEU C 479 5.84 6.67 28.32
C LEU C 479 5.08 5.61 29.12
N PRO C 480 4.95 5.70 30.45
CA PRO C 480 4.08 4.73 31.14
C PRO C 480 2.66 4.79 30.67
N PHE C 481 2.18 5.97 30.26
CA PHE C 481 0.85 6.04 29.68
C PHE C 481 0.81 5.42 28.29
N ALA C 482 1.93 5.38 27.58
CA ALA C 482 1.97 4.59 26.35
C ALA C 482 1.78 3.11 26.66
N VAL C 483 2.42 2.63 27.73
CA VAL C 483 2.21 1.24 28.15
C VAL C 483 0.74 1.01 28.51
N ILE C 484 0.17 1.95 29.27
CA ILE C 484 -1.22 1.83 29.69
C ILE C 484 -2.15 1.85 28.48
N LEU C 485 -1.84 2.69 27.49
CA LEU C 485 -2.64 2.73 26.26
C LEU C 485 -2.59 1.41 25.53
N LEU C 486 -1.41 0.79 25.45
CA LEU C 486 -1.31 -0.52 24.80
C LEU C 486 -2.15 -1.56 25.53
N VAL C 487 -2.05 -1.57 26.87
CA VAL C 487 -2.82 -2.55 27.65
C VAL C 487 -4.31 -2.30 27.51
N MET C 488 -4.73 -1.03 27.53
CA MET C 488 -6.14 -0.69 27.39
C MET C 488 -6.65 -1.05 26.00
N CYS C 489 -5.83 -0.85 24.97
CA CYS C 489 -6.21 -1.26 23.62
C CYS C 489 -6.42 -2.77 23.55
N TYR C 490 -5.54 -3.53 24.19
CA TYR C 490 -5.70 -4.99 24.17
C TYR C 490 -6.86 -5.46 25.04
N SER C 491 -7.25 -4.68 26.06
CA SER C 491 -8.36 -5.07 26.91
C SER C 491 -9.72 -4.63 26.36
N LEU C 492 -9.74 -3.56 25.56
CA LEU C 492 -11.00 -3.09 24.98
C LEU C 492 -11.58 -4.13 24.04
N GLN C 493 -10.73 -4.78 23.23
CA GLN C 493 -11.22 -5.79 22.31
C GLN C 493 -11.85 -6.96 23.07
N LYS C 494 -11.25 -7.34 24.21
CA LYS C 494 -11.82 -8.42 25.00
C LYS C 494 -13.15 -8.01 25.62
N GLY C 495 -13.17 -6.83 26.26
CA GLY C 495 -14.39 -6.38 26.91
C GLY C 495 -15.51 -6.02 25.96
N LEU C 496 -15.20 -5.80 24.68
CA LEU C 496 -16.22 -5.50 23.70
C LEU C 496 -16.63 -6.74 22.91
N LYS C 497 -15.72 -7.69 22.72
CA LYS C 497 -16.11 -9.01 22.23
C LYS C 497 -17.03 -9.72 23.21
N GLU C 498 -16.80 -9.52 24.51
CA GLU C 498 -17.73 -10.07 25.50
C GLU C 498 -19.13 -9.53 25.28
N GLU C 499 -19.27 -8.22 25.09
CA GLU C 499 -20.57 -7.61 24.85
C GLU C 499 -21.17 -8.09 23.52
N LEU C 500 -20.34 -8.22 22.49
CA LEU C 500 -20.84 -8.70 21.21
C LEU C 500 -21.37 -10.12 21.32
N ALA C 501 -20.67 -11.00 22.03
CA ALA C 501 -21.13 -12.36 22.24
C ALA C 501 -22.41 -12.39 23.07
N LYS C 502 -22.48 -11.56 24.12
CA LYS C 502 -23.67 -11.55 24.96
C LYS C 502 -24.88 -10.96 24.24
N SER C 503 -24.67 -10.06 23.28
CA SER C 503 -25.78 -9.51 22.53
C SER C 503 -26.26 -10.47 21.44
N SER C 504 -25.35 -11.25 20.87
CA SER C 504 -25.70 -12.20 19.83
C SER C 504 -26.21 -13.51 20.45
N LYS C 505 -27.20 -13.40 21.33
CA LYS C 505 -27.79 -14.55 22.00
C LYS C 505 -29.31 -14.41 22.01
N LYS C 506 -29.89 -14.02 20.88
CA LYS C 506 -31.32 -13.80 20.74
C LYS C 506 -31.83 -12.78 21.75
#